data_1M39
#
_entry.id   1M39
#
_entity_poly.entity_id   1
_entity_poly.type   'polypeptide(L)'
_entity_poly.pdbx_seq_one_letter_code
;MNFGDFLTVMTQKMSEKDTKEEILKAFKLFDDDETGKISFKNLKRVAKELGENLTDEELQEMIDEADRDGDGEVSEQEFL
RIMKKTSLY
;
_entity_poly.pdbx_strand_id   A
#
# COMPACT_ATOMS: atom_id res chain seq x y z
N PHE A 3 3.59 -0.40 -3.41
CA PHE A 3 3.38 -0.92 -2.03
C PHE A 3 4.71 -1.25 -1.25
N GLY A 4 5.89 -1.45 -1.91
CA GLY A 4 7.17 -1.74 -1.20
C GLY A 4 7.74 -0.59 -0.35
N ASP A 5 7.79 0.61 -0.94
CA ASP A 5 8.23 1.86 -0.27
C ASP A 5 7.23 2.25 0.87
N PHE A 6 5.87 2.15 0.68
CA PHE A 6 4.87 2.39 1.78
C PHE A 6 5.13 1.41 2.99
N LEU A 7 5.41 0.12 2.74
CA LEU A 7 5.77 -0.87 3.80
C LEU A 7 7.02 -0.45 4.62
N THR A 8 8.15 -0.23 3.96
CA THR A 8 9.42 0.25 4.62
C THR A 8 9.24 1.61 5.40
N VAL A 9 8.46 2.54 4.84
CA VAL A 9 8.10 3.85 5.47
C VAL A 9 7.26 3.65 6.78
N MET A 10 6.21 2.80 6.72
CA MET A 10 5.34 2.49 7.87
C MET A 10 6.03 1.67 9.00
N THR A 11 6.89 0.69 8.66
CA THR A 11 7.65 -0.07 9.69
C THR A 11 8.86 0.76 10.24
N GLN A 12 9.55 1.60 9.41
CA GLN A 12 10.75 2.41 9.80
C GLN A 12 12.07 1.55 10.01
N LYS A 13 12.06 0.22 9.78
CA LYS A 13 13.25 -0.66 9.97
C LYS A 13 13.78 -1.01 8.54
N MET A 14 14.85 -0.33 8.09
CA MET A 14 15.45 -0.55 6.73
C MET A 14 16.36 -1.83 6.61
N SER A 15 15.77 -3.00 6.91
CA SER A 15 16.37 -4.36 6.88
C SER A 15 15.30 -5.23 7.61
N GLU A 16 14.33 -5.80 6.87
CA GLU A 16 13.23 -6.61 7.48
C GLU A 16 12.95 -7.94 6.72
N LYS A 17 12.24 -7.95 5.57
CA LYS A 17 11.93 -9.20 4.82
C LYS A 17 11.60 -8.97 3.31
N ASP A 18 11.68 -10.06 2.51
CA ASP A 18 11.35 -10.10 1.05
C ASP A 18 12.16 -9.15 0.07
N THR A 19 11.94 -9.41 -1.23
CA THR A 19 12.52 -8.70 -2.40
C THR A 19 11.70 -9.37 -3.56
N LYS A 20 10.65 -8.67 -4.07
CA LYS A 20 9.64 -9.24 -5.03
C LYS A 20 8.65 -10.16 -4.21
N GLU A 21 7.51 -10.71 -4.75
CA GLU A 21 6.55 -11.55 -3.89
C GLU A 21 5.72 -10.65 -2.88
N GLU A 22 6.41 -9.78 -2.09
CA GLU A 22 5.83 -8.78 -1.17
C GLU A 22 4.77 -7.89 -1.85
N ILE A 23 4.91 -7.45 -3.12
CA ILE A 23 3.79 -6.68 -3.77
C ILE A 23 2.45 -7.51 -3.78
N LEU A 24 2.54 -8.82 -4.14
CA LEU A 24 1.36 -9.69 -4.15
C LEU A 24 0.85 -10.05 -2.73
N LYS A 25 1.73 -10.42 -1.78
CA LYS A 25 1.34 -10.71 -0.37
C LYS A 25 0.85 -9.43 0.39
N ALA A 26 1.48 -8.24 0.25
CA ALA A 26 1.00 -7.01 0.92
C ALA A 26 -0.35 -6.50 0.35
N PHE A 27 -0.58 -6.46 -1.00
CA PHE A 27 -1.88 -6.03 -1.54
C PHE A 27 -3.02 -7.04 -1.19
N LYS A 28 -2.82 -8.38 -1.37
CA LYS A 28 -3.90 -9.35 -1.04
C LYS A 28 -4.24 -9.37 0.50
N LEU A 29 -3.31 -9.13 1.47
CA LEU A 29 -3.68 -8.97 2.89
C LEU A 29 -4.30 -7.53 3.17
N PHE A 30 -4.09 -6.50 2.32
CA PHE A 30 -4.71 -5.16 2.41
C PHE A 30 -6.23 -5.18 2.01
N ASP A 31 -6.62 -5.86 0.89
CA ASP A 31 -8.05 -5.91 0.46
C ASP A 31 -8.90 -7.01 1.25
N ASP A 32 -9.18 -6.88 2.58
CA ASP A 32 -10.07 -7.83 3.36
C ASP A 32 -11.43 -8.29 2.67
N ASP A 33 -11.98 -7.56 1.67
CA ASP A 33 -13.22 -7.98 0.94
C ASP A 33 -12.90 -8.95 -0.27
N GLU A 34 -11.62 -9.27 -0.61
CA GLU A 34 -11.18 -10.21 -1.70
C GLU A 34 -11.38 -9.74 -3.19
N THR A 35 -11.93 -8.55 -3.40
CA THR A 35 -12.17 -7.93 -4.73
C THR A 35 -10.86 -7.48 -5.43
N GLY A 36 -9.89 -6.93 -4.66
CA GLY A 36 -8.59 -6.50 -5.21
C GLY A 36 -8.52 -5.06 -5.75
N LYS A 37 -8.84 -4.09 -4.88
CA LYS A 37 -8.81 -2.64 -5.20
C LYS A 37 -8.43 -1.88 -3.90
N ILE A 38 -7.22 -1.27 -3.78
CA ILE A 38 -6.88 -0.45 -2.55
C ILE A 38 -7.05 1.05 -2.95
N SER A 39 -7.89 1.71 -2.16
CA SER A 39 -8.15 3.17 -2.26
C SER A 39 -7.38 3.87 -1.06
N PHE A 40 -7.24 5.21 -1.12
CA PHE A 40 -6.56 6.03 -0.06
C PHE A 40 -7.14 5.84 1.41
N LYS A 41 -8.46 5.63 1.56
CA LYS A 41 -9.10 5.38 2.89
C LYS A 41 -8.56 4.04 3.56
N ASN A 42 -8.38 2.94 2.78
CA ASN A 42 -7.76 1.69 3.33
C ASN A 42 -6.25 1.98 3.72
N LEU A 43 -5.49 2.83 2.97
CA LEU A 43 -4.11 3.27 3.37
C LEU A 43 -4.13 3.88 4.82
N LYS A 44 -5.14 4.73 5.17
CA LYS A 44 -5.34 5.28 6.55
C LYS A 44 -5.50 4.12 7.60
N ARG A 45 -6.39 3.11 7.35
CA ARG A 45 -6.54 1.92 8.26
C ARG A 45 -5.18 1.20 8.57
N VAL A 46 -4.44 0.86 7.50
CA VAL A 46 -3.11 0.17 7.59
C VAL A 46 -1.98 1.10 8.09
N ALA A 47 -1.97 2.42 7.77
CA ALA A 47 -0.99 3.37 8.35
C ALA A 47 -1.03 3.40 9.92
N LYS A 48 -2.24 3.42 10.53
CA LYS A 48 -2.39 3.36 12.01
C LYS A 48 -2.05 1.94 12.62
N GLU A 49 -2.56 0.85 12.01
CA GLU A 49 -2.36 -0.55 12.50
C GLU A 49 -0.95 -1.23 12.30
N LEU A 50 -0.10 -0.76 11.37
CA LEU A 50 1.25 -1.33 11.12
C LEU A 50 2.25 -1.08 12.29
N GLY A 51 2.72 0.16 12.42
CA GLY A 51 3.68 0.52 13.50
C GLY A 51 3.99 2.02 13.69
N GLU A 52 4.25 2.78 12.61
CA GLU A 52 4.60 4.23 12.72
C GLU A 52 3.75 5.00 11.66
N ASN A 53 2.64 5.62 12.11
CA ASN A 53 1.68 6.35 11.25
C ASN A 53 2.22 7.63 10.51
N LEU A 54 1.67 7.85 9.30
CA LEU A 54 2.00 9.01 8.41
C LEU A 54 0.87 10.09 8.38
N THR A 55 1.10 11.18 7.62
CA THR A 55 0.11 12.28 7.44
C THR A 55 -0.67 12.08 6.11
N ASP A 56 -1.86 12.70 6.02
CA ASP A 56 -2.77 12.57 4.81
C ASP A 56 -2.04 12.84 3.42
N GLU A 57 -1.27 13.92 3.35
CA GLU A 57 -0.47 14.33 2.15
C GLU A 57 0.64 13.29 1.74
N GLU A 58 1.41 12.78 2.72
CA GLU A 58 2.47 11.74 2.51
C GLU A 58 1.86 10.40 1.95
N LEU A 59 0.75 9.87 2.54
CA LEU A 59 0.00 8.70 2.00
C LEU A 59 -0.49 8.99 0.52
N GLN A 60 -0.88 10.25 0.17
CA GLN A 60 -1.31 10.59 -1.21
C GLN A 60 -0.10 10.51 -2.21
N GLU A 61 1.14 10.89 -1.82
CA GLU A 61 2.35 10.67 -2.68
C GLU A 61 2.53 9.11 -2.95
N MET A 62 2.30 8.24 -1.94
CA MET A 62 2.32 6.75 -2.11
C MET A 62 1.23 6.28 -3.17
N ILE A 63 -0.01 6.86 -3.16
CA ILE A 63 -1.07 6.62 -4.18
C ILE A 63 -0.56 7.06 -5.58
N ASP A 64 -0.06 8.31 -5.75
CA ASP A 64 0.45 8.77 -7.07
C ASP A 64 1.54 7.81 -7.65
N GLU A 65 2.57 7.37 -6.89
CA GLU A 65 3.56 6.35 -7.43
C GLU A 65 2.89 4.97 -7.83
N ALA A 66 1.89 4.49 -7.05
CA ALA A 66 1.12 3.25 -7.31
C ALA A 66 -0.01 3.27 -8.40
N ASP A 67 -0.62 4.43 -8.68
CA ASP A 67 -1.75 4.60 -9.66
C ASP A 67 -1.40 5.09 -11.12
N ARG A 68 -0.18 4.84 -11.65
CA ARG A 68 0.23 5.33 -12.99
C ARG A 68 -0.64 4.96 -14.25
N ASP A 69 -1.35 3.82 -14.19
CA ASP A 69 -2.28 3.33 -15.23
C ASP A 69 -3.69 3.12 -14.53
N GLY A 70 -4.22 4.04 -13.68
CA GLY A 70 -5.52 3.85 -13.01
C GLY A 70 -6.38 5.16 -12.86
N ASP A 71 -7.26 5.24 -11.85
CA ASP A 71 -8.18 6.40 -11.61
C ASP A 71 -8.13 6.98 -10.11
N GLY A 72 -7.06 6.84 -9.29
CA GLY A 72 -7.01 7.29 -7.85
C GLY A 72 -7.06 6.14 -6.79
N GLU A 73 -6.79 4.89 -7.21
CA GLU A 73 -6.81 3.65 -6.41
C GLU A 73 -5.93 2.59 -7.18
N VAL A 74 -5.31 1.63 -6.47
CA VAL A 74 -4.40 0.64 -7.13
C VAL A 74 -5.20 -0.68 -7.32
N SER A 75 -5.39 -1.06 -8.59
CA SER A 75 -6.12 -2.28 -8.95
C SER A 75 -5.15 -3.45 -9.33
N GLU A 76 -5.79 -4.57 -9.67
CA GLU A 76 -5.14 -5.83 -10.16
C GLU A 76 -4.05 -5.58 -11.27
N GLN A 77 -4.31 -4.78 -12.32
CA GLN A 77 -3.28 -4.48 -13.36
C GLN A 77 -1.97 -3.84 -12.80
N GLU A 78 -2.03 -2.86 -11.87
CA GLU A 78 -0.80 -2.28 -11.23
C GLU A 78 -0.15 -3.23 -10.14
N PHE A 79 -0.91 -4.19 -9.60
CA PHE A 79 -0.43 -5.25 -8.66
C PHE A 79 0.43 -6.33 -9.40
N LEU A 80 -0.07 -6.85 -10.53
CA LEU A 80 0.58 -7.88 -11.37
C LEU A 80 1.70 -7.31 -12.33
N ARG A 81 1.71 -5.98 -12.66
CA ARG A 81 2.76 -5.33 -13.51
C ARG A 81 4.24 -5.59 -13.11
N ILE A 82 4.49 -6.03 -11.86
CA ILE A 82 5.85 -6.40 -11.35
C ILE A 82 6.74 -7.28 -12.33
N PHE A 3 3.10 -0.20 -3.24
CA PHE A 3 3.23 -0.32 -1.75
C PHE A 3 4.56 -0.79 -1.07
N GLY A 4 5.43 -1.61 -1.68
CA GLY A 4 6.72 -2.08 -1.04
C GLY A 4 7.56 -1.03 -0.26
N ASP A 5 7.80 0.11 -0.92
CA ASP A 5 8.49 1.30 -0.34
C ASP A 5 7.72 1.93 0.88
N PHE A 6 6.40 2.16 0.76
CA PHE A 6 5.50 2.65 1.86
C PHE A 6 5.57 1.69 3.12
N LEU A 7 5.56 0.37 2.91
CA LEU A 7 5.71 -0.66 3.97
C LEU A 7 7.08 -0.50 4.70
N THR A 8 8.19 -0.51 3.93
CA THR A 8 9.57 -0.30 4.51
C THR A 8 9.70 1.05 5.31
N VAL A 9 9.11 2.15 4.80
CA VAL A 9 9.02 3.48 5.46
C VAL A 9 8.20 3.43 6.82
N MET A 10 7.04 2.75 6.78
CA MET A 10 6.12 2.56 7.94
C MET A 10 6.61 1.56 9.04
N THR A 11 7.29 0.45 8.67
CA THR A 11 7.84 -0.50 9.65
C THR A 11 9.14 0.16 10.17
N GLN A 12 10.19 0.47 9.33
CA GLN A 12 11.46 1.15 9.76
C GLN A 12 12.32 0.48 10.88
N LYS A 13 11.61 -0.11 11.85
CA LYS A 13 12.15 -0.76 13.07
C LYS A 13 11.09 -1.64 13.82
N MET A 14 11.54 -2.78 14.40
CA MET A 14 10.71 -3.72 15.23
C MET A 14 9.50 -4.49 14.59
N SER A 15 8.60 -3.85 13.80
CA SER A 15 7.41 -4.52 13.20
C SER A 15 7.75 -5.65 12.16
N GLU A 16 8.24 -5.30 10.95
CA GLU A 16 8.66 -6.29 9.91
C GLU A 16 9.85 -5.74 9.05
N LYS A 17 10.50 -6.63 8.27
CA LYS A 17 11.71 -6.29 7.46
C LYS A 17 11.84 -7.05 6.10
N ASP A 18 10.98 -6.81 5.08
CA ASP A 18 11.09 -7.55 3.77
C ASP A 18 10.75 -6.71 2.50
N THR A 19 11.25 -7.21 1.35
CA THR A 19 11.04 -6.60 0.00
C THR A 19 11.08 -7.79 -1.03
N LYS A 20 9.97 -7.99 -1.77
CA LYS A 20 9.69 -9.08 -2.78
C LYS A 20 8.78 -10.19 -2.08
N GLU A 21 7.91 -11.01 -2.78
CA GLU A 21 6.97 -11.99 -2.08
C GLU A 21 5.84 -11.22 -1.27
N GLU A 22 6.25 -10.38 -0.30
CA GLU A 22 5.38 -9.47 0.50
C GLU A 22 4.47 -8.55 -0.36
N ILE A 23 4.86 -8.14 -1.59
CA ILE A 23 3.98 -7.32 -2.48
C ILE A 23 2.63 -8.08 -2.78
N LEU A 24 2.74 -9.39 -3.08
CA LEU A 24 1.56 -10.25 -3.33
C LEU A 24 0.75 -10.53 -2.04
N LYS A 25 1.39 -10.87 -0.90
CA LYS A 25 0.66 -11.06 0.38
C LYS A 25 0.03 -9.74 0.90
N ALA A 26 0.76 -8.59 0.99
CA ALA A 26 0.15 -7.34 1.47
C ALA A 26 -0.99 -6.79 0.59
N PHE A 27 -0.90 -6.79 -0.76
CA PHE A 27 -2.03 -6.32 -1.59
C PHE A 27 -3.23 -7.30 -1.57
N LYS A 28 -3.02 -8.65 -1.66
CA LYS A 28 -4.20 -9.55 -1.63
C LYS A 28 -4.90 -9.54 -0.22
N LEU A 29 -4.21 -9.41 0.96
CA LEU A 29 -4.90 -9.26 2.27
C LEU A 29 -5.53 -7.84 2.47
N PHE A 30 -4.94 -6.76 1.89
CA PHE A 30 -5.52 -5.39 1.90
C PHE A 30 -6.96 -5.35 1.30
N ASP A 31 -7.16 -5.99 0.12
CA ASP A 31 -8.48 -5.98 -0.53
C ASP A 31 -9.45 -7.04 0.16
N ASP A 32 -10.07 -6.78 1.35
CA ASP A 32 -11.07 -7.70 2.02
C ASP A 32 -12.16 -8.41 1.08
N ASP A 33 -12.46 -7.88 -0.13
CA ASP A 33 -13.42 -8.51 -1.11
C ASP A 33 -12.68 -9.48 -2.14
N GLU A 34 -11.32 -9.60 -2.14
CA GLU A 34 -10.49 -10.48 -3.04
C GLU A 34 -10.44 -10.12 -4.57
N THR A 35 -11.10 -9.02 -4.96
CA THR A 35 -11.15 -8.46 -6.33
C THR A 35 -9.76 -7.80 -6.68
N GLY A 36 -9.28 -6.90 -5.80
CA GLY A 36 -8.00 -6.21 -5.96
C GLY A 36 -8.00 -4.71 -6.34
N LYS A 37 -8.65 -3.82 -5.57
CA LYS A 37 -8.58 -2.35 -5.82
C LYS A 37 -8.42 -1.58 -4.47
N ILE A 38 -7.23 -0.97 -4.19
CA ILE A 38 -7.02 -0.18 -2.93
C ILE A 38 -7.08 1.33 -3.26
N SER A 39 -8.04 1.99 -2.60
CA SER A 39 -8.19 3.47 -2.64
C SER A 39 -7.54 4.01 -1.29
N PHE A 40 -7.39 5.34 -1.22
CA PHE A 40 -6.80 6.09 -0.05
C PHE A 40 -7.25 5.68 1.40
N LYS A 41 -8.54 5.33 1.60
CA LYS A 41 -9.07 4.90 2.93
C LYS A 41 -8.33 3.66 3.55
N ASN A 42 -8.10 2.61 2.72
CA ASN A 42 -7.34 1.42 3.24
C ASN A 42 -5.85 1.86 3.53
N LEU A 43 -5.14 2.67 2.71
CA LEU A 43 -3.77 3.22 3.04
C LEU A 43 -3.71 3.90 4.45
N LYS A 44 -4.74 4.67 4.88
CA LYS A 44 -4.70 5.27 6.24
C LYS A 44 -4.92 4.15 7.36
N ARG A 45 -5.78 3.08 7.22
CA ARG A 45 -5.81 2.01 8.29
C ARG A 45 -4.42 1.30 8.43
N VAL A 46 -3.79 0.93 7.30
CA VAL A 46 -2.44 0.29 7.29
C VAL A 46 -1.36 1.21 7.94
N ALA A 47 -1.35 2.53 7.62
CA ALA A 47 -0.44 3.51 8.25
C ALA A 47 -0.52 3.55 9.80
N LYS A 48 -1.72 3.53 10.43
CA LYS A 48 -1.81 3.44 11.93
C LYS A 48 -1.46 2.01 12.51
N GLU A 49 -1.76 0.91 11.79
CA GLU A 49 -1.52 -0.50 12.23
C GLU A 49 -0.09 -1.11 12.09
N LEU A 50 0.67 -0.74 11.06
CA LEU A 50 2.04 -1.24 10.78
C LEU A 50 3.12 -0.94 11.85
N GLY A 51 3.46 0.35 12.03
CA GLY A 51 4.50 0.76 13.02
C GLY A 51 4.70 2.27 13.31
N GLU A 52 4.65 3.17 12.31
CA GLU A 52 4.88 4.63 12.55
C GLU A 52 4.04 5.49 11.57
N ASN A 53 2.88 5.99 12.03
CA ASN A 53 1.95 6.82 11.21
C ASN A 53 2.49 8.22 10.77
N LEU A 54 2.36 8.54 9.47
CA LEU A 54 2.78 9.85 8.91
C LEU A 54 1.57 10.85 8.96
N THR A 55 1.05 11.30 7.81
CA THR A 55 -0.10 12.24 7.71
C THR A 55 -0.79 12.03 6.34
N ASP A 56 -2.01 12.58 6.28
CA ASP A 56 -2.88 12.61 5.07
C ASP A 56 -2.19 12.90 3.70
N GLU A 57 -1.40 13.97 3.67
CA GLU A 57 -0.61 14.43 2.52
C GLU A 57 0.50 13.41 2.08
N GLU A 58 1.24 12.78 3.03
CA GLU A 58 2.24 11.72 2.71
C GLU A 58 1.56 10.49 2.00
N LEU A 59 0.45 9.94 2.59
CA LEU A 59 -0.34 8.85 1.98
C LEU A 59 -0.91 9.22 0.57
N GLN A 60 -1.33 10.49 0.33
CA GLN A 60 -1.89 10.90 -0.98
C GLN A 60 -0.77 10.96 -2.08
N GLU A 61 0.46 11.42 -1.75
CA GLU A 61 1.62 11.38 -2.70
C GLU A 61 1.93 9.88 -3.10
N MET A 62 1.86 8.91 -2.13
CA MET A 62 2.00 7.45 -2.43
C MET A 62 0.86 6.94 -3.38
N ILE A 63 -0.41 7.39 -3.19
CA ILE A 63 -1.57 7.09 -4.10
C ILE A 63 -1.26 7.61 -5.54
N ASP A 64 -0.92 8.91 -5.70
CA ASP A 64 -0.61 9.50 -7.04
C ASP A 64 0.51 8.71 -7.82
N GLU A 65 1.60 8.25 -7.17
CA GLU A 65 2.62 7.40 -7.88
C GLU A 65 2.17 5.91 -8.16
N ALA A 66 1.25 5.33 -7.36
CA ALA A 66 0.65 3.98 -7.55
C ALA A 66 -0.52 3.90 -8.60
N ASP A 67 -1.47 4.87 -8.56
CA ASP A 67 -2.68 4.99 -9.44
C ASP A 67 -2.36 5.31 -10.96
N ARG A 68 -1.61 4.46 -11.74
CA ARG A 68 -1.26 4.83 -13.16
C ARG A 68 -2.42 5.10 -14.16
N ASP A 69 -3.62 4.53 -13.96
CA ASP A 69 -4.81 4.86 -14.81
C ASP A 69 -5.36 6.31 -14.46
N GLY A 70 -5.32 6.78 -13.17
CA GLY A 70 -5.76 8.16 -12.80
C GLY A 70 -7.07 8.47 -12.05
N ASP A 71 -7.89 7.51 -11.61
CA ASP A 71 -9.15 7.82 -10.85
C ASP A 71 -8.98 7.91 -9.28
N GLY A 72 -7.99 7.24 -8.67
CA GLY A 72 -7.75 7.26 -7.20
C GLY A 72 -7.64 5.88 -6.49
N GLU A 73 -7.19 4.83 -7.18
CA GLU A 73 -7.05 3.45 -6.61
C GLU A 73 -6.07 2.58 -7.47
N VAL A 74 -5.37 1.64 -6.81
CA VAL A 74 -4.35 0.75 -7.45
C VAL A 74 -5.07 -0.61 -7.72
N SER A 75 -5.09 -1.04 -8.99
CA SER A 75 -5.78 -2.27 -9.41
C SER A 75 -4.82 -3.49 -9.59
N GLU A 76 -5.40 -4.70 -9.80
CA GLU A 76 -4.64 -5.96 -10.00
C GLU A 76 -3.63 -5.88 -11.18
N GLN A 77 -3.94 -5.36 -12.38
CA GLN A 77 -2.91 -5.24 -13.45
C GLN A 77 -1.72 -4.28 -13.05
N GLU A 78 -1.94 -3.17 -12.29
CA GLU A 78 -0.83 -2.29 -11.79
C GLU A 78 -0.04 -2.95 -10.60
N PHE A 79 -0.63 -3.92 -9.84
CA PHE A 79 0.02 -4.65 -8.75
C PHE A 79 1.09 -5.64 -9.25
N LEU A 80 0.67 -6.57 -10.10
CA LEU A 80 1.56 -7.62 -10.66
C LEU A 80 2.43 -7.09 -11.86
N ARG A 81 1.92 -6.26 -12.81
CA ARG A 81 2.74 -5.72 -13.95
C ARG A 81 3.68 -4.50 -13.65
N ILE A 82 3.48 -3.68 -12.57
CA ILE A 82 4.28 -2.44 -12.20
C ILE A 82 4.53 -1.38 -13.34
N PHE A 3 4.08 -0.69 -4.10
CA PHE A 3 3.74 -0.82 -2.64
C PHE A 3 4.91 -0.82 -1.57
N GLY A 4 6.10 -1.36 -1.90
CA GLY A 4 7.31 -1.38 -1.02
C GLY A 4 7.69 -0.04 -0.37
N ASP A 5 7.57 1.06 -1.13
CA ASP A 5 7.76 2.46 -0.66
C ASP A 5 6.81 2.82 0.55
N PHE A 6 5.50 2.50 0.49
CA PHE A 6 4.55 2.68 1.63
C PHE A 6 4.96 1.76 2.85
N LEU A 7 5.28 0.47 2.61
CA LEU A 7 5.76 -0.46 3.67
C LEU A 7 7.08 0.05 4.33
N THR A 8 8.12 0.39 3.54
CA THR A 8 9.41 0.95 4.04
C THR A 8 9.23 2.24 4.92
N VAL A 9 8.28 3.12 4.54
CA VAL A 9 7.90 4.33 5.32
C VAL A 9 7.40 3.96 6.75
N MET A 10 6.47 2.98 6.85
CA MET A 10 6.03 2.47 8.19
C MET A 10 7.22 1.73 8.94
N THR A 11 7.97 0.84 8.23
CA THR A 11 9.18 0.11 8.75
C THR A 11 10.24 1.07 9.40
N GLN A 12 10.62 2.15 8.68
CA GLN A 12 11.59 3.17 9.17
C GLN A 12 11.17 3.99 10.43
N LYS A 13 9.87 4.26 10.67
CA LYS A 13 9.41 5.00 11.89
C LYS A 13 9.41 4.12 13.18
N MET A 14 8.81 2.90 13.17
CA MET A 14 8.82 1.99 14.36
C MET A 14 9.97 0.95 14.13
N SER A 15 9.70 -0.35 13.92
CA SER A 15 10.76 -1.38 13.68
C SER A 15 10.16 -2.63 12.95
N GLU A 16 9.63 -2.42 11.72
CA GLU A 16 8.98 -3.51 10.94
C GLU A 16 9.91 -4.09 9.82
N LYS A 17 9.58 -5.28 9.31
CA LYS A 17 10.38 -6.00 8.28
C LYS A 17 9.72 -6.13 6.85
N ASP A 18 10.36 -6.96 5.99
CA ASP A 18 9.90 -7.33 4.61
C ASP A 18 10.01 -6.25 3.48
N THR A 19 10.30 -6.73 2.26
CA THR A 19 10.46 -5.92 1.00
C THR A 19 10.57 -6.93 -0.20
N LYS A 20 9.77 -6.76 -1.27
CA LYS A 20 9.68 -7.67 -2.47
C LYS A 20 8.94 -9.03 -2.10
N GLU A 21 8.22 -9.81 -3.00
CA GLU A 21 7.40 -11.03 -2.58
C GLU A 21 6.16 -10.62 -1.67
N GLU A 22 6.37 -9.82 -0.60
CA GLU A 22 5.34 -9.21 0.27
C GLU A 22 4.29 -8.39 -0.50
N ILE A 23 4.58 -7.77 -1.69
CA ILE A 23 3.53 -7.05 -2.47
C ILE A 23 2.29 -7.97 -2.75
N LEU A 24 2.54 -9.25 -3.09
CA LEU A 24 1.43 -10.21 -3.32
C LEU A 24 0.63 -10.57 -2.02
N LYS A 25 1.32 -10.84 -0.90
CA LYS A 25 0.63 -11.14 0.38
C LYS A 25 -0.08 -9.86 0.96
N ALA A 26 0.60 -8.69 1.03
CA ALA A 26 -0.03 -7.45 1.54
C ALA A 26 -1.23 -6.96 0.70
N PHE A 27 -1.17 -6.93 -0.66
CA PHE A 27 -2.33 -6.50 -1.46
C PHE A 27 -3.49 -7.52 -1.39
N LYS A 28 -3.26 -8.87 -1.49
CA LYS A 28 -4.41 -9.79 -1.40
C LYS A 28 -5.09 -9.77 0.03
N LEU A 29 -4.38 -9.54 1.18
CA LEU A 29 -5.05 -9.37 2.50
C LEU A 29 -5.72 -7.95 2.65
N PHE A 30 -5.16 -6.89 2.02
CA PHE A 30 -5.75 -5.52 1.96
C PHE A 30 -7.17 -5.50 1.29
N ASP A 31 -7.26 -6.19 0.13
CA ASP A 31 -8.52 -6.32 -0.64
C ASP A 31 -9.21 -7.68 -0.16
N ASP A 32 -9.86 -7.80 1.05
CA ASP A 32 -10.51 -9.08 1.51
C ASP A 32 -11.61 -9.70 0.56
N ASP A 33 -12.32 -8.92 -0.30
CA ASP A 33 -13.31 -9.47 -1.27
C ASP A 33 -12.64 -10.03 -2.60
N GLU A 34 -11.31 -9.87 -2.82
CA GLU A 34 -10.51 -10.40 -3.98
C GLU A 34 -10.55 -9.70 -5.38
N THR A 35 -11.47 -8.75 -5.50
CA THR A 35 -11.67 -7.88 -6.70
C THR A 35 -10.37 -7.16 -7.18
N GLY A 36 -9.57 -6.68 -6.22
CA GLY A 36 -8.30 -6.02 -6.48
C GLY A 36 -8.39 -4.51 -6.72
N LYS A 37 -8.63 -3.77 -5.64
CA LYS A 37 -8.70 -2.29 -5.65
C LYS A 37 -8.43 -1.67 -4.23
N ILE A 38 -7.28 -1.00 -4.02
CA ILE A 38 -7.00 -0.31 -2.71
C ILE A 38 -7.01 1.21 -3.04
N SER A 39 -7.88 1.91 -2.30
CA SER A 39 -8.01 3.37 -2.36
C SER A 39 -7.26 3.98 -1.11
N PHE A 40 -7.14 5.31 -1.10
CA PHE A 40 -6.46 6.08 0.00
C PHE A 40 -7.00 5.81 1.47
N LYS A 41 -8.31 5.61 1.65
CA LYS A 41 -8.92 5.33 3.00
C LYS A 41 -8.46 3.94 3.60
N ASN A 42 -8.40 2.85 2.78
CA ASN A 42 -7.86 1.54 3.33
C ASN A 42 -6.31 1.73 3.68
N LEU A 43 -5.51 2.58 2.95
CA LEU A 43 -4.10 2.93 3.34
C LEU A 43 -4.06 3.53 4.78
N LYS A 44 -4.99 4.46 5.14
CA LYS A 44 -5.16 5.03 6.51
C LYS A 44 -5.28 3.90 7.59
N ARG A 45 -6.21 2.89 7.39
CA ARG A 45 -6.25 1.76 8.39
C ARG A 45 -4.91 0.96 8.51
N VAL A 46 -4.27 0.65 7.37
CA VAL A 46 -2.96 -0.08 7.39
C VAL A 46 -1.81 0.81 7.95
N ALA A 47 -1.81 2.13 7.70
CA ALA A 47 -0.82 3.09 8.26
C ALA A 47 -0.80 3.04 9.83
N LYS A 48 -1.95 3.16 10.52
CA LYS A 48 -1.97 2.99 12.01
C LYS A 48 -1.69 1.52 12.50
N GLU A 49 -2.14 0.47 11.76
CA GLU A 49 -1.89 -0.96 12.09
C GLU A 49 -0.43 -1.49 11.85
N LEU A 50 0.31 -0.93 10.88
CA LEU A 50 1.71 -1.31 10.54
C LEU A 50 2.73 -0.95 11.67
N GLY A 51 3.03 0.35 11.81
CA GLY A 51 3.99 0.86 12.82
C GLY A 51 3.74 2.32 13.29
N GLU A 52 3.51 3.27 12.36
CA GLU A 52 3.26 4.69 12.69
C GLU A 52 2.28 5.29 11.63
N ASN A 53 1.23 6.02 12.07
CA ASN A 53 0.27 6.66 11.14
C ASN A 53 0.84 8.01 10.61
N LEU A 54 1.43 8.00 9.40
CA LEU A 54 2.00 9.23 8.79
C LEU A 54 0.89 10.26 8.36
N THR A 55 1.29 11.44 7.84
CA THR A 55 0.31 12.50 7.48
C THR A 55 -0.37 12.23 6.12
N ASP A 56 -1.55 12.85 6.01
CA ASP A 56 -2.42 12.81 4.80
C ASP A 56 -1.72 12.94 3.40
N GLU A 57 -0.89 13.99 3.29
CA GLU A 57 -0.07 14.32 2.10
C GLU A 57 0.96 13.20 1.73
N GLU A 58 1.70 12.67 2.73
CA GLU A 58 2.66 11.54 2.56
C GLU A 58 1.94 10.25 1.99
N LEU A 59 0.83 9.80 2.61
CA LEU A 59 -0.01 8.68 2.12
C LEU A 59 -0.55 8.92 0.66
N GLN A 60 -1.07 10.16 0.35
CA GLN A 60 -1.56 10.47 -1.03
C GLN A 60 -0.38 10.44 -2.08
N GLU A 61 0.85 10.89 -1.74
CA GLU A 61 2.03 10.76 -2.64
C GLU A 61 2.31 9.23 -2.98
N MET A 62 2.17 8.31 -1.98
CA MET A 62 2.26 6.84 -2.20
C MET A 62 1.14 6.34 -3.20
N ILE A 63 -0.11 6.87 -3.14
CA ILE A 63 -1.21 6.58 -4.13
C ILE A 63 -0.78 7.04 -5.55
N ASP A 64 -0.35 8.31 -5.73
CA ASP A 64 0.10 8.83 -7.09
C ASP A 64 1.19 7.91 -7.76
N GLU A 65 2.12 7.38 -6.96
CA GLU A 65 3.08 6.34 -7.45
C GLU A 65 2.42 5.02 -7.94
N ALA A 66 1.64 4.48 -7.00
CA ALA A 66 0.89 3.20 -7.16
C ALA A 66 -0.20 3.12 -8.29
N ASP A 67 -1.03 4.16 -8.43
CA ASP A 67 -2.14 4.31 -9.42
C ASP A 67 -1.73 4.50 -10.94
N ARG A 68 -0.64 3.83 -11.44
CA ARG A 68 -0.11 4.03 -12.82
C ARG A 68 -1.09 4.07 -14.04
N ASP A 69 -2.10 3.20 -14.05
CA ASP A 69 -3.16 3.18 -15.08
C ASP A 69 -4.54 3.10 -14.32
N GLY A 70 -4.83 4.01 -13.33
CA GLY A 70 -6.08 3.95 -12.56
C GLY A 70 -6.80 5.35 -12.45
N ASP A 71 -7.59 5.57 -11.40
CA ASP A 71 -8.39 6.82 -11.16
C ASP A 71 -8.26 7.22 -9.62
N GLY A 72 -7.08 7.18 -8.92
CA GLY A 72 -7.00 7.45 -7.44
C GLY A 72 -7.04 6.18 -6.53
N GLU A 73 -6.75 4.99 -7.09
CA GLU A 73 -6.77 3.67 -6.40
C GLU A 73 -5.89 2.67 -7.23
N VAL A 74 -5.28 1.68 -6.56
CA VAL A 74 -4.32 0.71 -7.18
C VAL A 74 -5.08 -0.62 -7.47
N SER A 75 -5.13 -0.98 -8.76
CA SER A 75 -5.82 -2.19 -9.24
C SER A 75 -4.89 -3.40 -9.50
N GLU A 76 -5.48 -4.58 -9.79
CA GLU A 76 -4.69 -5.82 -10.05
C GLU A 76 -3.55 -5.70 -11.11
N GLN A 77 -3.78 -5.14 -12.30
CA GLN A 77 -2.72 -4.97 -13.32
C GLN A 77 -1.57 -4.02 -12.87
N GLU A 78 -1.81 -2.92 -12.12
CA GLU A 78 -0.68 -2.08 -11.58
C GLU A 78 0.05 -2.75 -10.35
N PHE A 79 -0.59 -3.67 -9.59
CA PHE A 79 0.00 -4.47 -8.49
C PHE A 79 1.11 -5.39 -9.05
N LEU A 80 0.75 -6.26 -10.00
CA LEU A 80 1.72 -7.18 -10.65
C LEU A 80 2.56 -6.47 -11.79
N ARG A 81 1.95 -5.92 -12.86
CA ARG A 81 2.71 -5.22 -13.96
C ARG A 81 3.20 -3.73 -13.79
N ILE A 82 2.63 -2.84 -12.93
CA ILE A 82 2.97 -1.38 -12.75
C ILE A 82 3.11 -0.49 -14.05
N PHE A 3 3.92 1.61 -4.97
CA PHE A 3 3.23 1.19 -3.69
C PHE A 3 4.12 0.46 -2.59
N GLY A 4 5.08 -0.38 -3.02
CA GLY A 4 6.06 -1.06 -2.11
C GLY A 4 6.80 -0.12 -1.13
N ASP A 5 7.11 1.10 -1.57
CA ASP A 5 7.73 2.19 -0.78
C ASP A 5 6.85 2.52 0.48
N PHE A 6 5.53 2.79 0.35
CA PHE A 6 4.62 2.99 1.53
C PHE A 6 4.66 1.72 2.46
N LEU A 7 4.54 0.51 1.88
CA LEU A 7 4.61 -0.76 2.66
C LEU A 7 5.90 -0.93 3.49
N THR A 8 7.10 -0.82 2.89
CA THR A 8 8.38 -0.93 3.65
C THR A 8 8.53 0.17 4.73
N VAL A 9 8.08 1.41 4.50
CA VAL A 9 8.10 2.49 5.54
C VAL A 9 7.30 2.10 6.80
N MET A 10 6.07 1.60 6.66
CA MET A 10 5.29 1.13 7.84
C MET A 10 5.96 -0.14 8.51
N THR A 11 6.19 -1.18 7.70
CA THR A 11 6.86 -2.48 8.08
C THR A 11 8.24 -2.30 8.79
N GLN A 12 9.20 -1.58 8.17
CA GLN A 12 10.55 -1.33 8.76
C GLN A 12 10.53 -0.51 10.10
N LYS A 13 9.67 0.53 10.24
CA LYS A 13 9.53 1.31 11.51
C LYS A 13 8.92 0.47 12.68
N MET A 14 7.90 -0.38 12.43
CA MET A 14 7.30 -1.28 13.45
C MET A 14 8.18 -2.53 13.78
N SER A 15 8.77 -3.20 12.75
CA SER A 15 9.64 -4.42 12.79
C SER A 15 8.82 -5.66 12.29
N GLU A 16 8.94 -5.96 10.99
CA GLU A 16 8.22 -7.10 10.35
C GLU A 16 9.26 -7.99 9.56
N LYS A 17 9.51 -7.78 8.25
CA LYS A 17 10.51 -8.59 7.47
C LYS A 17 10.96 -7.91 6.14
N ASP A 18 10.06 -7.60 5.19
CA ASP A 18 10.38 -6.94 3.87
C ASP A 18 11.29 -7.78 2.90
N THR A 19 10.70 -8.34 1.83
CA THR A 19 11.42 -9.18 0.82
C THR A 19 10.53 -9.41 -0.47
N LYS A 20 11.01 -10.21 -1.45
CA LYS A 20 10.22 -10.58 -2.67
C LYS A 20 9.01 -11.51 -2.32
N GLU A 21 7.96 -11.72 -3.18
CA GLU A 21 6.71 -12.48 -2.73
C GLU A 21 5.88 -11.63 -1.68
N GLU A 22 6.52 -10.96 -0.69
CA GLU A 22 5.89 -10.05 0.30
C GLU A 22 5.05 -8.93 -0.36
N ILE A 23 5.44 -8.33 -1.53
CA ILE A 23 4.54 -7.35 -2.21
C ILE A 23 3.16 -8.02 -2.60
N LEU A 24 3.18 -9.28 -3.09
CA LEU A 24 1.93 -10.01 -3.44
C LEU A 24 1.09 -10.39 -2.19
N LYS A 25 1.68 -10.98 -1.13
CA LYS A 25 0.92 -11.28 0.11
C LYS A 25 0.46 -9.96 0.83
N ALA A 26 1.28 -8.90 0.93
CA ALA A 26 0.85 -7.62 1.56
C ALA A 26 -0.32 -6.92 0.82
N PHE A 27 -0.32 -6.76 -0.53
CA PHE A 27 -1.50 -6.15 -1.22
C PHE A 27 -2.75 -7.07 -1.14
N LYS A 28 -2.62 -8.41 -1.31
CA LYS A 28 -3.80 -9.30 -1.20
C LYS A 28 -4.37 -9.36 0.28
N LEU A 29 -3.57 -9.25 1.37
CA LEU A 29 -4.10 -9.11 2.76
C LEU A 29 -4.64 -7.65 3.02
N PHE A 30 -4.11 -6.60 2.33
CA PHE A 30 -4.65 -5.21 2.39
C PHE A 30 -6.16 -5.20 1.98
N ASP A 31 -6.51 -5.81 0.82
CA ASP A 31 -7.91 -5.85 0.34
C ASP A 31 -8.87 -6.76 1.21
N ASP A 32 -9.30 -6.37 2.44
CA ASP A 32 -10.32 -7.13 3.26
C ASP A 32 -11.66 -7.53 2.47
N ASP A 33 -11.96 -6.95 1.27
CA ASP A 33 -13.09 -7.29 0.39
C ASP A 33 -12.74 -8.43 -0.64
N GLU A 34 -11.43 -8.75 -0.88
CA GLU A 34 -10.90 -9.79 -1.82
C GLU A 34 -10.88 -9.36 -3.35
N THR A 35 -11.34 -8.16 -3.71
CA THR A 35 -11.40 -7.64 -5.09
C THR A 35 -10.08 -7.05 -5.66
N GLY A 36 -9.04 -6.75 -4.85
CA GLY A 36 -7.80 -6.17 -5.39
C GLY A 36 -7.85 -4.72 -5.90
N LYS A 37 -8.37 -3.82 -5.06
CA LYS A 37 -8.46 -2.37 -5.35
C LYS A 37 -8.25 -1.61 -4.01
N ILE A 38 -7.11 -0.92 -3.82
CA ILE A 38 -6.85 -0.14 -2.57
C ILE A 38 -6.91 1.37 -2.93
N SER A 39 -7.78 2.03 -2.15
CA SER A 39 -7.97 3.50 -2.19
C SER A 39 -7.24 4.10 -0.94
N PHE A 40 -7.27 5.44 -0.87
CA PHE A 40 -6.65 6.22 0.25
C PHE A 40 -7.12 5.90 1.72
N LYS A 41 -8.40 5.56 1.93
CA LYS A 41 -8.92 5.19 3.27
C LYS A 41 -8.29 3.87 3.85
N ASN A 42 -8.05 2.81 3.03
CA ASN A 42 -7.36 1.58 3.58
C ASN A 42 -5.81 1.90 3.80
N LEU A 43 -5.16 2.88 3.09
CA LEU A 43 -3.78 3.38 3.45
C LEU A 43 -3.79 3.92 4.94
N LYS A 44 -4.85 4.71 5.29
CA LYS A 44 -5.10 5.20 6.68
C LYS A 44 -5.17 3.99 7.67
N ARG A 45 -5.89 2.88 7.35
CA ARG A 45 -5.91 1.63 8.19
C ARG A 45 -4.46 1.13 8.50
N VAL A 46 -3.60 0.88 7.47
CA VAL A 46 -2.17 0.42 7.73
C VAL A 46 -1.36 1.51 8.52
N ALA A 47 -1.50 2.80 8.23
CA ALA A 47 -0.83 3.88 8.99
C ALA A 47 -1.15 3.81 10.54
N LYS A 48 -2.44 3.69 10.95
CA LYS A 48 -2.80 3.52 12.39
C LYS A 48 -2.56 2.07 12.98
N GLU A 49 -2.86 0.98 12.24
CA GLU A 49 -2.67 -0.43 12.73
C GLU A 49 -1.21 -0.83 13.12
N LEU A 50 -0.20 -0.38 12.36
CA LEU A 50 1.24 -0.59 12.64
C LEU A 50 1.68 0.16 13.95
N GLY A 51 1.27 1.43 14.01
CA GLY A 51 1.52 2.34 15.17
C GLY A 51 2.20 3.69 14.90
N GLU A 52 3.23 3.74 14.04
CA GLU A 52 3.97 4.99 13.72
C GLU A 52 3.69 5.38 12.23
N ASN A 53 3.17 6.61 11.99
CA ASN A 53 2.84 7.07 10.61
C ASN A 53 3.18 8.56 10.27
N LEU A 54 3.02 8.89 8.98
CA LEU A 54 3.28 10.24 8.42
C LEU A 54 2.01 11.18 8.50
N THR A 55 1.58 11.76 7.37
CA THR A 55 0.41 12.66 7.29
C THR A 55 -0.36 12.39 5.96
N ASP A 56 -1.56 12.97 5.92
CA ASP A 56 -2.50 12.94 4.76
C ASP A 56 -1.87 13.12 3.33
N GLU A 57 -1.10 14.20 3.21
CA GLU A 57 -0.37 14.59 1.98
C GLU A 57 0.70 13.54 1.55
N GLU A 58 1.50 12.98 2.50
CA GLU A 58 2.50 11.88 2.21
C GLU A 58 1.77 10.61 1.61
N LEU A 59 0.70 10.10 2.28
CA LEU A 59 -0.13 8.98 1.77
C LEU A 59 -0.75 9.28 0.36
N GLN A 60 -1.16 10.55 0.05
CA GLN A 60 -1.76 10.86 -1.27
C GLN A 60 -0.67 10.83 -2.39
N GLU A 61 0.59 11.26 -2.14
CA GLU A 61 1.71 11.08 -3.11
C GLU A 61 1.91 9.53 -3.41
N MET A 62 1.82 8.65 -2.38
CA MET A 62 1.88 7.17 -2.53
C MET A 62 0.72 6.60 -3.45
N ILE A 63 -0.51 7.17 -3.37
CA ILE A 63 -1.64 6.83 -4.26
C ILE A 63 -1.36 7.28 -5.72
N ASP A 64 -1.12 8.58 -5.96
CA ASP A 64 -0.83 9.09 -7.34
C ASP A 64 0.43 8.43 -8.00
N GLU A 65 1.49 8.05 -7.25
CA GLU A 65 2.65 7.27 -7.84
C GLU A 65 2.26 5.77 -8.19
N ALA A 66 1.38 5.13 -7.40
CA ALA A 66 0.87 3.75 -7.62
C ALA A 66 -0.26 3.54 -8.71
N ASP A 67 -1.23 4.47 -8.82
CA ASP A 67 -2.42 4.46 -9.75
C ASP A 67 -2.28 4.35 -11.33
N ARG A 68 -1.15 3.85 -11.88
CA ARG A 68 -0.86 3.94 -13.35
C ARG A 68 -1.89 3.67 -14.46
N ASP A 69 -2.62 2.55 -14.47
CA ASP A 69 -3.69 2.33 -15.48
C ASP A 69 -5.06 2.24 -14.72
N GLY A 70 -5.39 3.17 -13.77
CA GLY A 70 -6.65 3.10 -13.02
C GLY A 70 -7.42 4.44 -12.99
N ASP A 71 -7.84 4.93 -11.82
CA ASP A 71 -8.65 6.17 -11.64
C ASP A 71 -8.19 6.90 -10.30
N GLY A 72 -6.91 6.84 -9.81
CA GLY A 72 -6.54 7.46 -8.49
C GLY A 72 -6.61 6.50 -7.26
N GLU A 73 -6.40 5.20 -7.52
CA GLU A 73 -6.41 4.07 -6.56
C GLU A 73 -5.58 2.91 -7.28
N VAL A 74 -5.04 1.95 -6.54
CA VAL A 74 -4.14 0.89 -7.12
C VAL A 74 -4.91 -0.43 -7.36
N SER A 75 -4.88 -0.89 -8.61
CA SER A 75 -5.53 -2.16 -9.02
C SER A 75 -4.51 -3.34 -9.12
N GLU A 76 -5.07 -4.54 -9.32
CA GLU A 76 -4.28 -5.79 -9.50
C GLU A 76 -3.20 -5.69 -10.63
N GLN A 77 -3.45 -5.14 -11.83
CA GLN A 77 -2.38 -5.02 -12.86
C GLN A 77 -1.21 -4.08 -12.41
N GLU A 78 -1.41 -2.98 -11.63
CA GLU A 78 -0.26 -2.18 -11.11
C GLU A 78 0.49 -2.90 -9.95
N PHE A 79 -0.16 -3.80 -9.16
CA PHE A 79 0.51 -4.58 -8.10
C PHE A 79 1.54 -5.59 -8.70
N LEU A 80 1.05 -6.49 -9.55
CA LEU A 80 1.88 -7.49 -10.27
C LEU A 80 2.65 -7.02 -11.56
N ARG A 81 1.92 -6.55 -12.58
CA ARG A 81 2.50 -6.18 -13.91
C ARG A 81 3.23 -4.83 -14.19
N ILE A 82 3.05 -3.71 -13.45
CA ILE A 82 3.72 -2.43 -13.80
C ILE A 82 5.24 -2.52 -13.59
N PHE A 3 3.19 -0.33 -2.08
CA PHE A 3 3.48 0.72 -1.05
C PHE A 3 4.77 0.29 -0.17
N GLY A 4 5.63 -0.70 -0.57
CA GLY A 4 6.86 -1.14 0.16
C GLY A 4 7.75 -0.03 0.76
N ASP A 5 7.92 1.04 0.00
CA ASP A 5 8.64 2.29 0.47
C ASP A 5 7.92 2.82 1.78
N PHE A 6 6.58 3.05 1.71
CA PHE A 6 5.72 3.39 2.90
C PHE A 6 5.86 2.31 4.05
N LEU A 7 5.81 1.01 3.68
CA LEU A 7 5.99 -0.14 4.60
C LEU A 7 7.36 -0.09 5.33
N THR A 8 8.53 0.01 4.65
CA THR A 8 9.88 0.11 5.30
C THR A 8 9.99 1.35 6.25
N VAL A 9 9.37 2.50 5.90
CA VAL A 9 9.29 3.69 6.80
C VAL A 9 8.63 3.29 8.17
N MET A 10 7.49 2.56 8.13
CA MET A 10 6.82 2.07 9.37
C MET A 10 7.44 0.79 10.03
N THR A 11 8.02 -0.14 9.24
CA THR A 11 8.68 -1.43 9.67
C THR A 11 9.56 -1.26 10.95
N GLN A 12 10.38 -0.19 11.01
CA GLN A 12 11.20 0.13 12.23
C GLN A 12 10.40 0.26 13.59
N LYS A 13 9.08 0.59 13.55
CA LYS A 13 8.20 0.66 14.73
C LYS A 13 7.69 -0.75 15.22
N MET A 14 7.45 -1.72 14.30
CA MET A 14 6.98 -3.09 14.63
C MET A 14 7.93 -4.13 13.92
N SER A 15 7.62 -4.61 12.70
CA SER A 15 8.49 -5.58 11.95
C SER A 15 8.09 -5.63 10.43
N GLU A 16 6.90 -6.17 10.10
CA GLU A 16 6.31 -6.30 8.73
C GLU A 16 7.11 -7.14 7.64
N LYS A 17 7.34 -6.72 6.37
CA LYS A 17 7.99 -7.62 5.34
C LYS A 17 9.09 -6.98 4.39
N ASP A 18 8.73 -6.49 3.18
CA ASP A 18 9.64 -5.89 2.15
C ASP A 18 10.71 -6.87 1.52
N THR A 19 10.24 -7.71 0.59
CA THR A 19 11.05 -8.71 -0.17
C THR A 19 10.09 -9.33 -1.24
N LYS A 20 10.38 -9.25 -2.57
CA LYS A 20 9.54 -9.77 -3.73
C LYS A 20 8.14 -10.43 -3.45
N GLU A 21 7.99 -11.60 -2.80
CA GLU A 21 6.63 -12.09 -2.38
C GLU A 21 5.67 -10.98 -1.70
N GLU A 22 6.19 -9.86 -1.10
CA GLU A 22 5.43 -8.72 -0.56
C GLU A 22 4.44 -8.12 -1.59
N ILE A 23 4.74 -8.02 -2.91
CA ILE A 23 3.70 -7.46 -3.85
C ILE A 23 2.40 -8.32 -3.84
N LEU A 24 2.52 -9.65 -3.99
CA LEU A 24 1.35 -10.55 -3.98
C LEU A 24 0.74 -10.75 -2.56
N LYS A 25 1.53 -11.05 -1.53
CA LYS A 25 1.00 -11.17 -0.15
C LYS A 25 0.51 -9.80 0.42
N ALA A 26 1.18 -8.63 0.27
CA ALA A 26 0.64 -7.37 0.83
C ALA A 26 -0.64 -6.87 0.09
N PHE A 27 -0.75 -6.92 -1.27
CA PHE A 27 -2.01 -6.49 -1.92
C PHE A 27 -3.16 -7.47 -1.62
N LYS A 28 -2.99 -8.83 -1.72
CA LYS A 28 -4.14 -9.71 -1.45
C LYS A 28 -4.62 -9.66 0.04
N LEU A 29 -3.77 -9.43 1.09
CA LEU A 29 -4.28 -9.20 2.47
C LEU A 29 -4.98 -7.79 2.61
N PHE A 30 -4.54 -6.77 1.84
CA PHE A 30 -5.18 -5.42 1.79
C PHE A 30 -6.64 -5.46 1.24
N ASP A 31 -6.92 -6.16 0.11
CA ASP A 31 -8.30 -6.22 -0.43
C ASP A 31 -9.17 -7.37 0.25
N ASP A 32 -9.49 -7.36 1.58
CA ASP A 32 -10.36 -8.41 2.25
C ASP A 32 -11.74 -8.76 1.54
N ASP A 33 -12.31 -7.90 0.66
CA ASP A 33 -13.57 -8.21 -0.09
C ASP A 33 -13.30 -9.03 -1.43
N GLU A 34 -12.04 -9.34 -1.85
CA GLU A 34 -11.67 -10.14 -3.08
C GLU A 34 -11.67 -9.44 -4.47
N THR A 35 -12.39 -8.32 -4.53
CA THR A 35 -12.56 -7.40 -5.69
C THR A 35 -11.22 -6.93 -6.32
N GLY A 36 -10.22 -6.65 -5.46
CA GLY A 36 -8.89 -6.25 -5.92
C GLY A 36 -8.67 -4.79 -6.35
N LYS A 37 -8.91 -3.87 -5.40
CA LYS A 37 -8.70 -2.42 -5.63
C LYS A 37 -8.39 -1.70 -4.28
N ILE A 38 -7.17 -1.15 -4.09
CA ILE A 38 -6.82 -0.41 -2.83
C ILE A 38 -6.96 1.10 -3.16
N SER A 39 -7.73 1.75 -2.29
CA SER A 39 -7.95 3.21 -2.33
C SER A 39 -7.17 3.88 -1.13
N PHE A 40 -7.16 5.22 -1.14
CA PHE A 40 -6.51 6.06 -0.06
C PHE A 40 -7.04 5.79 1.40
N LYS A 41 -8.34 5.48 1.55
CA LYS A 41 -8.96 5.17 2.88
C LYS A 41 -8.35 3.88 3.53
N ASN A 42 -8.08 2.81 2.76
CA ASN A 42 -7.39 1.59 3.30
C ASN A 42 -5.91 1.98 3.72
N LEU A 43 -5.19 2.91 3.01
CA LEU A 43 -3.85 3.45 3.45
C LEU A 43 -3.96 4.03 4.90
N LYS A 44 -5.00 4.87 5.20
CA LYS A 44 -5.26 5.39 6.58
C LYS A 44 -5.43 4.21 7.62
N ARG A 45 -6.24 3.17 7.30
CA ARG A 45 -6.39 1.95 8.15
C ARG A 45 -5.01 1.23 8.39
N VAL A 46 -4.24 0.95 7.32
CA VAL A 46 -2.88 0.30 7.46
C VAL A 46 -1.86 1.22 8.19
N ALA A 47 -1.94 2.56 8.02
CA ALA A 47 -1.12 3.53 8.79
C ALA A 47 -1.36 3.40 10.34
N LYS A 48 -2.63 3.21 10.83
CA LYS A 48 -2.85 2.94 12.29
C LYS A 48 -2.23 1.55 12.72
N GLU A 49 -2.34 0.48 11.88
CA GLU A 49 -1.74 -0.88 12.17
C GLU A 49 -0.20 -0.84 12.43
N LEU A 50 0.53 -0.21 11.53
CA LEU A 50 1.94 0.11 11.56
C LEU A 50 2.43 0.90 12.81
N GLY A 51 1.74 2.03 13.07
CA GLY A 51 2.05 2.92 14.21
C GLY A 51 2.70 4.26 13.83
N GLU A 52 3.58 4.27 12.81
CA GLU A 52 4.25 5.52 12.35
C GLU A 52 3.28 6.28 11.38
N ASN A 53 2.45 7.16 11.97
CA ASN A 53 1.44 7.95 11.21
C ASN A 53 2.01 9.32 10.77
N LEU A 54 2.23 9.44 9.45
CA LEU A 54 2.78 10.67 8.82
C LEU A 54 1.65 11.74 8.63
N THR A 55 1.21 12.00 7.38
CA THR A 55 0.13 12.95 7.08
C THR A 55 -0.52 12.55 5.74
N ASP A 56 -1.73 13.10 5.59
CA ASP A 56 -2.59 12.97 4.40
C ASP A 56 -1.89 13.10 3.00
N GLU A 57 -1.12 14.17 2.87
CA GLU A 57 -0.32 14.52 1.66
C GLU A 57 0.80 13.49 1.33
N GLU A 58 1.53 12.97 2.35
CA GLU A 58 2.56 11.89 2.17
C GLU A 58 1.88 10.57 1.61
N LEU A 59 0.82 10.05 2.28
CA LEU A 59 0.05 8.89 1.78
C LEU A 59 -0.55 9.12 0.34
N GLN A 60 -1.04 10.36 0.05
CA GLN A 60 -1.63 10.66 -1.27
C GLN A 60 -0.55 10.66 -2.38
N GLU A 61 0.67 11.22 -2.17
CA GLU A 61 1.76 11.10 -3.19
C GLU A 61 2.10 9.59 -3.47
N MET A 62 2.09 8.66 -2.45
CA MET A 62 2.24 7.19 -2.72
C MET A 62 1.08 6.66 -3.66
N ILE A 63 -0.20 7.07 -3.41
CA ILE A 63 -1.36 6.77 -4.30
C ILE A 63 -1.08 7.31 -5.75
N ASP A 64 -0.70 8.60 -5.90
CA ASP A 64 -0.39 9.25 -7.20
C ASP A 64 0.62 8.47 -8.09
N GLU A 65 1.67 7.87 -7.49
CA GLU A 65 2.62 6.98 -8.22
C GLU A 65 1.88 5.64 -8.68
N ALA A 66 1.22 4.99 -7.71
CA ALA A 66 0.47 3.72 -7.89
C ALA A 66 -0.81 3.68 -8.81
N ASP A 67 -1.68 4.70 -8.75
CA ASP A 67 -2.97 4.84 -9.48
C ASP A 67 -2.95 4.87 -11.07
N ARG A 68 -2.70 3.76 -11.83
CA ARG A 68 -2.72 3.80 -13.34
C ARG A 68 -4.02 4.34 -14.01
N ASP A 69 -5.19 4.12 -13.38
CA ASP A 69 -6.49 4.66 -13.86
C ASP A 69 -6.60 6.23 -13.71
N GLY A 70 -5.99 6.87 -12.67
CA GLY A 70 -6.07 8.35 -12.47
C GLY A 70 -7.10 8.96 -11.48
N ASP A 71 -8.05 8.20 -10.94
CA ASP A 71 -9.06 8.70 -9.95
C ASP A 71 -8.58 8.64 -8.46
N GLY A 72 -7.79 7.62 -8.05
CA GLY A 72 -7.27 7.47 -6.67
C GLY A 72 -7.27 6.03 -6.09
N GLU A 73 -7.03 4.98 -6.90
CA GLU A 73 -7.04 3.56 -6.45
C GLU A 73 -6.26 2.62 -7.44
N VAL A 74 -5.54 1.62 -6.87
CA VAL A 74 -4.66 0.65 -7.64
C VAL A 74 -5.40 -0.71 -7.84
N SER A 75 -5.48 -1.20 -9.09
CA SER A 75 -6.15 -2.47 -9.45
C SER A 75 -5.23 -3.72 -9.67
N GLU A 76 -5.86 -4.89 -9.91
CA GLU A 76 -5.12 -6.18 -10.16
C GLU A 76 -4.07 -6.08 -11.29
N GLN A 77 -4.42 -5.54 -12.47
CA GLN A 77 -3.44 -5.43 -13.58
C GLN A 77 -2.22 -4.48 -13.29
N GLU A 78 -2.38 -3.43 -12.48
CA GLU A 78 -1.27 -2.52 -12.07
C GLU A 78 -0.41 -3.14 -10.91
N PHE A 79 -0.96 -4.05 -10.07
CA PHE A 79 -0.21 -4.76 -9.01
C PHE A 79 0.85 -5.69 -9.67
N LEU A 80 0.38 -6.64 -10.48
CA LEU A 80 1.26 -7.60 -11.21
C LEU A 80 1.92 -7.04 -12.54
N ARG A 81 1.13 -6.60 -13.54
CA ARG A 81 1.64 -6.09 -14.85
C ARG A 81 2.17 -4.60 -14.95
N ILE A 82 1.84 -3.63 -14.05
CA ILE A 82 2.23 -2.16 -14.09
C ILE A 82 1.90 -1.36 -15.42
N PHE A 3 3.06 0.00 -2.88
CA PHE A 3 3.01 -0.78 -1.60
C PHE A 3 4.34 -1.27 -0.94
N GLY A 4 5.32 -1.81 -1.68
CA GLY A 4 6.65 -2.22 -1.10
C GLY A 4 7.41 -1.11 -0.31
N ASP A 5 7.28 0.13 -0.81
CA ASP A 5 7.84 1.36 -0.21
C ASP A 5 7.10 1.73 1.13
N PHE A 6 5.77 1.98 1.12
CA PHE A 6 4.98 2.27 2.38
C PHE A 6 5.23 1.21 3.53
N LEU A 7 5.18 -0.09 3.18
CA LEU A 7 5.45 -1.18 4.14
C LEU A 7 6.94 -1.16 4.63
N THR A 8 7.96 -1.10 3.75
CA THR A 8 9.39 -1.04 4.20
C THR A 8 9.69 0.17 5.15
N VAL A 9 9.08 1.34 4.90
CA VAL A 9 9.14 2.57 5.77
C VAL A 9 8.65 2.21 7.22
N MET A 10 7.44 1.62 7.37
CA MET A 10 6.93 1.18 8.69
C MET A 10 7.69 -0.08 9.30
N THR A 11 8.11 -1.05 8.46
CA THR A 11 8.89 -2.27 8.88
C THR A 11 10.31 -1.92 9.40
N GLN A 12 11.13 -1.11 8.68
CA GLN A 12 12.49 -0.68 9.16
C GLN A 12 12.52 0.00 10.59
N LYS A 13 11.44 0.69 10.98
CA LYS A 13 11.28 1.29 12.34
C LYS A 13 11.23 0.21 13.50
N MET A 14 10.64 -0.97 13.24
CA MET A 14 10.57 -2.12 14.18
C MET A 14 11.62 -3.22 13.75
N SER A 15 11.64 -4.40 14.41
CA SER A 15 12.59 -5.49 14.08
C SER A 15 12.16 -6.42 12.88
N GLU A 16 11.97 -5.87 11.66
CA GLU A 16 11.56 -6.64 10.46
C GLU A 16 12.24 -6.07 9.15
N LYS A 17 12.63 -6.99 8.25
CA LYS A 17 13.33 -6.67 6.97
C LYS A 17 12.82 -7.51 5.73
N ASP A 18 13.55 -7.40 4.59
CA ASP A 18 13.28 -8.13 3.30
C ASP A 18 12.06 -7.62 2.45
N THR A 19 12.27 -7.50 1.13
CA THR A 19 11.22 -7.02 0.16
C THR A 19 10.73 -8.20 -0.77
N LYS A 20 10.54 -7.96 -2.10
CA LYS A 20 10.02 -8.90 -3.15
C LYS A 20 8.72 -9.68 -2.74
N GLU A 21 8.71 -10.84 -2.05
CA GLU A 21 7.44 -11.45 -1.54
C GLU A 21 6.37 -10.48 -0.88
N GLU A 22 6.77 -9.31 -0.28
CA GLU A 22 5.88 -8.31 0.30
C GLU A 22 5.00 -7.57 -0.75
N ILE A 23 5.34 -7.33 -2.03
CA ILE A 23 4.38 -6.60 -2.93
C ILE A 23 3.07 -7.41 -3.16
N LEU A 24 3.19 -8.71 -3.48
CA LEU A 24 1.99 -9.56 -3.69
C LEU A 24 1.21 -9.84 -2.36
N LYS A 25 1.92 -10.31 -1.31
CA LYS A 25 1.27 -10.57 0.00
C LYS A 25 0.79 -9.26 0.70
N ALA A 26 1.53 -8.13 0.71
CA ALA A 26 1.03 -6.89 1.33
C ALA A 26 -0.17 -6.30 0.56
N PHE A 27 -0.23 -6.26 -0.79
CA PHE A 27 -1.44 -5.73 -1.47
C PHE A 27 -2.68 -6.63 -1.21
N LYS A 28 -2.59 -7.98 -1.36
CA LYS A 28 -3.80 -8.80 -1.15
C LYS A 28 -4.35 -8.74 0.33
N LEU A 29 -3.52 -8.67 1.41
CA LEU A 29 -4.05 -8.45 2.78
C LEU A 29 -4.53 -6.97 3.03
N PHE A 30 -4.02 -5.99 2.26
CA PHE A 30 -4.44 -4.58 2.33
C PHE A 30 -5.93 -4.34 1.95
N ASP A 31 -6.50 -5.05 0.94
CA ASP A 31 -7.93 -4.84 0.57
C ASP A 31 -8.97 -5.47 1.58
N ASP A 32 -9.02 -5.02 2.88
CA ASP A 32 -10.05 -5.42 3.91
C ASP A 32 -11.57 -5.48 3.41
N ASP A 33 -11.95 -4.83 2.28
CA ASP A 33 -13.32 -4.91 1.69
C ASP A 33 -13.52 -6.24 0.86
N GLU A 34 -12.43 -6.95 0.44
CA GLU A 34 -12.42 -8.22 -0.34
C GLU A 34 -12.95 -8.02 -1.81
N THR A 35 -12.22 -7.15 -2.47
CA THR A 35 -12.46 -6.73 -3.89
C THR A 35 -11.13 -6.71 -4.73
N GLY A 36 -9.96 -6.52 -4.09
CA GLY A 36 -8.64 -6.49 -4.77
C GLY A 36 -8.19 -5.15 -5.36
N LYS A 37 -8.42 -4.02 -4.67
CA LYS A 37 -8.00 -2.68 -5.14
C LYS A 37 -7.80 -1.80 -3.86
N ILE A 38 -6.67 -1.09 -3.73
CA ILE A 38 -6.44 -0.21 -2.54
C ILE A 38 -6.76 1.25 -2.97
N SER A 39 -7.70 1.79 -2.21
CA SER A 39 -8.13 3.20 -2.30
C SER A 39 -7.40 3.96 -1.11
N PHE A 40 -7.37 5.30 -1.16
CA PHE A 40 -6.75 6.16 -0.08
C PHE A 40 -7.29 5.89 1.38
N LYS A 41 -8.57 5.51 1.53
CA LYS A 41 -9.20 5.17 2.83
C LYS A 41 -8.54 3.90 3.50
N ASN A 42 -8.24 2.81 2.74
CA ASN A 42 -7.53 1.63 3.34
C ASN A 42 -6.06 2.07 3.74
N LEU A 43 -5.35 2.97 2.99
CA LEU A 43 -4.01 3.54 3.40
C LEU A 43 -4.11 4.15 4.85
N LYS A 44 -5.16 4.96 5.13
CA LYS A 44 -5.44 5.50 6.50
C LYS A 44 -5.63 4.37 7.57
N ARG A 45 -6.46 3.34 7.26
CA ARG A 45 -6.66 2.17 8.17
C ARG A 45 -5.32 1.46 8.52
N VAL A 46 -4.52 1.09 7.49
CA VAL A 46 -3.19 0.42 7.69
C VAL A 46 -2.15 1.36 8.34
N ALA A 47 -2.15 2.68 8.07
CA ALA A 47 -1.27 3.66 8.75
C ALA A 47 -1.47 3.57 10.31
N LYS A 48 -2.72 3.67 10.83
CA LYS A 48 -2.99 3.50 12.29
C LYS A 48 -2.82 2.03 12.81
N GLU A 49 -3.29 0.99 12.08
CA GLU A 49 -3.16 -0.45 12.48
C GLU A 49 -1.70 -1.04 12.50
N LEU A 50 -0.71 -0.45 11.79
CA LEU A 50 0.69 -0.90 11.78
C LEU A 50 1.38 -0.66 13.17
N GLY A 51 1.62 0.62 13.50
CA GLY A 51 2.24 0.99 14.81
C GLY A 51 2.51 2.50 15.05
N GLU A 52 3.11 3.20 14.07
CA GLU A 52 3.43 4.65 14.17
C GLU A 52 3.43 5.17 12.70
N ASN A 53 2.55 6.14 12.38
CA ASN A 53 2.40 6.67 10.99
C ASN A 53 2.85 8.13 10.70
N LEU A 54 2.86 8.39 9.38
CA LEU A 54 3.24 9.67 8.74
C LEU A 54 1.96 10.56 8.59
N THR A 55 1.45 10.93 7.39
CA THR A 55 0.24 11.79 7.26
C THR A 55 -0.50 11.60 5.90
N ASP A 56 -1.70 12.19 5.87
CA ASP A 56 -2.61 12.27 4.70
C ASP A 56 -1.96 12.58 3.31
N GLU A 57 -1.19 13.66 3.28
CA GLU A 57 -0.44 14.15 2.09
C GLU A 57 0.65 13.13 1.58
N GLU A 58 1.41 12.49 2.50
CA GLU A 58 2.40 11.43 2.17
C GLU A 58 1.67 10.20 1.51
N LEU A 59 0.58 9.64 2.09
CA LEU A 59 -0.24 8.59 1.44
C LEU A 59 -0.81 9.02 0.05
N GLN A 60 -1.24 10.31 -0.13
CA GLN A 60 -1.80 10.74 -1.42
C GLN A 60 -0.71 10.77 -2.52
N GLU A 61 0.57 11.14 -2.24
CA GLU A 61 1.66 11.02 -3.28
C GLU A 61 1.90 9.50 -3.60
N MET A 62 1.83 8.56 -2.60
CA MET A 62 1.90 7.08 -2.87
C MET A 62 0.76 6.66 -3.89
N ILE A 63 -0.49 7.17 -3.71
CA ILE A 63 -1.63 6.98 -4.64
C ILE A 63 -1.30 7.59 -6.04
N ASP A 64 -0.93 8.88 -6.10
CA ASP A 64 -0.58 9.57 -7.38
C ASP A 64 0.41 8.84 -8.33
N GLU A 65 1.46 8.24 -7.75
CA GLU A 65 2.45 7.42 -8.54
C GLU A 65 1.92 5.96 -8.86
N ALA A 66 1.17 5.32 -7.93
CA ALA A 66 0.54 3.98 -8.11
C ALA A 66 -0.78 3.93 -8.97
N ASP A 67 -1.55 5.03 -9.09
CA ASP A 67 -2.82 5.11 -9.86
C ASP A 67 -2.55 5.34 -11.40
N ARG A 68 -1.77 4.46 -12.12
CA ARG A 68 -1.47 4.69 -13.56
C ARG A 68 -2.66 4.80 -14.57
N ASP A 69 -3.77 4.10 -14.28
CA ASP A 69 -5.02 4.21 -15.07
C ASP A 69 -5.76 5.59 -14.79
N GLY A 70 -5.71 6.15 -13.55
CA GLY A 70 -6.33 7.46 -13.21
C GLY A 70 -7.76 7.52 -12.61
N ASP A 71 -8.03 6.72 -11.58
CA ASP A 71 -9.35 6.71 -10.86
C ASP A 71 -9.22 6.82 -9.28
N GLY A 72 -8.08 7.22 -8.63
CA GLY A 72 -7.98 7.27 -7.14
C GLY A 72 -7.76 5.93 -6.38
N GLU A 73 -7.35 4.85 -7.09
CA GLU A 73 -7.12 3.50 -6.49
C GLU A 73 -6.19 2.62 -7.41
N VAL A 74 -5.43 1.74 -6.77
CA VAL A 74 -4.44 0.83 -7.44
C VAL A 74 -5.13 -0.55 -7.56
N SER A 75 -5.31 -1.04 -8.79
CA SER A 75 -5.97 -2.34 -9.06
C SER A 75 -4.94 -3.50 -9.33
N GLU A 76 -5.46 -4.73 -9.45
CA GLU A 76 -4.61 -5.95 -9.68
C GLU A 76 -3.67 -5.85 -10.91
N GLN A 77 -4.10 -5.42 -12.11
CA GLN A 77 -3.16 -5.26 -13.25
C GLN A 77 -1.97 -4.28 -13.01
N GLU A 78 -2.10 -3.16 -12.27
CA GLU A 78 -0.97 -2.29 -11.93
C GLU A 78 -0.10 -2.95 -10.76
N PHE A 79 -0.66 -3.76 -9.81
CA PHE A 79 0.09 -4.48 -8.75
C PHE A 79 1.13 -5.48 -9.33
N LEU A 80 0.65 -6.41 -10.17
CA LEU A 80 1.54 -7.40 -10.81
C LEU A 80 2.30 -6.84 -12.07
N ARG A 81 1.66 -6.12 -13.02
CA ARG A 81 2.35 -5.54 -14.21
C ARG A 81 3.16 -4.20 -14.05
N ILE A 82 2.95 -3.32 -13.03
CA ILE A 82 3.65 -2.00 -12.80
C ILE A 82 3.87 -1.04 -14.04
N PHE A 3 4.93 1.00 -4.28
CA PHE A 3 4.41 0.54 -2.94
C PHE A 3 5.43 0.13 -1.81
N GLY A 4 6.56 -0.49 -2.18
CA GLY A 4 7.64 -0.94 -1.26
C GLY A 4 8.14 0.06 -0.21
N ASP A 5 8.21 1.35 -0.57
CA ASP A 5 8.61 2.45 0.35
C ASP A 5 7.58 2.57 1.53
N PHE A 6 6.25 2.68 1.27
CA PHE A 6 5.22 2.71 2.36
C PHE A 6 5.24 1.39 3.22
N LEU A 7 5.35 0.20 2.57
CA LEU A 7 5.48 -1.12 3.26
C LEU A 7 6.77 -1.21 4.14
N THR A 8 7.94 -0.78 3.63
CA THR A 8 9.24 -0.75 4.39
C THR A 8 9.15 0.12 5.69
N VAL A 9 8.52 1.29 5.61
CA VAL A 9 8.27 2.22 6.77
C VAL A 9 7.39 1.50 7.86
N MET A 10 6.29 0.83 7.46
CA MET A 10 5.44 0.03 8.40
C MET A 10 6.16 -1.23 9.03
N THR A 11 6.84 -2.03 8.20
CA THR A 11 7.58 -3.27 8.62
C THR A 11 8.91 -2.95 9.35
N GLN A 12 9.87 -2.27 8.71
CA GLN A 12 11.20 -1.94 9.32
C GLN A 12 11.19 -0.73 10.33
N LYS A 13 10.15 -0.62 11.18
CA LYS A 13 10.06 0.44 12.23
C LYS A 13 10.98 0.11 13.46
N MET A 14 10.94 -1.14 13.97
CA MET A 14 11.82 -1.61 15.08
C MET A 14 12.90 -2.55 14.44
N SER A 15 12.55 -3.79 14.05
CA SER A 15 13.50 -4.74 13.41
C SER A 15 12.70 -5.84 12.62
N GLU A 16 12.22 -5.53 11.40
CA GLU A 16 11.45 -6.49 10.55
C GLU A 16 11.63 -6.15 9.03
N LYS A 17 12.46 -6.96 8.35
CA LYS A 17 12.82 -6.82 6.91
C LYS A 17 11.71 -6.74 5.79
N ASP A 18 12.01 -6.00 4.71
CA ASP A 18 11.12 -5.83 3.53
C ASP A 18 11.99 -5.46 2.28
N THR A 19 11.80 -6.16 1.14
CA THR A 19 12.56 -5.89 -0.12
C THR A 19 11.66 -6.16 -1.38
N LYS A 20 11.38 -7.44 -1.73
CA LYS A 20 10.55 -7.84 -2.90
C LYS A 20 9.66 -9.11 -2.57
N GLU A 21 8.83 -9.66 -3.50
CA GLU A 21 7.87 -10.80 -3.19
C GLU A 21 6.69 -10.37 -2.22
N GLU A 22 6.96 -9.67 -1.09
CA GLU A 22 5.96 -9.16 -0.13
C GLU A 22 4.99 -8.11 -0.76
N ILE A 23 5.30 -7.38 -1.87
CA ILE A 23 4.27 -6.50 -2.54
C ILE A 23 2.96 -7.31 -2.88
N LEU A 24 3.15 -8.57 -3.35
CA LEU A 24 2.04 -9.47 -3.71
C LEU A 24 1.23 -9.96 -2.47
N LYS A 25 1.93 -10.42 -1.41
CA LYS A 25 1.28 -10.84 -0.14
C LYS A 25 0.66 -9.63 0.63
N ALA A 26 1.30 -8.44 0.72
CA ALA A 26 0.72 -7.27 1.40
C ALA A 26 -0.52 -6.70 0.66
N PHE A 27 -0.55 -6.57 -0.69
CA PHE A 27 -1.76 -6.09 -1.40
C PHE A 27 -2.91 -7.15 -1.33
N LYS A 28 -2.64 -8.46 -1.57
CA LYS A 28 -3.74 -9.47 -1.46
C LYS A 28 -4.25 -9.63 0.03
N LEU A 29 -3.41 -9.46 1.09
CA LEU A 29 -3.90 -9.47 2.49
C LEU A 29 -4.60 -8.10 2.87
N PHE A 30 -4.39 -6.94 2.17
CA PHE A 30 -5.16 -5.69 2.39
C PHE A 30 -6.67 -5.88 2.04
N ASP A 31 -6.94 -6.48 0.87
CA ASP A 31 -8.33 -6.69 0.40
C ASP A 31 -9.10 -7.86 1.15
N ASP A 32 -9.68 -7.68 2.37
CA ASP A 32 -10.55 -8.76 3.05
C ASP A 32 -11.59 -9.52 2.05
N ASP A 33 -11.96 -8.93 0.88
CA ASP A 33 -12.88 -9.54 -0.14
C ASP A 33 -12.11 -10.41 -1.20
N GLU A 34 -10.78 -10.22 -1.45
CA GLU A 34 -9.95 -10.97 -2.44
C GLU A 34 -10.16 -10.54 -3.95
N THR A 35 -10.78 -9.37 -4.17
CA THR A 35 -11.03 -8.76 -5.50
C THR A 35 -9.78 -7.91 -5.96
N GLY A 36 -8.95 -7.33 -5.06
CA GLY A 36 -7.74 -6.57 -5.46
C GLY A 36 -7.92 -5.13 -5.97
N LYS A 37 -8.26 -4.22 -5.06
CA LYS A 37 -8.44 -2.79 -5.36
C LYS A 37 -8.32 -1.95 -4.03
N ILE A 38 -7.24 -1.16 -3.85
CA ILE A 38 -7.07 -0.30 -2.62
C ILE A 38 -7.21 1.19 -3.03
N SER A 39 -8.03 1.87 -2.22
CA SER A 39 -8.25 3.32 -2.31
C SER A 39 -7.54 3.99 -1.06
N PHE A 40 -7.55 5.31 -1.06
CA PHE A 40 -6.94 6.18 0.03
C PHE A 40 -7.33 5.83 1.51
N LYS A 41 -8.62 5.53 1.71
CA LYS A 41 -9.21 5.16 3.03
C LYS A 41 -8.54 3.89 3.69
N ASN A 42 -8.33 2.78 2.93
CA ASN A 42 -7.60 1.59 3.53
C ASN A 42 -6.08 1.99 3.75
N LEU A 43 -5.43 2.88 2.94
CA LEU A 43 -4.05 3.40 3.23
C LEU A 43 -4.01 4.12 4.65
N LYS A 44 -5.09 4.85 5.05
CA LYS A 44 -5.27 5.45 6.40
C LYS A 44 -5.29 4.30 7.49
N ARG A 45 -6.03 3.18 7.28
CA ARG A 45 -5.99 2.00 8.21
C ARG A 45 -4.54 1.45 8.46
N VAL A 46 -3.76 1.22 7.38
CA VAL A 46 -2.32 0.75 7.45
C VAL A 46 -1.43 1.75 8.26
N ALA A 47 -1.55 3.07 7.99
CA ALA A 47 -0.82 4.11 8.76
C ALA A 47 -1.10 4.05 10.31
N LYS A 48 -2.38 3.89 10.73
CA LYS A 48 -2.76 3.73 12.16
C LYS A 48 -2.28 2.39 12.85
N GLU A 49 -2.60 1.23 12.24
CA GLU A 49 -2.34 -0.12 12.81
C GLU A 49 -0.94 -0.79 12.74
N LEU A 50 -0.02 -0.38 11.85
CA LEU A 50 1.31 -1.04 11.70
C LEU A 50 2.47 -0.46 12.55
N GLY A 51 3.15 0.55 12.01
CA GLY A 51 4.32 1.19 12.67
C GLY A 51 4.29 2.70 12.89
N GLU A 52 3.74 3.51 11.96
CA GLU A 52 3.68 4.99 12.13
C GLU A 52 2.57 5.69 11.29
N ASN A 53 1.75 6.56 11.93
CA ASN A 53 0.65 7.28 11.23
C ASN A 53 1.12 8.56 10.46
N LEU A 54 1.23 8.46 9.12
CA LEU A 54 1.62 9.61 8.26
C LEU A 54 0.46 10.64 8.03
N THR A 55 0.75 11.73 7.31
CA THR A 55 -0.26 12.78 7.03
C THR A 55 -0.90 12.55 5.64
N ASP A 56 -2.10 13.11 5.50
CA ASP A 56 -2.92 13.09 4.26
C ASP A 56 -2.17 13.29 2.89
N GLU A 57 -1.39 14.37 2.84
CA GLU A 57 -0.55 14.78 1.69
C GLU A 57 0.53 13.70 1.31
N GLU A 58 1.26 13.18 2.32
CA GLU A 58 2.27 12.08 2.16
C GLU A 58 1.63 10.78 1.54
N LEU A 59 0.51 10.26 2.12
CA LEU A 59 -0.25 9.12 1.57
C LEU A 59 -0.79 9.41 0.13
N GLN A 60 -1.19 10.68 -0.21
CA GLN A 60 -1.72 10.99 -1.55
C GLN A 60 -0.58 10.88 -2.63
N GLU A 61 0.68 11.29 -2.32
CA GLU A 61 1.84 11.06 -3.25
C GLU A 61 2.08 9.49 -3.40
N MET A 62 1.91 8.66 -2.34
CA MET A 62 1.96 7.15 -2.46
C MET A 62 0.84 6.66 -3.47
N ILE A 63 -0.41 7.21 -3.40
CA ILE A 63 -1.51 6.94 -4.38
C ILE A 63 -1.04 7.37 -5.80
N ASP A 64 -0.63 8.63 -5.98
CA ASP A 64 -0.19 9.19 -7.28
C ASP A 64 0.82 8.34 -8.10
N GLU A 65 1.80 7.74 -7.43
CA GLU A 65 2.75 6.81 -8.09
C GLU A 65 2.05 5.42 -8.35
N ALA A 66 1.38 4.82 -7.35
CA ALA A 66 0.65 3.52 -7.46
C ALA A 66 -0.53 3.44 -8.50
N ASP A 67 -1.31 4.53 -8.64
CA ASP A 67 -2.47 4.66 -9.55
C ASP A 67 -2.09 4.75 -11.10
N ARG A 68 -1.30 3.79 -11.66
CA ARG A 68 -0.93 3.77 -13.10
C ARG A 68 -2.11 3.91 -14.13
N ASP A 69 -3.33 3.44 -13.80
CA ASP A 69 -4.54 3.61 -14.66
C ASP A 69 -5.02 5.12 -14.66
N GLY A 70 -5.06 5.85 -13.50
CA GLY A 70 -5.43 7.30 -13.47
C GLY A 70 -6.63 7.88 -12.68
N ASP A 71 -7.56 7.11 -12.09
CA ASP A 71 -8.72 7.70 -11.33
C ASP A 71 -8.44 8.02 -9.81
N GLY A 72 -7.52 7.32 -9.12
CA GLY A 72 -7.19 7.54 -7.68
C GLY A 72 -7.20 6.30 -6.77
N GLU A 73 -6.95 5.09 -7.30
CA GLU A 73 -6.95 3.80 -6.54
C GLU A 73 -6.14 2.73 -7.37
N VAL A 74 -5.49 1.80 -6.66
CA VAL A 74 -4.56 0.78 -7.26
C VAL A 74 -5.30 -0.58 -7.40
N SER A 75 -5.36 -1.09 -8.64
CA SER A 75 -6.03 -2.36 -9.00
C SER A 75 -5.03 -3.55 -9.16
N GLU A 76 -5.60 -4.77 -9.31
CA GLU A 76 -4.83 -6.03 -9.54
C GLU A 76 -3.88 -5.94 -10.76
N GLN A 77 -4.27 -5.42 -11.92
CA GLN A 77 -3.34 -5.31 -13.06
C GLN A 77 -2.13 -4.35 -12.76
N GLU A 78 -2.28 -3.23 -12.04
CA GLU A 78 -1.11 -2.38 -11.68
C GLU A 78 -0.29 -2.94 -10.46
N PHE A 79 -0.83 -3.83 -9.59
CA PHE A 79 -0.12 -4.51 -8.49
C PHE A 79 0.95 -5.48 -9.07
N LEU A 80 0.52 -6.43 -9.92
CA LEU A 80 1.42 -7.42 -10.54
C LEU A 80 2.22 -6.86 -11.79
N ARG A 81 1.56 -6.33 -12.86
CA ARG A 81 2.26 -5.79 -14.06
C ARG A 81 2.88 -4.35 -14.01
N ILE A 82 2.47 -3.43 -13.08
CA ILE A 82 2.95 -2.01 -12.95
C ILE A 82 2.91 -1.08 -14.24
N PHE A 3 3.35 0.95 -3.20
CA PHE A 3 3.21 0.67 -1.73
C PHE A 3 4.50 0.10 -1.04
N GLY A 4 5.46 -0.56 -1.74
CA GLY A 4 6.72 -1.09 -1.12
C GLY A 4 7.50 -0.13 -0.18
N ASP A 5 7.59 1.14 -0.57
CA ASP A 5 8.22 2.23 0.22
C ASP A 5 7.41 2.48 1.56
N PHE A 6 6.07 2.67 1.49
CA PHE A 6 5.17 2.78 2.69
C PHE A 6 5.22 1.48 3.58
N LEU A 7 5.28 0.28 2.96
CA LEU A 7 5.42 -1.01 3.67
C LEU A 7 6.79 -1.11 4.41
N THR A 8 7.93 -0.87 3.73
CA THR A 8 9.29 -0.85 4.37
C THR A 8 9.39 0.19 5.56
N VAL A 9 8.78 1.38 5.39
CA VAL A 9 8.70 2.44 6.44
C VAL A 9 7.97 1.94 7.74
N MET A 10 6.83 1.24 7.59
CA MET A 10 6.11 0.61 8.74
C MET A 10 6.87 -0.65 9.33
N THR A 11 7.34 -1.53 8.42
CA THR A 11 8.11 -2.79 8.72
C THR A 11 9.42 -2.56 9.54
N GLN A 12 10.29 -1.58 9.21
CA GLN A 12 11.54 -1.30 10.00
C GLN A 12 11.35 -1.07 11.54
N LYS A 13 10.17 -0.61 12.00
CA LYS A 13 9.87 -0.42 13.45
C LYS A 13 8.92 -1.53 14.07
N MET A 14 8.60 -2.64 13.37
CA MET A 14 7.71 -3.73 13.89
C MET A 14 8.22 -5.15 13.53
N SER A 15 8.13 -5.61 12.25
CA SER A 15 8.56 -6.96 11.80
C SER A 15 8.72 -7.04 10.24
N GLU A 16 9.12 -8.22 9.70
CA GLU A 16 9.31 -8.48 8.23
C GLU A 16 10.50 -7.70 7.55
N LYS A 17 10.91 -8.16 6.35
CA LYS A 17 12.03 -7.57 5.56
C LYS A 17 11.99 -8.03 4.04
N ASP A 18 13.07 -7.77 3.27
CA ASP A 18 13.23 -8.16 1.83
C ASP A 18 12.34 -7.37 0.79
N THR A 19 12.76 -7.42 -0.49
CA THR A 19 12.09 -6.75 -1.64
C THR A 19 11.77 -7.82 -2.74
N LYS A 20 10.51 -7.86 -3.22
CA LYS A 20 9.91 -8.81 -4.23
C LYS A 20 9.09 -9.94 -3.47
N GLU A 21 8.02 -10.60 -4.04
CA GLU A 21 7.14 -11.59 -3.26
C GLU A 21 6.28 -10.83 -2.16
N GLU A 22 6.96 -10.13 -1.23
CA GLU A 22 6.42 -9.23 -0.18
C GLU A 22 5.35 -8.22 -0.73
N ILE A 23 5.60 -7.60 -1.92
CA ILE A 23 4.64 -6.66 -2.56
C ILE A 23 3.28 -7.36 -2.91
N LEU A 24 3.33 -8.58 -3.50
CA LEU A 24 2.08 -9.32 -3.81
C LEU A 24 1.34 -9.84 -2.55
N LYS A 25 2.06 -10.38 -1.54
CA LYS A 25 1.43 -10.82 -0.27
C LYS A 25 0.87 -9.61 0.55
N ALA A 26 1.58 -8.47 0.71
CA ALA A 26 1.05 -7.30 1.45
C ALA A 26 -0.19 -6.63 0.79
N PHE A 27 -0.22 -6.42 -0.55
CA PHE A 27 -1.43 -5.87 -1.21
C PHE A 27 -2.61 -6.89 -1.21
N LYS A 28 -2.37 -8.20 -1.50
CA LYS A 28 -3.48 -9.18 -1.48
C LYS A 28 -4.09 -9.31 -0.04
N LEU A 29 -3.31 -9.28 1.09
CA LEU A 29 -3.89 -9.27 2.46
C LEU A 29 -4.63 -7.91 2.77
N PHE A 30 -4.20 -6.76 2.18
CA PHE A 30 -4.90 -5.44 2.27
C PHE A 30 -6.41 -5.52 1.83
N ASP A 31 -6.68 -6.28 0.75
CA ASP A 31 -8.05 -6.53 0.21
C ASP A 31 -8.51 -7.95 0.77
N ASP A 32 -9.02 -8.15 2.03
CA ASP A 32 -9.46 -9.50 2.54
C ASP A 32 -10.49 -10.31 1.64
N ASP A 33 -11.19 -9.72 0.64
CA ASP A 33 -12.08 -10.48 -0.29
C ASP A 33 -11.27 -11.09 -1.51
N GLU A 34 -9.90 -10.95 -1.60
CA GLU A 34 -9.02 -11.51 -2.68
C GLU A 34 -9.13 -10.93 -4.14
N THR A 35 -10.03 -9.96 -4.36
CA THR A 35 -10.21 -9.23 -5.64
C THR A 35 -8.98 -8.31 -5.94
N GLY A 36 -8.47 -7.62 -4.91
CA GLY A 36 -7.31 -6.72 -5.01
C GLY A 36 -7.64 -5.28 -5.43
N LYS A 37 -8.29 -4.51 -4.56
CA LYS A 37 -8.63 -3.09 -4.85
C LYS A 37 -8.41 -2.19 -3.58
N ILE A 38 -7.38 -1.31 -3.59
CA ILE A 38 -7.10 -0.40 -2.43
C ILE A 38 -7.28 1.08 -2.89
N SER A 39 -8.00 1.82 -2.05
CA SER A 39 -8.20 3.28 -2.20
C SER A 39 -7.44 4.00 -1.02
N PHE A 40 -7.28 5.33 -1.12
CA PHE A 40 -6.60 6.19 -0.08
C PHE A 40 -7.06 5.97 1.40
N LYS A 41 -8.38 5.87 1.55
CA LYS A 41 -9.07 5.65 2.83
C LYS A 41 -8.55 4.37 3.61
N ASN A 42 -8.34 3.21 2.93
CA ASN A 42 -7.74 2.02 3.60
C ASN A 42 -6.21 2.33 3.94
N LEU A 43 -5.42 3.08 3.11
CA LEU A 43 -4.03 3.54 3.47
C LEU A 43 -4.05 4.29 4.86
N LYS A 44 -5.01 5.21 5.11
CA LYS A 44 -5.22 5.88 6.43
C LYS A 44 -5.43 4.84 7.59
N ARG A 45 -6.35 3.86 7.38
CA ARG A 45 -6.56 2.74 8.37
C ARG A 45 -5.24 1.94 8.63
N VAL A 46 -4.55 1.47 7.56
CA VAL A 46 -3.24 0.72 7.67
C VAL A 46 -2.08 1.59 8.23
N ALA A 47 -2.06 2.91 7.96
CA ALA A 47 -1.07 3.86 8.53
C ALA A 47 -1.16 3.82 10.09
N LYS A 48 -2.34 4.06 10.72
CA LYS A 48 -2.47 3.94 12.20
C LYS A 48 -2.44 2.45 12.74
N GLU A 49 -2.77 1.41 11.93
CA GLU A 49 -2.75 -0.03 12.35
C GLU A 49 -1.35 -0.75 12.37
N LEU A 50 -0.41 -0.40 11.48
CA LEU A 50 0.93 -1.03 11.40
C LEU A 50 1.84 -0.66 12.60
N GLY A 51 2.43 0.54 12.58
CA GLY A 51 3.31 0.97 13.70
C GLY A 51 4.00 2.35 13.67
N GLU A 52 4.45 2.81 12.50
CA GLU A 52 5.16 4.14 12.39
C GLU A 52 4.78 4.81 11.04
N ASN A 53 3.77 5.71 11.05
CA ASN A 53 3.27 6.36 9.81
C ASN A 53 3.64 7.86 9.59
N LEU A 54 3.34 8.31 8.35
CA LEU A 54 3.58 9.70 7.90
C LEU A 54 2.28 10.57 8.07
N THR A 55 1.77 11.17 6.98
CA THR A 55 0.56 12.02 6.96
C THR A 55 -0.21 11.73 5.63
N ASP A 56 -1.42 12.30 5.62
CA ASP A 56 -2.37 12.29 4.48
C ASP A 56 -1.74 12.48 3.05
N GLU A 57 -0.99 13.58 2.91
CA GLU A 57 -0.26 13.97 1.68
C GLU A 57 0.79 12.90 1.21
N GLU A 58 1.58 12.30 2.14
CA GLU A 58 2.54 11.19 1.82
C GLU A 58 1.76 9.96 1.24
N LEU A 59 0.67 9.46 1.88
CA LEU A 59 -0.18 8.40 1.34
C LEU A 59 -0.77 8.73 -0.08
N GLN A 60 -1.24 9.98 -0.33
CA GLN A 60 -1.75 10.33 -1.67
C GLN A 60 -0.61 10.26 -2.76
N GLU A 61 0.67 10.60 -2.44
CA GLU A 61 1.82 10.38 -3.38
C GLU A 61 2.03 8.82 -3.62
N MET A 62 1.87 7.96 -2.57
CA MET A 62 1.89 6.48 -2.69
C MET A 62 0.75 5.96 -3.66
N ILE A 63 -0.43 6.62 -3.68
CA ILE A 63 -1.53 6.33 -4.64
C ILE A 63 -1.04 6.74 -6.06
N ASP A 64 -0.65 8.00 -6.32
CA ASP A 64 -0.17 8.44 -7.68
C ASP A 64 0.96 7.50 -8.23
N GLU A 65 2.01 7.17 -7.45
CA GLU A 65 3.04 6.19 -7.93
C GLU A 65 2.45 4.75 -8.24
N ALA A 66 1.49 4.24 -7.43
CA ALA A 66 0.78 2.95 -7.65
C ALA A 66 -0.26 2.94 -8.84
N ASP A 67 -1.13 3.95 -8.95
CA ASP A 67 -2.19 4.11 -9.99
C ASP A 67 -1.73 4.55 -11.43
N ARG A 68 -0.55 4.14 -11.94
CA ARG A 68 -0.05 4.62 -13.26
C ARG A 68 -0.96 4.44 -14.52
N ASP A 69 -1.81 3.40 -14.56
CA ASP A 69 -2.82 3.20 -15.62
C ASP A 69 -4.26 3.07 -14.96
N GLY A 70 -4.62 3.86 -13.90
CA GLY A 70 -5.97 3.80 -13.28
C GLY A 70 -6.61 5.21 -13.20
N ASP A 71 -6.42 5.97 -12.09
CA ASP A 71 -7.00 7.35 -11.87
C ASP A 71 -6.81 7.80 -10.36
N GLY A 72 -7.18 6.94 -9.39
CA GLY A 72 -7.07 7.27 -7.93
C GLY A 72 -7.26 6.14 -6.87
N GLU A 73 -7.30 4.87 -7.30
CA GLU A 73 -7.42 3.66 -6.44
C GLU A 73 -6.79 2.53 -7.34
N VAL A 74 -6.02 1.63 -6.70
CA VAL A 74 -5.17 0.61 -7.40
C VAL A 74 -5.81 -0.79 -7.46
N SER A 75 -5.99 -1.29 -8.68
CA SER A 75 -6.51 -2.65 -8.97
C SER A 75 -5.29 -3.59 -9.29
N GLU A 76 -5.57 -4.91 -9.31
CA GLU A 76 -4.48 -5.92 -9.55
C GLU A 76 -3.63 -5.71 -10.84
N GLN A 77 -4.14 -5.31 -12.01
CA GLN A 77 -3.25 -5.06 -13.20
C GLN A 77 -2.20 -3.91 -12.97
N GLU A 78 -2.53 -2.72 -12.43
CA GLU A 78 -1.52 -1.67 -12.14
C GLU A 78 -0.56 -2.06 -10.95
N PHE A 79 -0.98 -2.97 -10.03
CA PHE A 79 -0.17 -3.50 -8.91
C PHE A 79 1.03 -4.36 -9.37
N LEU A 80 0.74 -5.42 -10.13
CA LEU A 80 1.78 -6.36 -10.62
C LEU A 80 2.56 -5.84 -11.88
N ARG A 81 1.96 -5.11 -12.84
CA ARG A 81 2.68 -4.56 -14.02
C ARG A 81 3.54 -3.31 -13.63
N ILE A 82 2.96 -2.20 -13.07
CA ILE A 82 3.64 -0.91 -12.65
C ILE A 82 4.61 -0.21 -13.67
N PHE A 3 4.76 -0.13 -2.48
CA PHE A 3 4.32 -0.78 -1.19
C PHE A 3 5.46 -1.20 -0.19
N GLY A 4 6.53 -1.91 -0.62
CA GLY A 4 7.68 -2.29 0.26
C GLY A 4 8.31 -1.14 1.09
N ASP A 5 8.49 0.03 0.45
CA ASP A 5 8.96 1.28 1.09
C ASP A 5 7.97 1.76 2.23
N PHE A 6 6.64 1.79 1.96
CA PHE A 6 5.59 2.10 3.00
C PHE A 6 5.63 1.10 4.22
N LEU A 7 5.91 -0.20 3.96
CA LEU A 7 6.08 -1.23 5.01
C LEU A 7 7.36 -0.94 5.87
N THR A 8 8.53 -0.77 5.21
CA THR A 8 9.81 -0.39 5.90
C THR A 8 9.69 0.93 6.77
N VAL A 9 9.00 1.95 6.24
CA VAL A 9 8.69 3.25 6.94
C VAL A 9 7.82 3.02 8.23
N MET A 10 6.79 2.18 8.11
CA MET A 10 5.88 1.79 9.24
C MET A 10 6.56 0.98 10.38
N THR A 11 7.41 -0.02 10.05
CA THR A 11 8.23 -0.76 11.04
C THR A 11 9.27 0.25 11.58
N GLN A 12 10.13 0.88 10.72
CA GLN A 12 11.21 1.84 11.15
C GLN A 12 12.33 1.24 12.09
N LYS A 13 12.08 0.02 12.59
CA LYS A 13 12.98 -0.72 13.51
C LYS A 13 12.92 -2.20 13.02
N MET A 14 13.83 -2.55 12.09
CA MET A 14 13.93 -3.88 11.41
C MET A 14 13.03 -3.82 10.13
N SER A 15 13.65 -3.95 8.93
CA SER A 15 12.92 -3.89 7.64
C SER A 15 11.97 -5.07 7.28
N GLU A 16 12.38 -6.35 7.52
CA GLU A 16 11.61 -7.61 7.20
C GLU A 16 11.22 -7.83 5.69
N LYS A 17 10.64 -6.84 5.00
CA LYS A 17 10.27 -6.89 3.56
C LYS A 17 11.16 -5.85 2.77
N ASP A 18 11.46 -6.13 1.48
CA ASP A 18 12.31 -5.22 0.65
C ASP A 18 11.37 -4.34 -0.26
N THR A 19 11.21 -4.69 -1.56
CA THR A 19 10.33 -3.99 -2.56
C THR A 19 10.14 -4.86 -3.88
N LYS A 20 10.01 -6.19 -3.71
CA LYS A 20 9.83 -7.18 -4.82
C LYS A 20 9.11 -8.51 -4.33
N GLU A 21 8.26 -9.28 -5.10
CA GLU A 21 7.51 -10.49 -4.53
C GLU A 21 6.45 -10.05 -3.43
N GLU A 22 6.95 -9.44 -2.34
CA GLU A 22 6.22 -8.81 -1.23
C GLU A 22 5.15 -7.80 -1.72
N ILE A 23 5.32 -7.07 -2.88
CA ILE A 23 4.20 -6.22 -3.42
C ILE A 23 2.88 -7.06 -3.62
N LEU A 24 3.01 -8.31 -4.14
CA LEU A 24 1.86 -9.21 -4.34
C LEU A 24 1.23 -9.68 -3.00
N LYS A 25 2.04 -10.11 -2.00
CA LYS A 25 1.52 -10.47 -0.66
C LYS A 25 0.92 -9.21 0.07
N ALA A 26 1.59 -8.04 0.10
CA ALA A 26 1.05 -6.81 0.73
C ALA A 26 -0.30 -6.33 0.14
N PHE A 27 -0.48 -6.27 -1.21
CA PHE A 27 -1.79 -5.87 -1.78
C PHE A 27 -2.87 -6.96 -1.52
N LYS A 28 -2.57 -8.26 -1.71
CA LYS A 28 -3.58 -9.33 -1.46
C LYS A 28 -4.00 -9.45 0.05
N LEU A 29 -3.11 -9.21 1.06
CA LEU A 29 -3.55 -9.15 2.49
C LEU A 29 -4.32 -7.82 2.82
N PHE A 30 -4.02 -6.70 2.10
CA PHE A 30 -4.79 -5.43 2.22
C PHE A 30 -6.32 -5.61 1.91
N ASP A 31 -6.66 -6.46 0.91
CA ASP A 31 -8.06 -6.74 0.51
C ASP A 31 -8.90 -7.65 1.51
N ASP A 32 -9.11 -7.28 2.80
CA ASP A 32 -10.06 -8.04 3.71
C ASP A 32 -11.56 -8.15 3.12
N ASP A 33 -11.93 -7.34 2.11
CA ASP A 33 -13.22 -7.34 1.39
C ASP A 33 -13.27 -8.34 0.17
N GLU A 34 -12.10 -8.81 -0.36
CA GLU A 34 -11.99 -9.75 -1.53
C GLU A 34 -12.38 -9.14 -2.94
N THR A 35 -12.39 -7.81 -3.01
CA THR A 35 -12.69 -7.00 -4.23
C THR A 35 -11.41 -6.83 -5.10
N GLY A 36 -10.22 -6.60 -4.49
CA GLY A 36 -8.97 -6.40 -5.27
C GLY A 36 -8.68 -4.95 -5.72
N LYS A 37 -8.88 -3.96 -4.84
CA LYS A 37 -8.63 -2.53 -5.14
C LYS A 37 -8.26 -1.76 -3.84
N ILE A 38 -7.07 -1.14 -3.73
CA ILE A 38 -6.71 -0.32 -2.51
C ILE A 38 -6.95 1.16 -2.94
N SER A 39 -7.86 1.75 -2.16
CA SER A 39 -8.21 3.18 -2.25
C SER A 39 -7.43 3.93 -1.09
N PHE A 40 -7.32 5.26 -1.18
CA PHE A 40 -6.64 6.12 -0.14
C PHE A 40 -7.13 5.91 1.34
N LYS A 41 -8.45 5.72 1.55
CA LYS A 41 -9.05 5.48 2.88
C LYS A 41 -8.52 4.13 3.53
N ASN A 42 -8.35 3.03 2.76
CA ASN A 42 -7.73 1.77 3.31
C ASN A 42 -6.22 2.06 3.66
N LEU A 43 -5.45 2.89 2.88
CA LEU A 43 -4.07 3.33 3.25
C LEU A 43 -4.05 3.92 4.70
N LYS A 44 -5.02 4.81 5.04
CA LYS A 44 -5.23 5.36 6.42
C LYS A 44 -5.43 4.22 7.47
N ARG A 45 -6.32 3.22 7.21
CA ARG A 45 -6.50 2.05 8.14
C ARG A 45 -5.13 1.34 8.46
N VAL A 46 -4.39 0.93 7.41
CA VAL A 46 -3.06 0.24 7.56
C VAL A 46 -1.96 1.20 8.12
N ALA A 47 -1.94 2.49 7.75
CA ALA A 47 -0.97 3.46 8.31
C ALA A 47 -1.05 3.59 9.87
N LYS A 48 -2.25 3.68 10.47
CA LYS A 48 -2.40 3.70 11.96
C LYS A 48 -2.32 2.26 12.60
N GLU A 49 -2.68 1.16 11.91
CA GLU A 49 -2.59 -0.24 12.44
C GLU A 49 -1.18 -0.92 12.40
N LEU A 50 -0.27 -0.54 11.49
CA LEU A 50 1.08 -1.12 11.34
C LEU A 50 2.02 -0.89 12.56
N GLY A 51 2.50 0.34 12.71
CA GLY A 51 3.42 0.70 13.83
C GLY A 51 3.80 2.18 14.00
N GLU A 52 4.04 2.94 12.92
CA GLU A 52 4.44 4.36 13.01
C GLU A 52 3.75 5.12 11.83
N ASN A 53 2.67 5.88 12.14
CA ASN A 53 1.89 6.64 11.13
C ASN A 53 2.66 7.85 10.51
N LEU A 54 2.55 8.02 9.18
CA LEU A 54 3.23 9.13 8.44
C LEU A 54 2.23 10.32 8.27
N THR A 55 1.79 10.71 7.06
CA THR A 55 0.81 11.82 6.88
C THR A 55 -0.04 11.64 5.58
N ASP A 56 -1.21 12.33 5.61
CA ASP A 56 -2.23 12.30 4.49
C ASP A 56 -1.61 12.58 3.06
N GLU A 57 -0.74 13.60 2.98
CA GLU A 57 -0.01 14.00 1.75
C GLU A 57 0.95 12.88 1.20
N GLU A 58 1.77 12.25 2.08
CA GLU A 58 2.68 11.11 1.71
C GLU A 58 1.89 9.90 1.07
N LEU A 59 0.80 9.44 1.73
CA LEU A 59 -0.09 8.38 1.22
C LEU A 59 -0.70 8.75 -0.18
N GLN A 60 -1.11 10.04 -0.42
CA GLN A 60 -1.67 10.43 -1.73
C GLN A 60 -0.58 10.40 -2.86
N GLU A 61 0.71 10.76 -2.61
CA GLU A 61 1.78 10.57 -3.66
C GLU A 61 1.95 9.04 -3.97
N MET A 62 1.85 8.11 -2.97
CA MET A 62 1.82 6.63 -3.20
C MET A 62 0.68 6.22 -4.21
N ILE A 63 -0.54 6.78 -4.01
CA ILE A 63 -1.71 6.62 -4.93
C ILE A 63 -1.34 7.20 -6.34
N ASP A 64 -0.89 8.47 -6.43
CA ASP A 64 -0.51 9.10 -7.72
C ASP A 64 0.46 8.26 -8.64
N GLU A 65 1.47 7.62 -8.03
CA GLU A 65 2.39 6.70 -8.77
C GLU A 65 1.68 5.35 -9.22
N ALA A 66 0.89 4.76 -8.31
CA ALA A 66 0.12 3.50 -8.49
C ALA A 66 -1.21 3.53 -9.34
N ASP A 67 -1.91 4.67 -9.40
CA ASP A 67 -3.21 4.88 -10.09
C ASP A 67 -3.15 5.28 -11.62
N ARG A 68 -2.12 4.88 -12.39
CA ARG A 68 -1.95 5.30 -13.81
C ARG A 68 -3.14 5.10 -14.81
N ASP A 69 -3.87 3.98 -14.69
CA ASP A 69 -5.05 3.67 -15.53
C ASP A 69 -6.42 4.13 -14.88
N GLY A 70 -6.52 4.91 -13.76
CA GLY A 70 -7.82 5.30 -13.19
C GLY A 70 -7.82 6.76 -12.60
N ASP A 71 -8.65 7.04 -11.59
CA ASP A 71 -8.79 8.39 -10.96
C ASP A 71 -8.53 8.45 -9.39
N GLY A 72 -8.25 7.34 -8.65
CA GLY A 72 -8.02 7.41 -7.17
C GLY A 72 -7.89 6.07 -6.37
N GLU A 73 -7.57 4.94 -7.02
CA GLU A 73 -7.42 3.61 -6.38
C GLU A 73 -6.56 2.67 -7.29
N VAL A 74 -5.84 1.73 -6.67
CA VAL A 74 -4.91 0.79 -7.38
C VAL A 74 -5.65 -0.56 -7.54
N SER A 75 -5.79 -1.00 -8.80
CA SER A 75 -6.48 -2.27 -9.14
C SER A 75 -5.55 -3.48 -9.41
N GLU A 76 -6.13 -4.68 -9.60
CA GLU A 76 -5.39 -5.94 -9.90
C GLU A 76 -4.40 -5.81 -11.11
N GLN A 77 -4.79 -5.22 -12.26
CA GLN A 77 -3.86 -4.96 -13.38
C GLN A 77 -2.67 -4.02 -12.98
N GLU A 78 -2.85 -2.93 -12.20
CA GLU A 78 -1.72 -2.06 -11.73
C GLU A 78 -0.84 -2.71 -10.58
N PHE A 79 -1.38 -3.71 -9.87
CA PHE A 79 -0.67 -4.52 -8.85
C PHE A 79 0.44 -5.37 -9.55
N LEU A 80 0.04 -6.20 -10.54
CA LEU A 80 1.01 -7.03 -11.31
C LEU A 80 1.77 -6.22 -12.45
N ARG A 81 1.09 -5.48 -13.35
CA ARG A 81 1.75 -4.68 -14.43
C ARG A 81 2.35 -3.25 -14.04
N ILE A 82 1.83 -2.52 -13.02
CA ILE A 82 2.26 -1.16 -12.49
C ILE A 82 2.48 0.02 -13.50
N PHE A 3 3.26 -1.02 -2.93
CA PHE A 3 2.98 -1.33 -1.49
C PHE A 3 4.27 -1.68 -0.67
N GLY A 4 5.33 -2.28 -1.27
CA GLY A 4 6.63 -2.50 -0.55
C GLY A 4 7.26 -1.21 0.02
N ASP A 5 7.21 -0.10 -0.75
CA ASP A 5 7.68 1.25 -0.30
C ASP A 5 6.85 1.76 0.95
N PHE A 6 5.50 1.77 0.88
CA PHE A 6 4.59 2.13 2.03
C PHE A 6 4.86 1.22 3.31
N LEU A 7 4.97 -0.11 3.12
CA LEU A 7 5.32 -1.07 4.20
C LEU A 7 6.73 -0.79 4.78
N THR A 8 7.77 -0.63 3.93
CA THR A 8 9.16 -0.29 4.36
C THR A 8 9.21 1.06 5.15
N VAL A 9 8.43 2.08 4.72
CA VAL A 9 8.30 3.40 5.41
C VAL A 9 7.83 3.22 6.88
N MET A 10 6.76 2.43 7.13
CA MET A 10 6.32 2.14 8.55
C MET A 10 7.32 1.15 9.28
N THR A 11 7.79 0.10 8.58
CA THR A 11 8.76 -0.93 9.11
C THR A 11 10.16 -0.32 9.51
N GLN A 12 10.80 0.55 8.71
CA GLN A 12 12.10 1.21 9.06
C GLN A 12 12.15 1.87 10.48
N LYS A 13 11.03 2.48 10.94
CA LYS A 13 10.93 3.09 12.29
C LYS A 13 10.27 2.13 13.37
N MET A 14 9.66 0.98 13.01
CA MET A 14 9.02 0.03 13.98
C MET A 14 9.22 -1.48 13.59
N SER A 15 10.48 -1.96 13.58
CA SER A 15 10.86 -3.39 13.28
C SER A 15 10.44 -4.01 11.88
N GLU A 16 10.86 -5.28 11.63
CA GLU A 16 10.59 -6.07 10.38
C GLU A 16 11.47 -5.65 9.13
N LYS A 17 11.32 -6.40 8.01
CA LYS A 17 12.07 -6.17 6.73
C LYS A 17 11.20 -6.30 5.43
N ASP A 18 11.72 -5.78 4.29
CA ASP A 18 11.01 -5.82 2.97
C ASP A 18 11.93 -6.45 1.84
N THR A 19 11.88 -5.93 0.58
CA THR A 19 12.68 -6.37 -0.61
C THR A 19 11.97 -7.56 -1.38
N LYS A 20 11.22 -7.19 -2.45
CA LYS A 20 10.44 -8.09 -3.37
C LYS A 20 9.49 -9.21 -2.76
N GLU A 21 8.51 -9.86 -3.47
CA GLU A 21 7.50 -10.80 -2.83
C GLU A 21 6.49 -10.05 -1.85
N GLU A 22 6.97 -9.13 -0.97
CA GLU A 22 6.14 -8.25 -0.09
C GLU A 22 5.05 -7.47 -0.89
N ILE A 23 5.28 -7.03 -2.16
CA ILE A 23 4.20 -6.38 -2.97
C ILE A 23 2.99 -7.37 -3.11
N LEU A 24 3.22 -8.64 -3.49
CA LEU A 24 2.12 -9.63 -3.59
C LEU A 24 1.49 -10.00 -2.21
N LYS A 25 2.28 -10.23 -1.15
CA LYS A 25 1.70 -10.50 0.19
C LYS A 25 0.95 -9.25 0.78
N ALA A 26 1.50 -8.01 0.75
CA ALA A 26 0.77 -6.85 1.32
C ALA A 26 -0.53 -6.48 0.57
N PHE A 27 -0.55 -6.44 -0.78
CA PHE A 27 -1.80 -6.13 -1.51
C PHE A 27 -2.83 -7.30 -1.41
N LYS A 28 -2.42 -8.58 -1.61
CA LYS A 28 -3.41 -9.68 -1.51
C LYS A 28 -3.95 -9.85 -0.04
N LEU A 29 -3.19 -9.61 1.08
CA LEU A 29 -3.80 -9.62 2.44
C LEU A 29 -4.78 -8.42 2.64
N PHE A 30 -4.50 -7.24 2.02
CA PHE A 30 -5.39 -6.06 2.02
C PHE A 30 -6.82 -6.32 1.42
N ASP A 31 -6.92 -7.03 0.27
CA ASP A 31 -8.23 -7.34 -0.36
C ASP A 31 -8.80 -8.75 0.13
N ASP A 32 -9.10 -9.01 1.45
CA ASP A 32 -9.67 -10.33 1.93
C ASP A 32 -10.97 -10.88 1.19
N ASP A 33 -11.76 -10.06 0.43
CA ASP A 33 -12.94 -10.57 -0.35
C ASP A 33 -12.52 -11.04 -1.80
N GLU A 34 -11.25 -10.88 -2.28
CA GLU A 34 -10.76 -11.34 -3.62
C GLU A 34 -11.38 -10.55 -4.85
N THR A 35 -11.19 -9.26 -4.75
CA THR A 35 -11.63 -8.22 -5.73
C THR A 35 -10.37 -7.48 -6.31
N GLY A 36 -9.38 -7.15 -5.44
CA GLY A 36 -8.14 -6.47 -5.84
C GLY A 36 -8.22 -4.96 -6.11
N LYS A 37 -8.81 -4.17 -5.19
CA LYS A 37 -8.94 -2.69 -5.35
C LYS A 37 -8.75 -1.98 -3.97
N ILE A 38 -7.64 -1.26 -3.74
CA ILE A 38 -7.40 -0.49 -2.47
C ILE A 38 -7.48 1.02 -2.84
N SER A 39 -8.31 1.74 -2.09
CA SER A 39 -8.46 3.20 -2.24
C SER A 39 -7.62 3.94 -1.12
N PHE A 40 -7.42 5.27 -1.27
CA PHE A 40 -6.69 6.13 -0.26
C PHE A 40 -7.19 5.98 1.22
N LYS A 41 -8.51 5.84 1.37
CA LYS A 41 -9.18 5.67 2.67
C LYS A 41 -8.67 4.39 3.44
N ASN A 42 -8.61 3.22 2.75
CA ASN A 42 -8.08 1.97 3.39
C ASN A 42 -6.52 2.11 3.65
N LEU A 43 -5.73 2.87 2.84
CA LEU A 43 -4.28 3.14 3.11
C LEU A 43 -4.10 3.91 4.46
N LYS A 44 -4.91 4.95 4.80
CA LYS A 44 -4.77 5.61 6.15
C LYS A 44 -5.21 4.61 7.30
N ARG A 45 -6.21 3.70 7.08
CA ARG A 45 -6.52 2.63 8.09
C ARG A 45 -5.23 1.77 8.38
N VAL A 46 -4.56 1.21 7.33
CA VAL A 46 -3.31 0.42 7.56
C VAL A 46 -2.15 1.31 8.13
N ALA A 47 -2.05 2.60 7.77
CA ALA A 47 -1.07 3.56 8.34
C ALA A 47 -1.15 3.59 9.92
N LYS A 48 -2.39 3.60 10.50
CA LYS A 48 -2.58 3.45 11.98
C LYS A 48 -2.10 2.01 12.47
N GLU A 49 -2.49 0.94 11.76
CA GLU A 49 -2.16 -0.48 12.07
C GLU A 49 -0.72 -1.05 11.78
N LEU A 50 0.02 -0.58 10.76
CA LEU A 50 1.39 -1.05 10.39
C LEU A 50 2.45 -0.97 11.54
N GLY A 51 2.79 0.27 11.85
CA GLY A 51 3.80 0.62 12.89
C GLY A 51 3.65 2.05 13.47
N GLU A 52 3.54 3.11 12.64
CA GLU A 52 3.38 4.51 13.12
C GLU A 52 2.52 5.33 12.12
N ASN A 53 1.67 6.25 12.61
CA ASN A 53 0.84 7.11 11.75
C ASN A 53 1.65 8.32 11.22
N LEU A 54 1.90 8.36 9.90
CA LEU A 54 2.67 9.46 9.26
C LEU A 54 1.68 10.63 8.91
N THR A 55 1.39 11.00 7.64
CA THR A 55 0.41 12.08 7.33
C THR A 55 -0.24 11.84 5.94
N ASP A 56 -1.41 12.46 5.80
CA ASP A 56 -2.25 12.50 4.57
C ASP A 56 -1.51 12.69 3.21
N GLU A 57 -0.63 13.70 3.20
CA GLU A 57 0.22 14.09 2.05
C GLU A 57 1.25 12.96 1.66
N GLU A 58 1.92 12.31 2.65
CA GLU A 58 2.84 11.14 2.40
C GLU A 58 2.07 9.97 1.70
N LEU A 59 0.93 9.50 2.30
CA LEU A 59 0.05 8.48 1.69
C LEU A 59 -0.46 8.88 0.27
N GLN A 60 -0.73 10.20 0.00
CA GLN A 60 -1.22 10.65 -1.32
C GLN A 60 -0.09 10.55 -2.40
N GLU A 61 1.21 10.84 -2.08
CA GLU A 61 2.33 10.62 -3.04
C GLU A 61 2.46 9.08 -3.39
N MET A 62 2.27 8.16 -2.40
CA MET A 62 2.22 6.69 -2.66
C MET A 62 0.98 6.30 -3.59
N ILE A 63 -0.18 6.98 -3.44
CA ILE A 63 -1.36 6.81 -4.34
C ILE A 63 -0.99 7.24 -5.79
N ASP A 64 -0.48 8.47 -5.98
CA ASP A 64 -0.09 8.99 -7.33
C ASP A 64 0.91 8.08 -8.11
N GLU A 65 1.92 7.49 -7.46
CA GLU A 65 2.80 6.49 -8.14
C GLU A 65 2.02 5.15 -8.50
N ALA A 66 1.12 4.67 -7.62
CA ALA A 66 0.29 3.45 -7.81
C ALA A 66 -0.96 3.51 -8.76
N ASP A 67 -1.75 4.60 -8.71
CA ASP A 67 -3.02 4.83 -9.47
C ASP A 67 -2.85 5.15 -11.01
N ARG A 68 -2.15 4.31 -11.82
CA ARG A 68 -1.92 4.55 -13.26
C ARG A 68 -3.13 4.85 -14.19
N ASP A 69 -4.35 4.38 -13.88
CA ASP A 69 -5.57 4.73 -14.64
C ASP A 69 -6.09 6.16 -14.19
N GLY A 70 -6.09 6.53 -12.87
CA GLY A 70 -6.51 7.88 -12.42
C GLY A 70 -7.77 8.00 -11.50
N ASP A 71 -7.71 8.82 -10.42
CA ASP A 71 -8.80 9.14 -9.44
C ASP A 71 -8.30 8.87 -7.98
N GLY A 72 -7.94 7.62 -7.63
CA GLY A 72 -7.45 7.31 -6.27
C GLY A 72 -7.62 5.87 -5.72
N GLU A 73 -7.42 4.84 -6.56
CA GLU A 73 -7.49 3.41 -6.14
C GLU A 73 -6.60 2.54 -7.06
N VAL A 74 -5.89 1.59 -6.44
CA VAL A 74 -4.90 0.70 -7.12
C VAL A 74 -5.57 -0.67 -7.40
N SER A 75 -5.58 -1.07 -8.68
CA SER A 75 -6.19 -2.35 -9.12
C SER A 75 -5.12 -3.48 -9.33
N GLU A 76 -5.58 -4.72 -9.56
CA GLU A 76 -4.68 -5.91 -9.80
C GLU A 76 -3.65 -5.71 -10.93
N GLN A 77 -4.04 -5.25 -12.13
CA GLN A 77 -3.05 -4.98 -13.21
C GLN A 77 -1.96 -3.90 -12.83
N GLU A 78 -2.30 -2.85 -12.05
CA GLU A 78 -1.29 -1.84 -11.56
C GLU A 78 -0.46 -2.37 -10.33
N PHE A 79 -0.95 -3.36 -9.56
CA PHE A 79 -0.25 -4.02 -8.44
C PHE A 79 0.99 -4.80 -8.96
N LEU A 80 0.76 -5.73 -9.91
CA LEU A 80 1.84 -6.56 -10.51
C LEU A 80 2.63 -5.78 -11.63
N ARG A 81 1.98 -5.16 -12.66
CA ARG A 81 2.70 -4.40 -13.73
C ARG A 81 3.17 -2.93 -13.42
N ILE A 82 2.46 -2.09 -12.61
CA ILE A 82 2.79 -0.66 -12.23
C ILE A 82 3.09 0.38 -13.39
N PHE A 3 3.11 -0.92 -4.68
CA PHE A 3 2.89 -1.01 -3.19
C PHE A 3 4.14 -1.03 -2.21
N GLY A 4 5.33 -1.50 -2.66
CA GLY A 4 6.60 -1.50 -1.87
C GLY A 4 6.97 -0.14 -1.25
N ASP A 5 6.71 0.94 -2.01
CA ASP A 5 6.85 2.35 -1.60
C ASP A 5 6.03 2.63 -0.28
N PHE A 6 4.69 2.40 -0.22
CA PHE A 6 3.89 2.55 1.05
C PHE A 6 4.45 1.63 2.19
N LEU A 7 4.80 0.36 1.89
CA LEU A 7 5.40 -0.57 2.89
C LEU A 7 6.75 -0.02 3.45
N THR A 8 7.70 0.39 2.58
CA THR A 8 9.00 1.00 3.02
C THR A 8 8.80 2.32 3.85
N VAL A 9 7.86 3.19 3.43
CA VAL A 9 7.49 4.44 4.14
C VAL A 9 7.04 4.18 5.61
N MET A 10 6.16 3.20 5.84
CA MET A 10 5.71 2.86 7.21
C MET A 10 6.73 1.99 8.05
N THR A 11 7.35 1.00 7.40
CA THR A 11 8.34 0.06 8.02
C THR A 11 9.76 0.67 8.28
N GLN A 12 10.39 1.36 7.30
CA GLN A 12 11.76 1.97 7.46
C GLN A 12 11.95 3.03 8.60
N LYS A 13 10.91 3.78 9.03
CA LYS A 13 11.07 4.77 10.16
C LYS A 13 11.40 4.05 11.54
N MET A 14 10.80 2.86 11.82
CA MET A 14 11.07 2.06 13.04
C MET A 14 11.61 0.67 12.54
N SER A 15 10.84 -0.44 12.60
CA SER A 15 11.29 -1.78 12.14
C SER A 15 10.11 -2.81 12.13
N GLU A 16 9.72 -3.36 10.95
CA GLU A 16 8.61 -4.35 10.84
C GLU A 16 8.89 -5.33 9.63
N LYS A 17 8.50 -5.00 8.38
CA LYS A 17 8.75 -5.85 7.17
C LYS A 17 9.74 -5.17 6.15
N ASP A 18 10.45 -5.98 5.34
CA ASP A 18 11.42 -5.47 4.33
C ASP A 18 10.80 -5.37 2.89
N THR A 19 11.11 -6.29 1.94
CA THR A 19 10.58 -6.24 0.53
C THR A 19 10.55 -7.68 -0.12
N LYS A 20 9.68 -7.87 -1.15
CA LYS A 20 9.46 -9.15 -1.91
C LYS A 20 8.59 -10.17 -1.06
N GLU A 21 7.80 -11.14 -1.64
CA GLU A 21 6.92 -12.07 -0.82
C GLU A 21 5.69 -11.33 -0.18
N GLU A 22 5.98 -10.38 0.73
CA GLU A 22 4.98 -9.54 1.42
C GLU A 22 4.27 -8.55 0.46
N ILE A 23 4.78 -8.17 -0.76
CA ILE A 23 3.98 -7.31 -1.68
C ILE A 23 2.64 -8.03 -2.08
N LEU A 24 2.71 -9.33 -2.47
CA LEU A 24 1.49 -10.10 -2.83
C LEU A 24 0.59 -10.43 -1.59
N LYS A 25 1.16 -10.85 -0.45
CA LYS A 25 0.39 -11.10 0.79
C LYS A 25 -0.19 -9.77 1.39
N ALA A 26 0.56 -8.63 1.47
CA ALA A 26 -0.02 -7.36 1.99
C ALA A 26 -1.14 -6.79 1.09
N PHE A 27 -1.00 -6.69 -0.25
CA PHE A 27 -2.11 -6.21 -1.12
C PHE A 27 -3.34 -7.15 -1.10
N LYS A 28 -3.16 -8.50 -1.15
CA LYS A 28 -4.33 -9.40 -1.12
C LYS A 28 -5.09 -9.31 0.26
N LEU A 29 -4.45 -9.18 1.45
CA LEU A 29 -5.17 -8.95 2.73
C LEU A 29 -5.76 -7.49 2.84
N PHE A 30 -5.11 -6.48 2.21
CA PHE A 30 -5.62 -5.08 2.11
C PHE A 30 -7.06 -4.99 1.49
N ASP A 31 -7.33 -5.78 0.43
CA ASP A 31 -8.67 -5.79 -0.22
C ASP A 31 -9.62 -6.83 0.52
N ASP A 32 -10.25 -6.53 1.69
CA ASP A 32 -11.22 -7.46 2.38
C ASP A 32 -12.39 -8.08 1.49
N ASP A 33 -12.73 -7.54 0.29
CA ASP A 33 -13.78 -8.10 -0.61
C ASP A 33 -13.17 -8.88 -1.85
N GLU A 34 -11.83 -9.17 -1.94
CA GLU A 34 -11.16 -9.94 -3.03
C GLU A 34 -11.04 -9.30 -4.48
N THR A 35 -11.74 -8.20 -4.76
CA THR A 35 -11.69 -7.51 -6.09
C THR A 35 -10.32 -6.84 -6.49
N GLY A 36 -9.41 -6.59 -5.52
CA GLY A 36 -8.07 -6.01 -5.76
C GLY A 36 -7.96 -4.55 -6.23
N LYS A 37 -8.42 -3.59 -5.41
CA LYS A 37 -8.34 -2.14 -5.70
C LYS A 37 -8.17 -1.41 -4.33
N ILE A 38 -6.99 -0.82 -4.04
CA ILE A 38 -6.77 -0.09 -2.72
C ILE A 38 -6.86 1.43 -2.97
N SER A 39 -7.70 2.05 -2.12
CA SER A 39 -7.88 3.52 -2.08
C SER A 39 -7.14 4.11 -0.82
N PHE A 40 -7.08 5.45 -0.74
CA PHE A 40 -6.43 6.19 0.40
C PHE A 40 -7.00 5.84 1.84
N LYS A 41 -8.33 5.60 1.97
CA LYS A 41 -8.96 5.19 3.26
C LYS A 41 -8.41 3.80 3.78
N ASN A 42 -8.26 2.77 2.89
CA ASN A 42 -7.65 1.47 3.33
C ASN A 42 -6.13 1.72 3.73
N LEU A 43 -5.37 2.65 3.07
CA LEU A 43 -3.98 3.04 3.51
C LEU A 43 -3.98 3.50 5.01
N LYS A 44 -4.95 4.35 5.41
CA LYS A 44 -5.14 4.81 6.82
C LYS A 44 -5.32 3.59 7.79
N ARG A 45 -6.21 2.59 7.48
CA ARG A 45 -6.33 1.39 8.37
C ARG A 45 -5.00 0.61 8.52
N VAL A 46 -4.26 0.33 7.41
CA VAL A 46 -2.97 -0.41 7.55
C VAL A 46 -1.90 0.50 8.25
N ALA A 47 -1.82 1.83 8.00
CA ALA A 47 -0.91 2.74 8.73
C ALA A 47 -1.01 2.59 10.29
N LYS A 48 -2.23 2.59 10.88
CA LYS A 48 -2.34 2.28 12.36
C LYS A 48 -2.00 0.76 12.68
N GLU A 49 -2.21 -0.18 11.73
CA GLU A 49 -1.90 -1.63 11.85
C GLU A 49 -0.41 -2.03 12.00
N LEU A 50 0.49 -1.62 11.10
CA LEU A 50 1.93 -1.86 11.18
C LEU A 50 2.62 -1.63 12.57
N GLY A 51 2.38 -0.44 13.12
CA GLY A 51 2.94 0.00 14.43
C GLY A 51 3.43 1.47 14.41
N GLU A 52 4.23 1.84 13.39
CA GLU A 52 4.73 3.22 13.21
C GLU A 52 3.62 4.06 12.50
N ASN A 53 3.39 5.33 12.92
CA ASN A 53 2.28 6.14 12.34
C ASN A 53 2.61 7.02 11.06
N LEU A 54 1.52 7.57 10.52
CA LEU A 54 1.47 8.34 9.25
C LEU A 54 1.25 9.88 9.22
N THR A 55 1.09 10.39 7.99
CA THR A 55 0.68 11.77 7.70
C THR A 55 0.02 11.74 6.29
N ASP A 56 -1.08 12.49 6.21
CA ASP A 56 -1.92 12.63 4.99
C ASP A 56 -1.18 12.82 3.61
N GLU A 57 -0.16 13.67 3.69
CA GLU A 57 0.78 14.04 2.63
C GLU A 57 1.62 12.82 2.11
N GLU A 58 2.27 12.01 2.99
CA GLU A 58 3.01 10.78 2.51
C GLU A 58 2.00 9.75 1.85
N LEU A 59 0.85 9.42 2.47
CA LEU A 59 -0.14 8.50 1.87
C LEU A 59 -0.67 8.95 0.46
N GLN A 60 -1.01 10.25 0.25
CA GLN A 60 -1.48 10.70 -1.10
C GLN A 60 -0.33 10.70 -2.16
N GLU A 61 0.94 11.03 -1.81
CA GLU A 61 2.08 10.92 -2.77
C GLU A 61 2.28 9.40 -3.22
N MET A 62 2.15 8.43 -2.29
CA MET A 62 2.18 6.96 -2.60
C MET A 62 1.01 6.57 -3.58
N ILE A 63 -0.22 7.10 -3.37
CA ILE A 63 -1.39 6.90 -4.26
C ILE A 63 -1.08 7.42 -5.70
N ASP A 64 -0.68 8.70 -5.91
CA ASP A 64 -0.38 9.18 -7.31
C ASP A 64 0.72 8.33 -8.02
N GLU A 65 1.83 7.92 -7.36
CA GLU A 65 2.83 7.01 -8.04
C GLU A 65 2.26 5.56 -8.33
N ALA A 66 1.34 5.02 -7.50
CA ALA A 66 0.66 3.71 -7.65
C ALA A 66 -0.59 3.66 -8.63
N ASP A 67 -1.49 4.66 -8.57
CA ASP A 67 -2.74 4.80 -9.40
C ASP A 67 -2.38 5.36 -10.82
N ARG A 68 -1.66 4.67 -11.74
CA ARG A 68 -1.26 5.36 -13.00
C ARG A 68 -2.37 5.83 -13.99
N ASP A 69 -3.55 5.21 -14.04
CA ASP A 69 -4.70 5.74 -14.85
C ASP A 69 -5.33 7.05 -14.19
N GLY A 70 -5.22 7.28 -12.86
CA GLY A 70 -5.76 8.47 -12.18
C GLY A 70 -7.21 8.45 -11.65
N ASP A 71 -7.70 7.32 -11.13
CA ASP A 71 -9.07 7.20 -10.54
C ASP A 71 -9.11 7.19 -8.96
N GLY A 72 -7.98 7.36 -8.22
CA GLY A 72 -7.94 7.32 -6.74
C GLY A 72 -7.64 5.95 -6.08
N GLU A 73 -7.24 4.91 -6.83
CA GLU A 73 -6.98 3.55 -6.28
C GLU A 73 -6.03 2.71 -7.22
N VAL A 74 -5.30 1.77 -6.60
CA VAL A 74 -4.24 0.92 -7.27
C VAL A 74 -4.87 -0.46 -7.59
N SER A 75 -4.84 -0.87 -8.87
CA SER A 75 -5.44 -2.16 -9.31
C SER A 75 -4.38 -3.29 -9.48
N GLU A 76 -4.89 -4.50 -9.75
CA GLU A 76 -4.08 -5.72 -9.99
C GLU A 76 -2.93 -5.59 -11.02
N GLN A 77 -3.12 -5.07 -12.25
CA GLN A 77 -1.96 -4.91 -13.17
C GLN A 77 -0.85 -3.90 -12.65
N GLU A 78 -1.19 -2.82 -11.92
CA GLU A 78 -0.15 -1.94 -11.30
C GLU A 78 0.52 -2.61 -10.02
N PHE A 79 -0.18 -3.51 -9.30
CA PHE A 79 0.34 -4.30 -8.15
C PHE A 79 1.51 -5.23 -8.57
N LEU A 80 1.26 -6.14 -9.51
CA LEU A 80 2.31 -7.07 -10.01
C LEU A 80 3.28 -6.41 -11.06
N ARG A 81 2.78 -5.87 -12.20
CA ARG A 81 3.68 -5.27 -13.25
C ARG A 81 4.23 -3.82 -13.05
N ILE A 82 3.35 -2.80 -12.94
CA ILE A 82 3.51 -1.33 -12.82
C ILE A 82 2.80 -0.69 -14.07
N PHE A 3 3.61 0.47 -3.14
CA PHE A 3 3.57 -0.46 -1.97
C PHE A 3 4.97 -0.93 -1.44
N GLY A 4 6.06 -0.95 -2.23
CA GLY A 4 7.41 -1.34 -1.72
C GLY A 4 7.98 -0.47 -0.57
N ASP A 5 7.96 0.87 -0.76
CA ASP A 5 8.41 1.84 0.29
C ASP A 5 7.48 1.79 1.56
N PHE A 6 6.13 1.91 1.40
CA PHE A 6 5.14 1.80 2.53
C PHE A 6 5.29 0.43 3.31
N LEU A 7 5.58 -0.69 2.60
CA LEU A 7 5.85 -2.03 3.21
C LEU A 7 7.11 -1.98 4.14
N THR A 8 8.26 -1.47 3.63
CA THR A 8 9.50 -1.32 4.46
C THR A 8 9.31 -0.50 5.78
N VAL A 9 8.56 0.62 5.69
CA VAL A 9 8.18 1.48 6.85
C VAL A 9 7.16 0.70 7.79
N MET A 10 6.21 -0.11 7.24
CA MET A 10 5.28 -0.99 8.01
C MET A 10 6.04 -2.08 8.85
N THR A 11 6.99 -2.78 8.22
CA THR A 11 7.87 -3.84 8.84
C THR A 11 8.57 -3.36 10.16
N GLN A 12 9.03 -2.09 10.24
CA GLN A 12 9.60 -1.49 11.49
C GLN A 12 8.65 -1.61 12.76
N LYS A 13 7.32 -1.59 12.58
CA LYS A 13 6.31 -1.72 13.66
C LYS A 13 5.73 -3.18 13.76
N MET A 14 5.36 -3.84 12.64
CA MET A 14 4.80 -5.23 12.65
C MET A 14 5.33 -6.06 11.44
N SER A 15 5.72 -7.34 11.69
CA SER A 15 6.24 -8.32 10.68
C SER A 15 7.79 -8.19 10.36
N GLU A 16 8.36 -9.27 9.81
CA GLU A 16 9.81 -9.36 9.44
C GLU A 16 10.25 -8.40 8.27
N LYS A 17 11.56 -8.14 8.13
CA LYS A 17 12.12 -7.23 7.09
C LYS A 17 12.72 -7.98 5.85
N ASP A 18 11.83 -8.45 4.97
CA ASP A 18 12.21 -9.18 3.72
C ASP A 18 12.31 -8.23 2.46
N THR A 19 12.40 -8.79 1.24
CA THR A 19 12.50 -8.01 -0.04
C THR A 19 12.09 -8.87 -1.27
N LYS A 20 11.41 -8.24 -2.27
CA LYS A 20 10.86 -8.87 -3.53
C LYS A 20 9.79 -10.01 -3.28
N GLU A 21 8.85 -10.38 -4.21
CA GLU A 21 7.73 -11.36 -3.87
C GLU A 21 6.70 -10.73 -2.83
N GLU A 22 7.19 -10.12 -1.73
CA GLU A 22 6.41 -9.43 -0.67
C GLU A 22 5.56 -8.25 -1.20
N ILE A 23 5.88 -7.56 -2.35
CA ILE A 23 4.93 -6.54 -2.94
C ILE A 23 3.52 -7.18 -3.17
N LEU A 24 3.50 -8.45 -3.69
CA LEU A 24 2.24 -9.17 -3.91
C LEU A 24 1.55 -9.62 -2.58
N LYS A 25 2.30 -10.13 -1.58
CA LYS A 25 1.73 -10.46 -0.24
C LYS A 25 1.24 -9.18 0.51
N ALA A 26 1.97 -8.04 0.49
CA ALA A 26 1.53 -6.78 1.13
C ALA A 26 0.20 -6.20 0.56
N PHE A 27 0.04 -6.12 -0.79
CA PHE A 27 -1.26 -5.67 -1.36
C PHE A 27 -2.38 -6.72 -1.08
N LYS A 28 -2.13 -8.03 -1.27
CA LYS A 28 -3.15 -9.07 -1.02
C LYS A 28 -3.57 -9.16 0.50
N LEU A 29 -2.68 -8.96 1.51
CA LEU A 29 -3.09 -8.86 2.94
C LEU A 29 -3.85 -7.51 3.21
N PHE A 30 -3.56 -6.42 2.46
CA PHE A 30 -4.34 -5.15 2.51
C PHE A 30 -5.87 -5.38 2.20
N ASP A 31 -6.19 -6.32 1.27
CA ASP A 31 -7.60 -6.66 0.93
C ASP A 31 -8.38 -7.46 2.07
N ASP A 32 -8.48 -6.99 3.34
CA ASP A 32 -9.29 -7.67 4.43
C ASP A 32 -10.82 -7.96 4.06
N ASP A 33 -11.41 -7.23 3.09
CA ASP A 33 -12.81 -7.44 2.60
C ASP A 33 -12.80 -8.40 1.32
N GLU A 34 -11.69 -8.48 0.53
CA GLU A 34 -11.49 -9.34 -0.68
C GLU A 34 -12.22 -8.77 -1.95
N THR A 35 -11.83 -7.55 -2.22
CA THR A 35 -12.28 -6.73 -3.39
C THR A 35 -11.11 -6.66 -4.42
N GLY A 36 -9.85 -6.52 -3.97
CA GLY A 36 -8.66 -6.46 -4.85
C GLY A 36 -8.24 -5.10 -5.43
N LYS A 37 -8.44 -4.02 -4.68
CA LYS A 37 -8.08 -2.64 -5.09
C LYS A 37 -7.94 -1.79 -3.79
N ILE A 38 -6.79 -1.10 -3.59
CA ILE A 38 -6.60 -0.26 -2.37
C ILE A 38 -6.87 1.22 -2.77
N SER A 39 -7.81 1.78 -2.02
CA SER A 39 -8.20 3.20 -2.13
C SER A 39 -7.45 3.99 -0.97
N PHE A 40 -7.43 5.32 -1.08
CA PHE A 40 -6.79 6.23 -0.04
C PHE A 40 -7.28 6.02 1.45
N LYS A 41 -8.58 5.75 1.65
CA LYS A 41 -9.15 5.49 3.00
C LYS A 41 -8.59 4.18 3.64
N ASN A 42 -8.37 3.06 2.90
CA ASN A 42 -7.73 1.84 3.48
C ASN A 42 -6.23 2.16 3.88
N LEU A 43 -5.49 3.01 3.10
CA LEU A 43 -4.11 3.51 3.47
C LEU A 43 -4.15 4.17 4.90
N LYS A 44 -5.15 5.05 5.16
CA LYS A 44 -5.40 5.68 6.50
C LYS A 44 -5.63 4.61 7.62
N ARG A 45 -6.45 3.56 7.38
CA ARG A 45 -6.64 2.44 8.38
C ARG A 45 -5.28 1.74 8.73
N VAL A 46 -4.51 1.31 7.71
CA VAL A 46 -3.16 0.66 7.92
C VAL A 46 -2.16 1.65 8.59
N ALA A 47 -2.08 2.92 8.16
CA ALA A 47 -1.23 3.93 8.82
C ALA A 47 -1.59 4.14 10.35
N LYS A 48 -2.88 4.25 10.71
CA LYS A 48 -3.34 4.36 12.12
C LYS A 48 -3.05 3.10 13.00
N GLU A 49 -3.39 1.88 12.51
CA GLU A 49 -3.17 0.62 13.27
C GLU A 49 -1.66 0.18 13.42
N LEU A 50 -0.81 0.45 12.42
CA LEU A 50 0.64 0.16 12.46
C LEU A 50 1.47 1.23 13.27
N GLY A 51 1.34 2.50 12.84
CA GLY A 51 2.08 3.67 13.40
C GLY A 51 2.54 4.70 12.32
N GLU A 52 2.56 4.34 11.02
CA GLU A 52 2.96 5.20 9.88
C GLU A 52 1.94 6.36 9.53
N ASN A 53 1.66 7.28 10.46
CA ASN A 53 0.65 8.35 10.22
C ASN A 53 1.09 9.53 9.32
N LEU A 54 2.32 10.09 9.43
CA LEU A 54 2.85 11.24 8.62
C LEU A 54 1.72 12.30 8.27
N THR A 55 1.20 12.41 7.03
CA THR A 55 0.08 13.32 6.73
C THR A 55 -0.60 12.86 5.41
N ASP A 56 -1.81 13.39 5.27
CA ASP A 56 -2.70 13.21 4.09
C ASP A 56 -2.00 13.27 2.68
N GLU A 57 -1.21 14.32 2.49
CA GLU A 57 -0.41 14.59 1.28
C GLU A 57 0.71 13.51 1.03
N GLU A 58 1.41 13.01 2.08
CA GLU A 58 2.41 11.89 1.95
C GLU A 58 1.70 10.60 1.36
N LEU A 59 0.60 10.15 2.01
CA LEU A 59 -0.24 9.03 1.52
C LEU A 59 -0.83 9.31 0.10
N GLN A 60 -1.26 10.57 -0.20
CA GLN A 60 -1.86 10.91 -1.51
C GLN A 60 -0.80 10.87 -2.65
N GLU A 61 0.47 11.34 -2.45
CA GLU A 61 1.53 11.17 -3.50
C GLU A 61 1.83 9.64 -3.73
N MET A 62 1.74 8.73 -2.70
CA MET A 62 1.84 7.25 -2.95
C MET A 62 0.66 6.80 -3.93
N ILE A 63 -0.60 7.27 -3.68
CA ILE A 63 -1.77 7.04 -4.57
C ILE A 63 -1.51 7.59 -6.01
N ASP A 64 -1.14 8.88 -6.13
CA ASP A 64 -0.85 9.55 -7.43
C ASP A 64 0.13 8.79 -8.37
N GLU A 65 1.21 8.23 -7.81
CA GLU A 65 2.17 7.39 -8.62
C GLU A 65 1.58 5.96 -8.99
N ALA A 66 0.75 5.38 -8.10
CA ALA A 66 0.07 4.07 -8.27
C ALA A 66 -1.22 4.00 -9.18
N ASP A 67 -2.11 4.99 -9.05
CA ASP A 67 -3.41 5.13 -9.77
C ASP A 67 -3.25 5.28 -11.34
N ARG A 68 -2.89 4.21 -12.12
CA ARG A 68 -2.62 4.28 -13.56
C ARG A 68 -3.49 5.15 -14.52
N ASP A 69 -4.82 5.05 -14.48
CA ASP A 69 -5.73 5.91 -15.30
C ASP A 69 -6.41 7.09 -14.51
N GLY A 70 -6.09 7.34 -13.22
CA GLY A 70 -6.66 8.47 -12.43
C GLY A 70 -8.05 8.38 -11.73
N ASP A 71 -8.50 7.22 -11.26
CA ASP A 71 -9.79 7.10 -10.51
C ASP A 71 -9.69 7.24 -8.95
N GLY A 72 -8.51 7.04 -8.31
CA GLY A 72 -8.32 7.11 -6.84
C GLY A 72 -7.96 5.78 -6.11
N GLU A 73 -7.66 4.69 -6.85
CA GLU A 73 -7.32 3.36 -6.28
C GLU A 73 -6.31 2.56 -7.18
N VAL A 74 -5.53 1.68 -6.53
CA VAL A 74 -4.49 0.83 -7.19
C VAL A 74 -5.16 -0.56 -7.35
N SER A 75 -5.31 -1.03 -8.60
CA SER A 75 -5.97 -2.32 -8.87
C SER A 75 -4.97 -3.50 -9.11
N GLU A 76 -5.51 -4.74 -9.19
CA GLU A 76 -4.67 -5.97 -9.40
C GLU A 76 -3.79 -5.90 -10.68
N GLN A 77 -4.25 -5.46 -11.86
CA GLN A 77 -3.35 -5.32 -13.04
C GLN A 77 -2.15 -4.33 -12.82
N GLU A 78 -2.27 -3.18 -12.12
CA GLU A 78 -1.13 -2.30 -11.82
C GLU A 78 -0.20 -2.93 -10.70
N PHE A 79 -0.73 -3.70 -9.72
CA PHE A 79 0.04 -4.41 -8.67
C PHE A 79 1.08 -5.40 -9.27
N LEU A 80 0.60 -6.34 -10.09
CA LEU A 80 1.51 -7.32 -10.75
C LEU A 80 2.23 -6.75 -12.03
N ARG A 81 1.57 -6.00 -12.95
CA ARG A 81 2.26 -5.43 -14.16
C ARG A 81 3.11 -4.11 -13.96
N ILE A 82 2.74 -3.14 -13.08
CA ILE A 82 3.48 -1.84 -12.82
C ILE A 82 3.98 -0.99 -14.07
N PHE A 3 2.98 -1.02 -2.82
CA PHE A 3 2.81 -1.26 -1.34
C PHE A 3 3.96 -2.06 -0.64
N GLY A 4 4.86 -2.79 -1.33
CA GLY A 4 6.04 -3.46 -0.68
C GLY A 4 6.94 -2.48 0.13
N ASP A 5 7.28 -1.33 -0.49
CA ASP A 5 8.05 -0.23 0.15
C ASP A 5 7.33 0.33 1.43
N PHE A 6 6.06 0.79 1.34
CA PHE A 6 5.25 1.27 2.50
C PHE A 6 5.26 0.27 3.73
N LEU A 7 4.99 -1.03 3.47
CA LEU A 7 5.06 -2.11 4.50
C LEU A 7 6.51 -2.26 5.09
N THR A 8 7.55 -2.33 4.23
CA THR A 8 8.97 -2.39 4.69
C THR A 8 9.32 -1.17 5.59
N VAL A 9 8.96 0.08 5.21
CA VAL A 9 9.16 1.32 6.03
C VAL A 9 8.58 1.17 7.48
N MET A 10 7.34 0.68 7.63
CA MET A 10 6.75 0.45 8.98
C MET A 10 7.50 -0.65 9.83
N THR A 11 7.85 -1.81 9.22
CA THR A 11 8.56 -2.93 9.92
C THR A 11 10.11 -2.73 10.07
N GLN A 12 10.83 -2.17 9.06
CA GLN A 12 12.30 -1.93 9.13
C GLN A 12 12.83 -0.80 10.08
N LYS A 13 12.00 -0.27 11.02
CA LYS A 13 12.41 0.77 12.00
C LYS A 13 13.72 0.41 12.83
N MET A 14 13.86 -0.86 13.27
CA MET A 14 15.06 -1.35 13.99
C MET A 14 16.03 -2.05 12.97
N SER A 15 15.61 -3.15 12.31
CA SER A 15 16.42 -3.89 11.29
C SER A 15 15.46 -4.63 10.30
N GLU A 16 14.91 -5.80 10.69
CA GLU A 16 13.95 -6.63 9.87
C GLU A 16 14.48 -7.16 8.48
N LYS A 17 13.59 -7.53 7.53
CA LYS A 17 13.99 -8.16 6.22
C LYS A 17 13.02 -8.01 4.99
N ASP A 18 13.58 -8.17 3.78
CA ASP A 18 12.82 -8.17 2.48
C ASP A 18 13.76 -8.64 1.31
N THR A 19 13.15 -9.28 0.30
CA THR A 19 13.82 -9.78 -0.94
C THR A 19 12.69 -10.36 -1.86
N LYS A 20 11.97 -9.48 -2.60
CA LYS A 20 10.82 -9.83 -3.52
C LYS A 20 9.73 -10.80 -2.91
N GLU A 21 8.72 -11.32 -3.67
CA GLU A 21 7.63 -12.21 -3.07
C GLU A 21 6.63 -11.43 -2.11
N GLU A 22 7.12 -10.66 -1.11
CA GLU A 22 6.32 -9.81 -0.18
C GLU A 22 5.52 -8.68 -0.91
N ILE A 23 5.94 -8.18 -2.11
CA ILE A 23 5.14 -7.17 -2.89
C ILE A 23 3.65 -7.63 -3.08
N LEU A 24 3.51 -8.91 -3.48
CA LEU A 24 2.18 -9.50 -3.70
C LEU A 24 1.42 -9.78 -2.35
N LYS A 25 2.11 -10.23 -1.27
CA LYS A 25 1.46 -10.41 0.05
C LYS A 25 1.08 -9.02 0.69
N ALA A 26 1.86 -7.93 0.53
CA ALA A 26 1.50 -6.59 1.07
C ALA A 26 0.20 -6.03 0.42
N PHE A 27 0.10 -5.99 -0.93
CA PHE A 27 -1.15 -5.51 -1.57
C PHE A 27 -2.35 -6.47 -1.29
N LYS A 28 -2.17 -7.81 -1.41
CA LYS A 28 -3.27 -8.78 -1.13
C LYS A 28 -3.70 -8.77 0.38
N LEU A 29 -2.80 -8.55 1.40
CA LEU A 29 -3.24 -8.38 2.80
C LEU A 29 -3.93 -6.97 3.03
N PHE A 30 -3.72 -5.93 2.18
CA PHE A 30 -4.46 -4.64 2.22
C PHE A 30 -5.98 -4.80 1.83
N ASP A 31 -6.28 -5.54 0.73
CA ASP A 31 -7.66 -5.73 0.25
C ASP A 31 -8.40 -6.96 0.95
N ASP A 32 -8.78 -6.94 2.25
CA ASP A 32 -9.54 -8.08 2.91
C ASP A 32 -10.84 -8.61 2.14
N ASP A 33 -11.46 -7.85 1.19
CA ASP A 33 -12.63 -8.33 0.39
C ASP A 33 -12.21 -9.16 -0.90
N GLU A 34 -10.89 -9.31 -1.27
CA GLU A 34 -10.39 -10.09 -2.47
C GLU A 34 -10.44 -9.40 -3.88
N THR A 35 -11.18 -8.32 -3.93
CA THR A 35 -11.39 -7.43 -5.12
C THR A 35 -10.08 -6.85 -5.72
N GLY A 36 -9.11 -6.50 -4.86
CA GLY A 36 -7.80 -5.97 -5.29
C GLY A 36 -7.78 -4.54 -5.84
N LYS A 37 -8.27 -3.60 -5.03
CA LYS A 37 -8.32 -2.16 -5.35
C LYS A 37 -8.09 -1.41 -4.00
N ILE A 38 -6.93 -0.74 -3.81
CA ILE A 38 -6.68 0.02 -2.55
C ILE A 38 -6.97 1.51 -2.87
N SER A 39 -7.91 2.02 -2.07
CA SER A 39 -8.33 3.42 -2.12
C SER A 39 -7.60 4.18 -0.94
N PHE A 40 -7.66 5.51 -0.97
CA PHE A 40 -7.04 6.40 0.07
C PHE A 40 -7.47 6.12 1.56
N LYS A 41 -8.74 5.75 1.79
CA LYS A 41 -9.26 5.42 3.15
C LYS A 41 -8.57 4.15 3.76
N ASN A 42 -8.33 3.06 2.98
CA ASN A 42 -7.57 1.88 3.50
C ASN A 42 -6.08 2.32 3.83
N LEU A 43 -5.45 3.26 3.06
CA LEU A 43 -4.10 3.84 3.37
C LEU A 43 -4.06 4.44 4.82
N LYS A 44 -5.06 5.29 5.18
CA LYS A 44 -5.23 5.87 6.54
C LYS A 44 -5.32 4.74 7.62
N ARG A 45 -6.23 3.76 7.43
CA ARG A 45 -6.37 2.57 8.33
C ARG A 45 -4.99 1.86 8.60
N VAL A 46 -4.25 1.51 7.54
CA VAL A 46 -2.94 0.82 7.68
C VAL A 46 -1.81 1.76 8.24
N ALA A 47 -1.74 3.05 7.82
CA ALA A 47 -0.74 4.02 8.32
C ALA A 47 -0.73 4.11 9.88
N LYS A 48 -1.90 4.28 10.55
CA LYS A 48 -1.94 4.23 12.04
C LYS A 48 -1.87 2.77 12.63
N GLU A 49 -2.31 1.71 11.92
CA GLU A 49 -2.25 0.31 12.42
C GLU A 49 -0.87 -0.43 12.38
N LEU A 50 -0.01 -0.20 11.37
CA LEU A 50 1.32 -0.85 11.28
C LEU A 50 2.35 -0.36 12.35
N GLY A 51 2.84 0.88 12.19
CA GLY A 51 3.81 1.48 13.14
C GLY A 51 4.33 2.89 12.78
N GLU A 52 4.73 3.14 11.51
CA GLU A 52 5.26 4.47 11.10
C GLU A 52 4.15 5.26 10.35
N ASN A 53 3.42 6.12 11.10
CA ASN A 53 2.32 6.94 10.51
C ASN A 53 2.85 8.25 9.85
N LEU A 54 2.67 8.40 8.54
CA LEU A 54 3.09 9.63 7.82
C LEU A 54 1.97 10.73 7.96
N THR A 55 1.42 11.25 6.86
CA THR A 55 0.34 12.28 6.87
C THR A 55 -0.63 12.06 5.65
N ASP A 56 -1.82 12.70 5.73
CA ASP A 56 -2.88 12.53 4.67
C ASP A 56 -2.36 12.84 3.20
N GLU A 57 -1.58 13.91 2.99
CA GLU A 57 -0.92 14.36 1.74
C GLU A 57 0.14 13.33 1.22
N GLU A 58 1.03 12.75 2.08
CA GLU A 58 2.00 11.67 1.66
C GLU A 58 1.23 10.48 1.01
N LEU A 59 0.19 9.92 1.69
CA LEU A 59 -0.67 8.88 1.11
C LEU A 59 -1.37 9.31 -0.23
N GLN A 60 -1.85 10.58 -0.37
CA GLN A 60 -2.54 11.00 -1.62
C GLN A 60 -1.51 11.14 -2.79
N GLU A 61 -0.25 11.59 -2.53
CA GLU A 61 0.83 11.59 -3.57
C GLU A 61 1.09 10.12 -4.07
N MET A 62 1.10 9.11 -3.16
CA MET A 62 1.21 7.66 -3.50
C MET A 62 0.01 7.19 -4.41
N ILE A 63 -1.25 7.62 -4.15
CA ILE A 63 -2.44 7.34 -4.99
C ILE A 63 -2.33 7.97 -6.39
N ASP A 64 -2.17 9.30 -6.50
CA ASP A 64 -2.08 9.96 -7.84
C ASP A 64 -0.95 9.40 -8.76
N GLU A 65 0.23 9.02 -8.21
CA GLU A 65 1.29 8.32 -9.03
C GLU A 65 0.90 6.83 -9.41
N ALA A 66 0.31 6.06 -8.47
CA ALA A 66 -0.15 4.65 -8.65
C ALA A 66 -1.50 4.35 -9.39
N ASP A 67 -2.13 5.36 -10.02
CA ASP A 67 -3.45 5.24 -10.70
C ASP A 67 -3.47 5.03 -12.27
N ARG A 68 -2.39 4.54 -12.93
CA ARG A 68 -2.31 4.38 -14.41
C ARG A 68 -3.35 3.49 -15.15
N ASP A 69 -3.96 2.49 -14.49
CA ASP A 69 -5.07 1.67 -15.09
C ASP A 69 -6.39 2.56 -15.31
N GLY A 70 -6.56 3.68 -14.54
CA GLY A 70 -7.69 4.63 -14.68
C GLY A 70 -8.92 4.50 -13.78
N ASP A 71 -8.68 4.38 -12.48
CA ASP A 71 -9.74 4.26 -11.45
C ASP A 71 -9.50 5.16 -10.18
N GLY A 72 -8.41 5.97 -10.02
CA GLY A 72 -8.18 6.76 -8.75
C GLY A 72 -7.77 5.95 -7.48
N GLU A 73 -7.38 4.68 -7.67
CA GLU A 73 -6.96 3.69 -6.65
C GLU A 73 -5.88 2.77 -7.34
N VAL A 74 -5.23 1.83 -6.60
CA VAL A 74 -4.19 0.93 -7.23
C VAL A 74 -4.90 -0.42 -7.49
N SER A 75 -4.94 -0.85 -8.77
CA SER A 75 -5.63 -2.09 -9.18
C SER A 75 -4.64 -3.30 -9.37
N GLU A 76 -5.23 -4.49 -9.59
CA GLU A 76 -4.45 -5.75 -9.79
C GLU A 76 -3.40 -5.69 -10.96
N GLN A 77 -3.69 -5.08 -12.11
CA GLN A 77 -2.68 -4.91 -13.21
C GLN A 77 -1.46 -4.02 -12.75
N GLU A 78 -1.64 -2.95 -11.93
CA GLU A 78 -0.50 -2.12 -11.39
C GLU A 78 0.26 -2.83 -10.21
N PHE A 79 -0.37 -3.83 -9.54
CA PHE A 79 0.23 -4.68 -8.50
C PHE A 79 1.29 -5.63 -9.12
N LEU A 80 0.93 -6.43 -10.16
CA LEU A 80 1.93 -7.30 -10.85
C LEU A 80 2.83 -6.52 -11.89
N ARG A 81 2.28 -5.67 -12.79
CA ARG A 81 3.10 -4.90 -13.80
C ARG A 81 3.83 -3.60 -13.32
N ILE A 82 3.43 -2.90 -12.23
CA ILE A 82 4.06 -1.61 -11.71
C ILE A 82 4.39 -0.46 -12.75
N PHE A 3 2.72 0.02 -2.51
CA PHE A 3 2.48 -0.81 -1.27
C PHE A 3 3.66 -1.60 -0.65
N GLY A 4 4.52 -2.30 -1.44
CA GLY A 4 5.71 -3.03 -0.90
C GLY A 4 6.63 -2.17 -0.02
N ASP A 5 7.00 -0.98 -0.54
CA ASP A 5 7.82 0.03 0.18
C ASP A 5 7.18 0.50 1.55
N PHE A 6 5.89 0.86 1.56
CA PHE A 6 5.13 1.26 2.79
C PHE A 6 5.16 0.12 3.90
N LEU A 7 4.94 -1.15 3.48
CA LEU A 7 5.06 -2.33 4.37
C LEU A 7 6.50 -2.50 4.93
N THR A 8 7.54 -2.54 4.07
CA THR A 8 8.96 -2.64 4.54
C THR A 8 9.38 -1.44 5.46
N VAL A 9 8.83 -0.22 5.29
CA VAL A 9 9.06 0.93 6.23
C VAL A 9 8.53 0.54 7.65
N MET A 10 7.31 -0.02 7.79
CA MET A 10 6.88 -0.53 9.14
C MET A 10 7.82 -1.69 9.65
N THR A 11 7.88 -2.73 8.82
CA THR A 11 8.69 -3.99 9.08
C THR A 11 10.18 -3.73 9.50
N GLN A 12 10.94 -2.94 8.71
CA GLN A 12 12.37 -2.62 9.02
C GLN A 12 12.66 -1.83 10.35
N LYS A 13 11.64 -1.24 11.03
CA LYS A 13 11.82 -0.51 12.33
C LYS A 13 12.53 -1.35 13.45
N MET A 14 12.18 -2.65 13.59
CA MET A 14 12.84 -3.58 14.57
C MET A 14 13.64 -4.70 13.79
N SER A 15 14.55 -4.29 12.89
CA SER A 15 15.41 -5.20 12.04
C SER A 15 14.64 -6.07 11.00
N GLU A 16 13.94 -7.15 11.41
CA GLU A 16 13.17 -8.08 10.53
C GLU A 16 14.01 -8.76 9.37
N LYS A 17 13.73 -8.50 8.08
CA LYS A 17 14.47 -9.11 6.94
C LYS A 17 14.26 -8.25 5.65
N ASP A 18 13.03 -8.22 5.09
CA ASP A 18 12.61 -7.43 3.89
C ASP A 18 13.51 -7.51 2.59
N THR A 19 13.08 -8.30 1.59
CA THR A 19 13.80 -8.46 0.28
C THR A 19 12.87 -9.16 -0.78
N LYS A 20 12.05 -8.35 -1.50
CA LYS A 20 11.05 -8.80 -2.55
C LYS A 20 9.93 -9.77 -2.04
N GLU A 21 8.94 -10.21 -2.89
CA GLU A 21 7.77 -11.03 -2.37
C GLU A 21 6.78 -10.16 -1.47
N GLU A 22 7.27 -9.25 -0.60
CA GLU A 22 6.50 -8.30 0.24
C GLU A 22 5.53 -7.44 -0.61
N ILE A 23 5.86 -7.02 -1.88
CA ILE A 23 4.86 -6.28 -2.72
C ILE A 23 3.53 -7.13 -2.91
N LEU A 24 3.66 -8.46 -3.16
CA LEU A 24 2.46 -9.32 -3.28
C LEU A 24 1.74 -9.58 -1.92
N LYS A 25 2.46 -9.85 -0.82
CA LYS A 25 1.83 -10.00 0.53
C LYS A 25 1.23 -8.66 1.06
N ALA A 26 1.87 -7.48 0.87
CA ALA A 26 1.31 -6.18 1.31
C ALA A 26 0.01 -5.80 0.57
N PHE A 27 -0.03 -5.85 -0.79
CA PHE A 27 -1.29 -5.53 -1.50
C PHE A 27 -2.41 -6.59 -1.23
N LYS A 28 -2.12 -7.92 -1.29
CA LYS A 28 -3.17 -8.92 -1.00
C LYS A 28 -3.66 -8.83 0.50
N LEU A 29 -2.81 -8.60 1.54
CA LEU A 29 -3.29 -8.43 2.93
C LEU A 29 -3.98 -7.02 3.17
N PHE A 30 -3.76 -5.98 2.34
CA PHE A 30 -4.49 -4.69 2.41
C PHE A 30 -5.99 -4.85 1.97
N ASP A 31 -6.21 -5.63 0.90
CA ASP A 31 -7.57 -5.93 0.38
C ASP A 31 -8.13 -7.18 1.20
N ASP A 32 -8.64 -7.08 2.47
CA ASP A 32 -9.20 -8.25 3.24
C ASP A 32 -10.24 -9.18 2.48
N ASP A 33 -10.90 -8.74 1.38
CA ASP A 33 -11.82 -9.59 0.57
C ASP A 33 -11.05 -10.36 -0.59
N GLU A 34 -9.70 -10.14 -0.79
CA GLU A 34 -8.81 -10.80 -1.81
C GLU A 34 -9.02 -10.41 -3.32
N THR A 35 -10.04 -9.61 -3.65
CA THR A 35 -10.35 -9.10 -5.03
C THR A 35 -9.14 -8.31 -5.66
N GLY A 36 -8.52 -7.47 -4.81
CA GLY A 36 -7.36 -6.65 -5.19
C GLY A 36 -7.64 -5.23 -5.68
N LYS A 37 -8.10 -4.33 -4.78
CA LYS A 37 -8.38 -2.91 -5.14
C LYS A 37 -8.16 -2.00 -3.87
N ILE A 38 -7.11 -1.13 -3.81
CA ILE A 38 -6.91 -0.22 -2.63
C ILE A 38 -7.27 1.24 -3.04
N SER A 39 -8.09 1.85 -2.17
CA SER A 39 -8.50 3.27 -2.24
C SER A 39 -7.74 4.04 -1.10
N PHE A 40 -7.72 5.39 -1.15
CA PHE A 40 -7.04 6.25 -0.11
C PHE A 40 -7.35 5.94 1.38
N LYS A 41 -8.63 5.78 1.65
CA LYS A 41 -9.15 5.44 3.00
C LYS A 41 -8.53 4.12 3.59
N ASN A 42 -8.29 3.03 2.80
CA ASN A 42 -7.60 1.82 3.35
C ASN A 42 -6.09 2.19 3.68
N LEU A 43 -5.38 3.06 2.88
CA LEU A 43 -4.00 3.59 3.22
C LEU A 43 -4.01 4.26 4.64
N LYS A 44 -5.03 5.09 4.94
CA LYS A 44 -5.25 5.70 6.28
C LYS A 44 -5.38 4.62 7.40
N ARG A 45 -6.17 3.54 7.17
CA ARG A 45 -6.30 2.40 8.14
C ARG A 45 -4.91 1.84 8.57
N VAL A 46 -4.14 1.40 7.56
CA VAL A 46 -2.76 0.83 7.78
C VAL A 46 -1.75 1.88 8.32
N ALA A 47 -1.86 3.16 7.93
CA ALA A 47 -1.03 4.26 8.50
C ALA A 47 -1.27 4.46 10.05
N LYS A 48 -2.48 4.17 10.58
CA LYS A 48 -2.80 4.17 12.04
C LYS A 48 -2.23 2.87 12.72
N GLU A 49 -2.35 1.66 12.13
CA GLU A 49 -1.72 0.41 12.68
C GLU A 49 -0.18 0.54 12.92
N LEU A 50 0.52 1.09 11.93
CA LEU A 50 1.93 1.42 11.94
C LEU A 50 2.24 2.61 12.89
N GLY A 51 1.72 3.81 12.57
CA GLY A 51 2.00 5.05 13.34
C GLY A 51 3.38 5.71 13.05
N GLU A 52 4.38 4.88 12.72
CA GLU A 52 5.78 5.31 12.41
C GLU A 52 6.06 5.19 10.87
N ASN A 53 5.41 6.04 10.05
CA ASN A 53 5.52 5.98 8.56
C ASN A 53 5.48 7.40 7.91
N LEU A 54 4.31 7.92 7.48
CA LEU A 54 4.20 9.26 6.84
C LEU A 54 2.85 10.01 7.21
N THR A 55 2.25 10.82 6.32
CA THR A 55 1.01 11.61 6.59
C THR A 55 -0.01 11.55 5.42
N ASP A 56 -1.21 12.09 5.70
CA ASP A 56 -2.35 12.24 4.77
C ASP A 56 -2.03 12.66 3.28
N GLU A 57 -1.31 13.77 3.20
CA GLU A 57 -0.83 14.38 1.93
C GLU A 57 0.15 13.43 1.16
N GLU A 58 1.15 12.86 1.86
CA GLU A 58 2.11 11.87 1.27
C GLU A 58 1.39 10.55 0.79
N LEU A 59 0.42 9.96 1.55
CA LEU A 59 -0.40 8.81 1.09
C LEU A 59 -1.16 9.14 -0.25
N GLN A 60 -1.79 10.34 -0.38
CA GLN A 60 -2.46 10.71 -1.67
C GLN A 60 -1.44 10.90 -2.85
N GLU A 61 -0.19 11.40 -2.60
CA GLU A 61 0.87 11.49 -3.67
C GLU A 61 1.23 10.05 -4.20
N MET A 62 1.40 9.01 -3.31
CA MET A 62 1.62 7.61 -3.80
C MET A 62 0.36 7.05 -4.58
N ILE A 63 -0.90 7.43 -4.22
CA ILE A 63 -2.12 7.07 -4.99
C ILE A 63 -2.02 7.65 -6.43
N ASP A 64 -1.91 8.99 -6.60
CA ASP A 64 -1.85 9.61 -7.97
C ASP A 64 -0.72 9.01 -8.89
N GLU A 65 0.48 8.61 -8.36
CA GLU A 65 1.46 7.89 -9.24
C GLU A 65 0.95 6.42 -9.63
N ALA A 66 0.34 5.69 -8.67
CA ALA A 66 -0.25 4.34 -8.83
C ALA A 66 -1.65 4.19 -9.55
N ASP A 67 -2.51 5.21 -9.56
CA ASP A 67 -3.89 5.21 -10.12
C ASP A 67 -4.14 5.06 -11.68
N ARG A 68 -3.24 4.41 -12.46
CA ARG A 68 -3.36 4.30 -13.94
C ARG A 68 -4.69 3.73 -14.53
N ASP A 69 -5.35 2.79 -13.86
CA ASP A 69 -6.67 2.26 -14.30
C ASP A 69 -7.85 3.29 -14.12
N GLY A 70 -7.84 4.29 -13.18
CA GLY A 70 -8.96 5.24 -13.08
C GLY A 70 -9.33 5.87 -11.69
N ASP A 71 -9.62 7.18 -11.71
CA ASP A 71 -10.13 7.99 -10.57
C ASP A 71 -9.40 8.01 -9.16
N GLY A 72 -8.19 7.43 -8.92
CA GLY A 72 -7.56 7.51 -7.57
C GLY A 72 -7.59 6.23 -6.68
N GLU A 73 -7.34 5.06 -7.27
CA GLU A 73 -7.30 3.74 -6.58
C GLU A 73 -6.41 2.78 -7.45
N VAL A 74 -5.66 1.89 -6.79
CA VAL A 74 -4.67 0.97 -7.45
C VAL A 74 -5.30 -0.44 -7.62
N SER A 75 -5.37 -0.92 -8.87
CA SER A 75 -5.92 -2.25 -9.20
C SER A 75 -4.80 -3.31 -9.44
N GLU A 76 -5.24 -4.55 -9.65
CA GLU A 76 -4.38 -5.72 -9.95
C GLU A 76 -3.38 -5.53 -11.10
N GLN A 77 -3.73 -5.05 -12.32
CA GLN A 77 -2.66 -4.87 -13.35
C GLN A 77 -1.54 -3.85 -12.96
N GLU A 78 -1.82 -2.78 -12.20
CA GLU A 78 -0.78 -1.83 -11.70
C GLU A 78 0.06 -2.43 -10.52
N PHE A 79 -0.50 -3.33 -9.67
CA PHE A 79 0.18 -4.04 -8.58
C PHE A 79 1.33 -4.96 -9.08
N LEU A 80 0.99 -5.91 -9.95
CA LEU A 80 1.95 -6.90 -10.51
C LEU A 80 2.82 -6.35 -11.70
N ARG A 81 2.34 -5.43 -12.57
CA ARG A 81 3.15 -4.84 -13.68
C ARG A 81 4.20 -3.74 -13.25
N ILE A 82 4.11 -3.07 -12.07
CA ILE A 82 5.07 -1.99 -11.58
C ILE A 82 5.47 -0.83 -12.57
N PHE A 3 3.19 -0.09 -3.02
CA PHE A 3 3.23 -0.46 -1.58
C PHE A 3 4.64 -0.95 -1.08
N GLY A 4 5.63 -1.26 -1.96
CA GLY A 4 6.99 -1.72 -1.49
C GLY A 4 7.75 -0.73 -0.60
N ASP A 5 7.78 0.56 -0.98
CA ASP A 5 8.45 1.60 -0.17
C ASP A 5 7.69 1.83 1.19
N PHE A 6 6.37 2.16 1.19
CA PHE A 6 5.54 2.34 2.43
C PHE A 6 5.70 1.20 3.49
N LEU A 7 5.60 -0.07 3.07
CA LEU A 7 5.80 -1.22 3.97
C LEU A 7 7.28 -1.31 4.48
N THR A 8 8.29 -1.19 3.59
CA THR A 8 9.74 -1.16 4.01
C THR A 8 10.06 0.00 5.03
N VAL A 9 9.47 1.19 4.82
CA VAL A 9 9.60 2.39 5.69
C VAL A 9 9.06 2.12 7.13
N MET A 10 7.86 1.53 7.23
CA MET A 10 7.25 1.14 8.54
C MET A 10 7.98 -0.07 9.23
N THR A 11 8.37 -1.10 8.45
CA THR A 11 9.13 -2.29 8.98
C THR A 11 10.57 -1.89 9.43
N GLN A 12 11.39 -1.20 8.59
CA GLN A 12 12.75 -0.74 9.00
C GLN A 12 12.80 0.23 10.24
N LYS A 13 11.78 1.09 10.46
CA LYS A 13 11.72 2.00 11.63
C LYS A 13 11.23 1.20 12.88
N MET A 14 12.17 0.84 13.78
CA MET A 14 11.90 0.07 15.06
C MET A 14 11.62 -1.46 14.93
N SER A 15 10.87 -1.98 13.93
CA SER A 15 10.58 -3.44 13.82
C SER A 15 11.77 -4.30 13.25
N GLU A 16 12.04 -4.34 11.93
CA GLU A 16 13.19 -5.11 11.37
C GLU A 16 13.68 -4.53 9.98
N LYS A 17 13.07 -4.87 8.82
CA LYS A 17 13.51 -4.36 7.47
C LYS A 17 12.47 -4.65 6.33
N ASP A 18 12.31 -5.93 5.89
CA ASP A 18 11.40 -6.37 4.78
C ASP A 18 11.90 -5.94 3.35
N THR A 19 11.69 -6.78 2.31
CA THR A 19 12.11 -6.49 0.89
C THR A 19 11.60 -7.58 -0.11
N LYS A 20 10.87 -7.15 -1.16
CA LYS A 20 10.24 -7.98 -2.24
C LYS A 20 9.24 -9.08 -1.76
N GLU A 21 8.40 -9.75 -2.63
CA GLU A 21 7.32 -10.70 -2.11
C GLU A 21 6.19 -9.94 -1.29
N GLU A 22 6.55 -9.06 -0.32
CA GLU A 22 5.70 -8.18 0.49
C GLU A 22 4.64 -7.39 -0.32
N ILE A 23 4.92 -6.93 -1.58
CA ILE A 23 3.87 -6.24 -2.39
C ILE A 23 2.64 -7.16 -2.65
N LEU A 24 2.90 -8.46 -2.95
CA LEU A 24 1.80 -9.41 -3.22
C LEU A 24 0.99 -9.78 -1.94
N LYS A 25 1.66 -10.12 -0.82
CA LYS A 25 0.94 -10.42 0.45
C LYS A 25 0.26 -9.16 1.06
N ALA A 26 0.89 -7.96 1.06
CA ALA A 26 0.22 -6.77 1.61
C ALA A 26 -0.98 -6.30 0.76
N PHE A 27 -0.92 -6.22 -0.59
CA PHE A 27 -2.08 -5.80 -1.39
C PHE A 27 -3.25 -6.82 -1.34
N LYS A 28 -3.01 -8.16 -1.45
CA LYS A 28 -4.16 -9.11 -1.36
C LYS A 28 -4.79 -9.15 0.09
N LEU A 29 -4.03 -8.96 1.21
CA LEU A 29 -4.66 -8.84 2.56
C LEU A 29 -5.24 -7.39 2.83
N PHE A 30 -4.83 -6.31 2.12
CA PHE A 30 -5.43 -4.95 2.19
C PHE A 30 -6.90 -4.94 1.68
N ASP A 31 -7.15 -5.63 0.55
CA ASP A 31 -8.50 -5.72 -0.06
C ASP A 31 -9.31 -6.89 0.65
N ASP A 32 -10.00 -6.68 1.81
CA ASP A 32 -10.85 -7.72 2.50
C ASP A 32 -11.84 -8.59 1.58
N ASP A 33 -12.14 -8.20 0.32
CA ASP A 33 -12.99 -8.98 -0.65
C ASP A 33 -12.13 -9.80 -1.69
N GLU A 34 -10.79 -9.60 -1.82
CA GLU A 34 -9.87 -10.26 -2.81
C GLU A 34 -10.04 -9.83 -4.33
N THR A 35 -10.96 -8.91 -4.60
CA THR A 35 -11.20 -8.31 -5.94
C THR A 35 -10.00 -7.37 -6.38
N GLY A 36 -9.23 -6.78 -5.44
CA GLY A 36 -8.04 -5.97 -5.73
C GLY A 36 -8.17 -4.53 -6.23
N LYS A 37 -8.65 -3.62 -5.38
CA LYS A 37 -8.74 -2.19 -5.70
C LYS A 37 -8.55 -1.42 -4.34
N ILE A 38 -7.43 -0.71 -4.13
CA ILE A 38 -7.19 0.05 -2.85
C ILE A 38 -7.30 1.56 -3.15
N SER A 39 -8.15 2.20 -2.34
CA SER A 39 -8.34 3.67 -2.34
C SER A 39 -7.56 4.26 -1.10
N PHE A 40 -7.46 5.59 -1.04
CA PHE A 40 -6.75 6.32 0.08
C PHE A 40 -7.30 5.98 1.53
N LYS A 41 -8.61 5.74 1.69
CA LYS A 41 -9.22 5.38 2.98
C LYS A 41 -8.58 4.07 3.60
N ASN A 42 -8.40 2.98 2.80
CA ASN A 42 -7.72 1.75 3.31
C ASN A 42 -6.20 2.01 3.60
N LEU A 43 -5.49 2.91 2.86
CA LEU A 43 -4.07 3.30 3.16
C LEU A 43 -3.93 3.86 4.61
N LYS A 44 -4.81 4.81 5.03
CA LYS A 44 -4.79 5.35 6.41
C LYS A 44 -5.29 4.26 7.45
N ARG A 45 -6.17 3.26 7.09
CA ARG A 45 -6.51 2.14 8.03
C ARG A 45 -5.19 1.40 8.41
N VAL A 46 -4.40 0.89 7.41
CA VAL A 46 -3.15 0.15 7.74
C VAL A 46 -2.08 1.09 8.35
N ALA A 47 -1.86 2.32 7.85
CA ALA A 47 -0.92 3.31 8.46
C ALA A 47 -1.07 3.40 10.03
N LYS A 48 -2.31 3.50 10.55
CA LYS A 48 -2.55 3.45 12.03
C LYS A 48 -2.22 2.04 12.66
N GLU A 49 -2.58 0.93 11.98
CA GLU A 49 -2.36 -0.49 12.42
C GLU A 49 -0.93 -1.13 12.40
N LEU A 50 -0.34 -1.18 11.20
CA LEU A 50 0.93 -1.74 10.83
C LEU A 50 2.17 -1.73 11.79
N GLY A 51 2.40 -0.53 12.27
CA GLY A 51 3.53 -0.14 13.15
C GLY A 51 3.91 1.34 13.00
N GLU A 52 3.60 2.03 11.85
CA GLU A 52 3.96 3.47 11.69
C GLU A 52 2.94 4.17 10.73
N ASN A 53 2.49 5.38 11.09
CA ASN A 53 1.49 6.14 10.30
C ASN A 53 2.02 7.17 9.26
N LEU A 54 3.04 7.99 9.58
CA LEU A 54 3.58 9.08 8.68
C LEU A 54 2.46 10.17 8.52
N THR A 55 1.90 10.49 7.34
CA THR A 55 0.80 11.48 7.21
C THR A 55 -0.05 11.25 5.92
N ASP A 56 -1.24 11.82 6.05
CA ASP A 56 -2.30 11.90 5.02
C ASP A 56 -1.84 12.20 3.54
N GLU A 57 -1.02 13.26 3.44
CA GLU A 57 -0.40 13.76 2.19
C GLU A 57 0.60 12.73 1.55
N GLU A 58 1.43 12.02 2.36
CA GLU A 58 2.34 10.92 1.88
C GLU A 58 1.50 9.76 1.23
N LEU A 59 0.40 9.28 1.89
CA LEU A 59 -0.51 8.27 1.32
C LEU A 59 -1.12 8.72 -0.06
N GLN A 60 -1.61 9.97 -0.19
CA GLN A 60 -2.14 10.44 -1.50
C GLN A 60 -1.02 10.55 -2.61
N GLU A 61 0.25 10.86 -2.26
CA GLU A 61 1.38 10.85 -3.26
C GLU A 61 1.60 9.39 -3.82
N MET A 62 1.62 8.33 -2.96
CA MET A 62 1.72 6.92 -3.48
C MET A 62 0.45 6.52 -4.34
N ILE A 63 -0.79 7.01 -4.04
CA ILE A 63 -1.99 6.79 -4.89
C ILE A 63 -1.74 7.38 -6.32
N ASP A 64 -1.38 8.68 -6.41
CA ASP A 64 -1.12 9.33 -7.73
C ASP A 64 -0.08 8.56 -8.60
N GLU A 65 1.03 8.00 -8.04
CA GLU A 65 1.92 7.14 -8.90
C GLU A 65 1.20 5.78 -9.29
N ALA A 66 0.66 5.05 -8.28
CA ALA A 66 -0.03 3.75 -8.39
C ALA A 66 -1.31 3.61 -9.27
N ASP A 67 -2.16 4.64 -9.31
CA ASP A 67 -3.43 4.69 -10.09
C ASP A 67 -3.27 4.72 -11.67
N ARG A 68 -2.47 3.81 -12.28
CA ARG A 68 -2.24 3.73 -13.75
C ARG A 68 -3.53 3.67 -14.63
N ASP A 69 -4.57 2.94 -14.20
CA ASP A 69 -5.90 2.89 -14.87
C ASP A 69 -6.67 4.26 -14.81
N GLY A 70 -6.62 5.03 -13.70
CA GLY A 70 -7.26 6.37 -13.57
C GLY A 70 -8.60 6.57 -12.83
N ASP A 71 -8.81 5.91 -11.68
CA ASP A 71 -10.06 6.07 -10.85
C ASP A 71 -9.78 6.61 -9.39
N GLY A 72 -8.55 7.01 -8.98
CA GLY A 72 -8.23 7.36 -7.57
C GLY A 72 -8.01 6.11 -6.65
N GLU A 73 -7.66 4.95 -7.24
CA GLU A 73 -7.47 3.65 -6.56
C GLU A 73 -6.60 2.70 -7.48
N VAL A 74 -5.85 1.79 -6.85
CA VAL A 74 -4.86 0.89 -7.55
C VAL A 74 -5.46 -0.51 -7.78
N SER A 75 -5.36 -1.03 -9.01
CA SER A 75 -5.91 -2.36 -9.37
C SER A 75 -4.80 -3.48 -9.38
N GLU A 76 -5.22 -4.76 -9.52
CA GLU A 76 -4.26 -5.91 -9.52
C GLU A 76 -3.16 -5.83 -10.64
N GLN A 77 -3.41 -5.38 -11.88
CA GLN A 77 -2.30 -5.20 -12.89
C GLN A 77 -1.22 -4.15 -12.40
N GLU A 78 -1.56 -3.04 -11.70
CA GLU A 78 -0.54 -2.07 -11.14
C GLU A 78 0.26 -2.75 -9.96
N PHE A 79 -0.38 -3.67 -9.16
CA PHE A 79 0.30 -4.52 -8.12
C PHE A 79 1.39 -5.48 -8.73
N LEU A 80 1.09 -6.02 -9.91
CA LEU A 80 1.98 -6.91 -10.71
C LEU A 80 3.07 -6.11 -11.51
N ARG A 81 2.67 -5.08 -12.29
CA ARG A 81 3.53 -4.18 -13.13
C ARG A 81 4.82 -3.59 -12.51
N ILE A 82 4.93 -3.53 -11.17
CA ILE A 82 6.13 -3.04 -10.45
C ILE A 82 7.51 -3.57 -11.00
N PHE A 3 4.35 1.81 -3.58
CA PHE A 3 3.91 0.84 -2.52
C PHE A 3 5.06 0.17 -1.68
N GLY A 4 6.19 -0.22 -2.30
CA GLY A 4 7.39 -0.79 -1.58
C GLY A 4 7.90 0.01 -0.34
N ASP A 5 7.98 1.35 -0.45
CA ASP A 5 8.36 2.24 0.67
C ASP A 5 7.32 2.15 1.86
N PHE A 6 6.01 2.31 1.58
CA PHE A 6 4.91 2.13 2.60
C PHE A 6 4.97 0.71 3.29
N LEU A 7 5.28 -0.36 2.53
CA LEU A 7 5.49 -1.73 3.06
C LEU A 7 6.72 -1.75 4.03
N THR A 8 7.90 -1.26 3.58
CA THR A 8 9.12 -1.16 4.43
C THR A 8 8.89 -0.34 5.75
N VAL A 9 8.14 0.77 5.67
CA VAL A 9 7.73 1.61 6.84
C VAL A 9 6.89 0.81 7.88
N MET A 10 5.96 -0.03 7.39
CA MET A 10 5.18 -0.97 8.23
C MET A 10 6.06 -2.09 8.91
N THR A 11 6.73 -2.80 8.01
CA THR A 11 7.65 -3.96 8.25
C THR A 11 8.87 -3.66 9.18
N GLN A 12 9.52 -2.48 9.10
CA GLN A 12 10.65 -2.14 10.02
C GLN A 12 10.29 -2.01 11.56
N LYS A 13 9.01 -2.16 11.95
CA LYS A 13 8.57 -2.08 13.38
C LYS A 13 8.44 -3.52 13.97
N MET A 14 9.60 -4.16 14.25
CA MET A 14 9.71 -5.56 14.81
C MET A 14 9.19 -6.69 13.84
N SER A 15 9.80 -6.78 12.65
CA SER A 15 9.48 -7.81 11.60
C SER A 15 10.67 -7.92 10.59
N GLU A 16 11.08 -6.79 9.97
CA GLU A 16 12.24 -6.67 9.05
C GLU A 16 12.24 -7.58 7.77
N LYS A 17 11.19 -7.45 6.95
CA LYS A 17 10.96 -8.23 5.70
C LYS A 17 10.30 -7.35 4.58
N ASP A 18 10.10 -7.96 3.39
CA ASP A 18 9.44 -7.35 2.18
C ASP A 18 10.41 -6.53 1.27
N THR A 19 10.85 -7.17 0.18
CA THR A 19 11.75 -6.58 -0.86
C THR A 19 11.53 -7.46 -2.14
N LYS A 20 10.63 -7.04 -3.06
CA LYS A 20 10.21 -7.75 -4.31
C LYS A 20 9.50 -9.15 -4.07
N GLU A 21 8.62 -9.73 -4.97
CA GLU A 21 7.84 -11.00 -4.64
C GLU A 21 6.80 -10.81 -3.46
N GLU A 22 7.18 -10.18 -2.33
CA GLU A 22 6.32 -9.88 -1.17
C GLU A 22 5.26 -8.76 -1.45
N ILE A 23 5.44 -7.90 -2.48
CA ILE A 23 4.39 -6.90 -2.91
C ILE A 23 3.00 -7.59 -3.13
N LEU A 24 3.02 -8.83 -3.67
CA LEU A 24 1.79 -9.60 -3.91
C LEU A 24 1.09 -10.06 -2.58
N LYS A 25 1.84 -10.60 -1.59
CA LYS A 25 1.23 -10.96 -0.27
C LYS A 25 0.79 -9.68 0.52
N ALA A 26 1.58 -8.57 0.55
CA ALA A 26 1.17 -7.32 1.24
C ALA A 26 -0.12 -6.67 0.64
N PHE A 27 -0.27 -6.51 -0.70
CA PHE A 27 -1.54 -5.97 -1.28
C PHE A 27 -2.71 -6.94 -1.01
N LYS A 28 -2.56 -8.26 -1.29
CA LYS A 28 -3.67 -9.22 -1.05
C LYS A 28 -4.08 -9.32 0.47
N LEU A 29 -3.14 -9.23 1.45
CA LEU A 29 -3.50 -9.18 2.90
C LEU A 29 -4.03 -7.76 3.32
N PHE A 30 -3.77 -6.65 2.58
CA PHE A 30 -4.39 -5.31 2.81
C PHE A 30 -5.95 -5.41 2.56
N ASP A 31 -6.37 -6.16 1.51
CA ASP A 31 -7.78 -6.38 1.15
C ASP A 31 -8.56 -7.38 2.12
N ASP A 32 -8.93 -7.00 3.37
CA ASP A 32 -9.81 -7.89 4.24
C ASP A 32 -11.21 -8.31 3.56
N ASP A 33 -11.61 -7.70 2.41
CA ASP A 33 -12.84 -8.05 1.63
C ASP A 33 -12.52 -9.00 0.40
N GLU A 34 -11.24 -9.27 0.00
CA GLU A 34 -10.85 -10.16 -1.16
C GLU A 34 -11.06 -9.50 -2.59
N THR A 35 -11.77 -8.38 -2.69
CA THR A 35 -12.05 -7.63 -3.95
C THR A 35 -10.78 -7.17 -4.74
N GLY A 36 -9.61 -7.01 -4.08
CA GLY A 36 -8.36 -6.65 -4.77
C GLY A 36 -8.20 -5.23 -5.35
N LYS A 37 -8.42 -4.21 -4.51
CA LYS A 37 -8.30 -2.78 -4.90
C LYS A 37 -8.07 -1.91 -3.62
N ILE A 38 -6.86 -1.33 -3.44
CA ILE A 38 -6.61 -0.44 -2.26
C ILE A 38 -6.72 1.05 -2.73
N SER A 39 -7.65 1.76 -2.08
CA SER A 39 -7.81 3.22 -2.30
C SER A 39 -7.16 3.93 -1.04
N PHE A 40 -7.16 5.26 -1.09
CA PHE A 40 -6.60 6.15 -0.01
C PHE A 40 -7.04 5.85 1.47
N LYS A 41 -8.33 5.70 1.65
CA LYS A 41 -8.95 5.45 2.97
C LYS A 41 -8.42 4.15 3.70
N ASN A 42 -8.18 3.00 2.99
CA ASN A 42 -7.55 1.82 3.67
C ASN A 42 -6.01 2.14 3.99
N LEU A 43 -5.29 2.99 3.19
CA LEU A 43 -3.90 3.49 3.54
C LEU A 43 -3.94 4.18 4.96
N LYS A 44 -4.96 5.06 5.22
CA LYS A 44 -5.24 5.71 6.53
C LYS A 44 -5.43 4.64 7.68
N ARG A 45 -6.26 3.59 7.45
CA ARG A 45 -6.45 2.47 8.43
C ARG A 45 -5.09 1.80 8.85
N VAL A 46 -4.24 1.44 7.85
CA VAL A 46 -2.91 0.84 8.10
C VAL A 46 -1.93 1.87 8.75
N ALA A 47 -1.86 3.14 8.27
CA ALA A 47 -1.03 4.20 8.90
C ALA A 47 -1.26 4.34 10.46
N LYS A 48 -2.52 4.20 10.93
CA LYS A 48 -2.85 4.15 12.39
C LYS A 48 -2.38 2.78 13.03
N GLU A 49 -2.61 1.62 12.37
CA GLU A 49 -2.14 0.25 12.82
C GLU A 49 -0.59 0.18 13.08
N LEU A 50 0.21 0.52 12.07
CA LEU A 50 1.67 0.64 12.13
C LEU A 50 2.29 1.52 13.24
N GLY A 51 1.56 2.60 13.51
CA GLY A 51 1.95 3.63 14.51
C GLY A 51 2.64 4.87 13.88
N GLU A 52 3.52 4.67 12.88
CA GLU A 52 4.22 5.77 12.17
C GLU A 52 3.28 6.23 11.00
N ASN A 53 2.34 7.12 11.34
CA ASN A 53 1.30 7.61 10.41
C ASN A 53 1.75 8.76 9.45
N LEU A 54 1.76 8.46 8.13
CA LEU A 54 2.08 9.46 7.07
C LEU A 54 0.90 10.48 6.97
N THR A 55 1.18 11.77 6.68
CA THR A 55 0.10 12.80 6.62
C THR A 55 -0.75 12.71 5.34
N ASP A 56 -1.94 13.35 5.35
CA ASP A 56 -2.88 13.31 4.19
C ASP A 56 -2.29 13.49 2.75
N GLU A 57 -1.43 14.50 2.66
CA GLU A 57 -0.66 14.86 1.45
C GLU A 57 0.35 13.72 1.03
N GLU A 58 1.16 13.18 1.98
CA GLU A 58 2.10 12.04 1.72
C GLU A 58 1.37 10.77 1.12
N LEU A 59 0.27 10.32 1.77
CA LEU A 59 -0.56 9.19 1.32
C LEU A 59 -1.17 9.40 -0.10
N GLN A 60 -1.75 10.60 -0.44
CA GLN A 60 -2.28 10.81 -1.81
C GLN A 60 -1.14 10.87 -2.90
N GLU A 61 0.06 11.41 -2.61
CA GLU A 61 1.23 11.35 -3.57
C GLU A 61 1.59 9.84 -3.86
N MET A 62 1.66 8.98 -2.81
CA MET A 62 1.88 7.51 -2.92
C MET A 62 0.79 6.83 -3.85
N ILE A 63 -0.50 7.22 -3.71
CA ILE A 63 -1.62 6.75 -4.57
C ILE A 63 -1.33 7.12 -6.05
N ASP A 64 -1.17 8.41 -6.44
CA ASP A 64 -0.91 8.78 -7.87
C ASP A 64 0.30 8.03 -8.53
N GLU A 65 1.39 7.76 -7.78
CA GLU A 65 2.54 6.90 -8.27
C GLU A 65 2.00 5.47 -8.67
N ALA A 66 1.27 4.86 -7.72
CA ALA A 66 0.54 3.58 -7.92
C ALA A 66 -0.54 3.68 -9.07
N ASP A 67 -1.38 4.73 -9.04
CA ASP A 67 -2.47 5.05 -10.01
C ASP A 67 -1.98 5.72 -11.35
N ARG A 68 -0.85 5.31 -12.00
CA ARG A 68 -0.38 5.98 -13.26
C ARG A 68 -1.35 5.96 -14.48
N ASP A 69 -2.14 4.89 -14.59
CA ASP A 69 -3.20 4.74 -15.62
C ASP A 69 -4.44 5.71 -15.38
N GLY A 70 -4.74 6.13 -14.12
CA GLY A 70 -5.82 7.11 -13.80
C GLY A 70 -7.18 6.65 -13.23
N ASP A 71 -7.15 6.08 -12.03
CA ASP A 71 -8.40 5.64 -11.29
C ASP A 71 -8.45 6.07 -9.76
N GLY A 72 -7.42 6.71 -9.12
CA GLY A 72 -7.45 7.07 -7.66
C GLY A 72 -7.30 5.91 -6.62
N GLU A 73 -6.83 4.74 -7.07
CA GLU A 73 -6.64 3.50 -6.27
C GLU A 73 -5.62 2.56 -6.98
N VAL A 74 -5.08 1.56 -6.26
CA VAL A 74 -4.12 0.57 -6.81
C VAL A 74 -4.97 -0.71 -7.10
N SER A 75 -5.17 -1.01 -8.38
CA SER A 75 -5.93 -2.17 -8.87
C SER A 75 -4.97 -3.32 -9.30
N GLU A 76 -5.56 -4.49 -9.59
CA GLU A 76 -4.83 -5.71 -10.03
C GLU A 76 -3.80 -5.51 -11.16
N GLN A 77 -4.06 -4.83 -12.30
CA GLN A 77 -2.99 -4.64 -13.32
C GLN A 77 -1.75 -3.81 -12.81
N GLU A 78 -1.87 -2.76 -11.94
CA GLU A 78 -0.68 -2.03 -11.36
C GLU A 78 0.06 -2.89 -10.26
N PHE A 79 -0.68 -3.76 -9.55
CA PHE A 79 -0.16 -4.72 -8.54
C PHE A 79 0.86 -5.73 -9.16
N LEU A 80 0.46 -6.48 -10.21
CA LEU A 80 1.37 -7.44 -10.89
C LEU A 80 2.37 -6.78 -11.90
N ARG A 81 1.98 -5.79 -12.76
CA ARG A 81 2.93 -5.14 -13.72
C ARG A 81 4.11 -4.28 -13.11
N ILE A 82 4.00 -3.82 -11.83
CA ILE A 82 4.96 -3.00 -11.01
C ILE A 82 5.30 -1.55 -11.51
N PHE A 3 3.74 0.31 -2.48
CA PHE A 3 3.51 -0.88 -1.60
C PHE A 3 4.79 -1.57 -1.02
N GLY A 4 5.93 -1.63 -1.74
CA GLY A 4 7.21 -2.18 -1.19
C GLY A 4 7.78 -1.42 0.05
N ASP A 5 7.76 -0.08 -0.03
CA ASP A 5 8.19 0.84 1.07
C ASP A 5 7.20 0.75 2.30
N PHE A 6 5.89 0.82 2.04
CA PHE A 6 4.82 0.66 3.09
C PHE A 6 4.97 -0.73 3.83
N LEU A 7 5.27 -1.83 3.09
CA LEU A 7 5.55 -3.19 3.64
C LEU A 7 6.73 -3.19 4.63
N THR A 8 7.93 -2.73 4.20
CA THR A 8 9.12 -2.67 5.14
C THR A 8 8.81 -1.86 6.44
N VAL A 9 8.04 -0.75 6.37
CA VAL A 9 7.59 0.01 7.58
C VAL A 9 6.71 -0.89 8.52
N MET A 10 5.73 -1.67 7.98
CA MET A 10 4.91 -2.62 8.79
C MET A 10 5.75 -3.80 9.43
N THR A 11 6.36 -4.56 8.52
CA THR A 11 7.16 -5.81 8.77
C THR A 11 8.64 -5.71 9.26
N GLN A 12 9.54 -4.93 8.60
CA GLN A 12 10.98 -4.83 9.00
C GLN A 12 11.30 -4.55 10.51
N LYS A 13 10.43 -3.85 11.26
CA LYS A 13 10.61 -3.63 12.73
C LYS A 13 10.78 -4.95 13.58
N MET A 14 10.21 -6.09 13.13
CA MET A 14 10.34 -7.42 13.78
C MET A 14 11.32 -8.34 12.97
N SER A 15 11.04 -8.71 11.70
CA SER A 15 11.94 -9.57 10.86
C SER A 15 11.58 -9.43 9.32
N GLU A 16 11.68 -10.52 8.53
CA GLU A 16 11.34 -10.60 7.08
C GLU A 16 12.29 -9.85 6.06
N LYS A 17 12.49 -10.47 4.88
CA LYS A 17 13.32 -9.96 3.77
C LYS A 17 12.99 -10.82 2.50
N ASP A 18 12.57 -10.22 1.37
CA ASP A 18 12.18 -10.99 0.14
C ASP A 18 12.89 -10.53 -1.18
N THR A 19 12.66 -9.29 -1.65
CA THR A 19 13.20 -8.70 -2.93
C THR A 19 12.13 -9.00 -4.04
N LYS A 20 11.26 -8.01 -4.32
CA LYS A 20 10.12 -8.08 -5.29
C LYS A 20 8.89 -8.90 -4.82
N GLU A 21 8.99 -10.20 -4.46
CA GLU A 21 7.81 -10.97 -3.94
C GLU A 21 6.91 -10.28 -2.82
N GLU A 22 7.46 -9.43 -1.91
CA GLU A 22 6.71 -8.67 -0.90
C GLU A 22 5.69 -7.65 -1.48
N ILE A 23 5.84 -7.07 -2.72
CA ILE A 23 4.77 -6.18 -3.32
C ILE A 23 3.37 -6.92 -3.32
N LEU A 24 3.38 -8.23 -3.66
CA LEU A 24 2.15 -9.05 -3.67
C LEU A 24 1.59 -9.29 -2.23
N LYS A 25 2.43 -9.63 -1.24
CA LYS A 25 1.98 -9.77 0.17
C LYS A 25 1.50 -8.41 0.75
N ALA A 26 2.20 -7.27 0.49
CA ALA A 26 1.80 -5.93 0.96
C ALA A 26 0.40 -5.48 0.47
N PHE A 27 0.12 -5.55 -0.83
CA PHE A 27 -1.23 -5.18 -1.35
C PHE A 27 -2.32 -6.18 -0.87
N LYS A 28 -2.07 -7.51 -0.89
CA LYS A 28 -3.08 -8.49 -0.43
C LYS A 28 -3.32 -8.45 1.14
N LEU A 29 -2.33 -8.10 2.01
CA LEU A 29 -2.62 -7.89 3.47
C LEU A 29 -3.35 -6.51 3.70
N PHE A 30 -3.12 -5.50 2.83
CA PHE A 30 -3.83 -4.20 2.86
C PHE A 30 -5.37 -4.30 2.72
N ASP A 31 -5.89 -5.23 1.90
CA ASP A 31 -7.36 -5.40 1.73
C ASP A 31 -8.02 -6.33 2.86
N ASP A 32 -7.80 -6.09 4.19
CA ASP A 32 -8.39 -6.87 5.34
C ASP A 32 -9.92 -7.25 5.29
N ASP A 33 -10.74 -6.44 4.61
CA ASP A 33 -12.18 -6.65 4.45
C ASP A 33 -12.51 -7.54 3.23
N GLU A 34 -12.09 -7.20 1.97
CA GLU A 34 -12.48 -7.98 0.73
C GLU A 34 -12.19 -7.24 -0.62
N THR A 35 -12.09 -5.91 -0.58
CA THR A 35 -11.88 -5.01 -1.72
C THR A 35 -10.39 -4.87 -2.10
N GLY A 36 -9.84 -5.97 -2.64
CA GLY A 36 -8.45 -6.08 -3.15
C GLY A 36 -8.01 -5.26 -4.38
N LYS A 37 -8.29 -3.99 -4.17
CA LYS A 37 -8.06 -2.80 -5.00
C LYS A 37 -7.80 -1.75 -3.85
N ILE A 38 -6.65 -1.01 -3.74
CA ILE A 38 -6.45 -0.09 -2.56
C ILE A 38 -6.78 1.36 -2.99
N SER A 39 -7.78 1.87 -2.25
CA SER A 39 -8.21 3.28 -2.36
C SER A 39 -7.53 4.04 -1.14
N PHE A 40 -7.59 5.37 -1.15
CA PHE A 40 -7.01 6.25 -0.07
C PHE A 40 -7.42 5.91 1.42
N LYS A 41 -8.68 5.51 1.68
CA LYS A 41 -9.17 5.14 3.04
C LYS A 41 -8.39 3.91 3.66
N ASN A 42 -8.06 2.89 2.83
CA ASN A 42 -7.24 1.73 3.29
C ASN A 42 -5.77 2.22 3.62
N LEU A 43 -5.17 3.18 2.84
CA LEU A 43 -3.85 3.82 3.16
C LEU A 43 -3.85 4.41 4.61
N LYS A 44 -4.95 5.11 4.98
CA LYS A 44 -5.18 5.65 6.37
C LYS A 44 -5.22 4.49 7.43
N ARG A 45 -5.95 3.36 7.17
CA ARG A 45 -5.98 2.17 8.09
C ARG A 45 -4.54 1.68 8.48
N VAL A 46 -3.68 1.41 7.47
CA VAL A 46 -2.28 0.92 7.71
C VAL A 46 -1.32 2.01 8.28
N ALA A 47 -1.49 3.28 7.91
CA ALA A 47 -0.71 4.42 8.45
C ALA A 47 -0.87 4.54 10.01
N LYS A 48 -2.11 4.54 10.55
CA LYS A 48 -2.33 4.53 12.03
C LYS A 48 -1.92 3.16 12.71
N GLU A 49 -2.07 1.99 12.05
CA GLU A 49 -1.63 0.66 12.60
C GLU A 49 -0.11 0.58 12.99
N LEU A 50 0.75 1.06 12.10
CA LEU A 50 2.20 1.16 12.23
C LEU A 50 2.67 2.24 13.24
N GLY A 51 2.20 3.48 13.03
CA GLY A 51 2.58 4.62 13.90
C GLY A 51 3.66 5.50 13.25
N GLU A 52 4.75 4.90 12.72
CA GLU A 52 5.83 5.67 12.03
C GLU A 52 5.46 5.72 10.53
N ASN A 53 4.60 6.69 10.16
CA ASN A 53 4.06 6.81 8.78
C ASN A 53 4.47 8.12 8.04
N LEU A 54 3.51 8.77 7.37
CA LEU A 54 3.70 9.99 6.57
C LEU A 54 2.55 10.99 6.95
N THR A 55 1.76 11.50 5.99
CA THR A 55 0.62 12.41 6.25
C THR A 55 -0.41 12.28 5.10
N ASP A 56 -1.63 12.76 5.36
CA ASP A 56 -2.77 12.81 4.39
C ASP A 56 -2.41 13.20 2.91
N GLU A 57 -1.74 14.35 2.80
CA GLU A 57 -1.26 14.94 1.52
C GLU A 57 -0.19 14.02 0.80
N GLU A 58 0.79 13.51 1.55
CA GLU A 58 1.84 12.56 1.06
C GLU A 58 1.18 11.19 0.57
N LEU A 59 0.25 10.54 1.34
CA LEU A 59 -0.50 9.35 0.88
C LEU A 59 -1.28 9.67 -0.47
N GLN A 60 -1.85 10.90 -0.62
CA GLN A 60 -2.59 11.26 -1.85
C GLN A 60 -1.62 11.40 -3.08
N GLU A 61 -0.38 11.92 -2.93
CA GLU A 61 0.63 11.94 -4.04
C GLU A 61 0.98 10.45 -4.47
N MET A 62 1.10 9.49 -3.50
CA MET A 62 1.26 8.03 -3.81
C MET A 62 0.03 7.46 -4.63
N ILE A 63 -1.21 7.88 -4.30
CA ILE A 63 -2.45 7.53 -5.06
C ILE A 63 -2.36 8.09 -6.51
N ASP A 64 -2.17 9.40 -6.68
CA ASP A 64 -2.09 10.04 -8.03
C ASP A 64 -1.05 9.37 -9.00
N GLU A 65 0.15 8.97 -8.52
CA GLU A 65 1.12 8.19 -9.38
C GLU A 65 0.65 6.71 -9.67
N ALA A 66 0.07 6.00 -8.67
CA ALA A 66 -0.42 4.60 -8.78
C ALA A 66 -1.82 4.30 -9.46
N ASP A 67 -2.77 5.23 -9.37
CA ASP A 67 -4.17 5.14 -9.86
C ASP A 67 -4.44 5.02 -11.43
N ARG A 68 -3.96 3.95 -12.10
CA ARG A 68 -4.24 3.71 -13.56
C ARG A 68 -5.76 3.73 -13.94
N ASP A 69 -6.62 3.18 -13.06
CA ASP A 69 -8.11 3.21 -13.24
C ASP A 69 -8.70 4.67 -13.27
N GLY A 70 -8.14 5.66 -12.53
CA GLY A 70 -8.63 7.06 -12.57
C GLY A 70 -9.66 7.49 -11.49
N ASP A 71 -9.29 8.40 -10.56
CA ASP A 71 -10.13 8.97 -9.45
C ASP A 71 -9.41 8.69 -8.08
N GLY A 72 -9.11 7.43 -7.72
CA GLY A 72 -8.39 7.16 -6.45
C GLY A 72 -8.15 5.71 -5.99
N GLU A 73 -7.64 4.78 -6.83
CA GLU A 73 -7.35 3.38 -6.39
C GLU A 73 -6.35 2.61 -7.32
N VAL A 74 -5.54 1.76 -6.67
CA VAL A 74 -4.50 0.91 -7.35
C VAL A 74 -5.14 -0.49 -7.50
N SER A 75 -5.20 -1.00 -8.73
CA SER A 75 -5.83 -2.30 -9.00
C SER A 75 -4.79 -3.47 -9.19
N GLU A 76 -5.39 -4.67 -9.36
CA GLU A 76 -4.67 -5.97 -9.54
C GLU A 76 -3.59 -5.99 -10.66
N GLN A 77 -3.84 -5.56 -11.90
CA GLN A 77 -2.74 -5.52 -12.91
C GLN A 77 -1.63 -4.47 -12.50
N GLU A 78 -1.92 -3.33 -11.80
CA GLU A 78 -0.85 -2.35 -11.34
C GLU A 78 0.10 -2.95 -10.24
N PHE A 79 -0.47 -3.87 -9.46
CA PHE A 79 0.20 -4.74 -8.45
C PHE A 79 1.14 -5.81 -9.12
N LEU A 80 0.69 -6.39 -10.24
CA LEU A 80 1.41 -7.37 -11.10
C LEU A 80 2.49 -6.72 -12.02
N ARG A 81 2.30 -5.47 -12.52
CA ARG A 81 3.26 -4.70 -13.39
C ARG A 81 4.76 -4.70 -12.93
N ILE A 82 5.04 -4.98 -11.64
CA ILE A 82 6.44 -5.09 -11.09
C ILE A 82 7.46 -5.97 -11.94
N PHE A 3 4.35 -2.51 -2.67
CA PHE A 3 3.96 -2.26 -1.24
C PHE A 3 5.05 -2.69 -0.18
N GLY A 4 6.19 -3.37 -0.50
CA GLY A 4 7.25 -3.71 0.50
C GLY A 4 7.98 -2.48 1.07
N ASP A 5 8.33 -1.52 0.20
CA ASP A 5 8.96 -0.23 0.57
C ASP A 5 7.99 0.63 1.46
N PHE A 6 6.67 0.73 1.16
CA PHE A 6 5.66 1.41 2.04
C PHE A 6 5.70 0.71 3.46
N LEU A 7 5.62 -0.64 3.54
CA LEU A 7 5.72 -1.42 4.82
C LEU A 7 6.95 -1.03 5.69
N THR A 8 8.16 -1.13 5.11
CA THR A 8 9.43 -0.72 5.79
C THR A 8 9.44 0.78 6.27
N VAL A 9 8.86 1.68 5.44
CA VAL A 9 8.68 3.14 5.75
C VAL A 9 7.67 3.35 6.93
N MET A 10 6.53 2.62 6.95
CA MET A 10 5.53 2.67 8.06
C MET A 10 6.18 2.23 9.42
N THR A 11 6.89 1.08 9.46
CA THR A 11 7.62 0.61 10.69
C THR A 11 8.86 1.51 11.05
N GLN A 12 9.47 2.18 10.05
CA GLN A 12 10.69 3.03 10.15
C GLN A 12 11.95 2.21 10.63
N LYS A 13 12.19 1.03 10.01
CA LYS A 13 13.33 0.13 10.37
C LYS A 13 14.16 -0.28 9.11
N MET A 14 15.40 -0.78 9.30
CA MET A 14 16.29 -1.20 8.17
C MET A 14 15.86 -2.59 7.56
N SER A 15 15.14 -2.55 6.42
CA SER A 15 14.61 -3.76 5.70
C SER A 15 13.43 -4.45 6.45
N GLU A 16 13.71 -5.10 7.59
CA GLU A 16 12.73 -5.78 8.48
C GLU A 16 11.93 -7.02 7.93
N LYS A 17 11.14 -6.91 6.85
CA LYS A 17 10.33 -8.05 6.32
C LYS A 17 10.29 -8.18 4.75
N ASP A 18 10.39 -9.44 4.28
CA ASP A 18 10.28 -9.85 2.85
C ASP A 18 11.16 -9.18 1.72
N THR A 19 11.39 -9.99 0.67
CA THR A 19 12.11 -9.63 -0.59
C THR A 19 11.30 -10.51 -1.60
N LYS A 20 10.40 -9.90 -2.41
CA LYS A 20 9.43 -10.62 -3.31
C LYS A 20 8.28 -11.25 -2.42
N GLU A 21 7.17 -11.86 -2.93
CA GLU A 21 6.04 -12.34 -2.01
C GLU A 21 5.22 -11.11 -1.44
N GLU A 22 5.89 -10.13 -0.77
CA GLU A 22 5.34 -8.86 -0.24
C GLU A 22 4.46 -8.06 -1.22
N ILE A 23 4.74 -8.01 -2.54
CA ILE A 23 3.79 -7.31 -3.46
C ILE A 23 2.42 -8.05 -3.44
N LEU A 24 2.40 -9.37 -3.71
CA LEU A 24 1.10 -10.11 -3.70
C LEU A 24 0.45 -10.28 -2.28
N LYS A 25 1.26 -10.56 -1.24
CA LYS A 25 0.81 -10.65 0.16
C LYS A 25 0.38 -9.28 0.74
N ALA A 26 1.14 -8.15 0.57
CA ALA A 26 0.69 -6.86 1.12
C ALA A 26 -0.55 -6.33 0.36
N PHE A 27 -0.63 -6.32 -1.00
CA PHE A 27 -1.86 -5.84 -1.69
C PHE A 27 -3.10 -6.72 -1.40
N LYS A 28 -3.01 -8.08 -1.42
CA LYS A 28 -4.23 -8.87 -1.15
C LYS A 28 -4.72 -8.68 0.35
N LEU A 29 -3.86 -8.54 1.40
CA LEU A 29 -4.33 -8.25 2.80
C LEU A 29 -4.68 -6.72 3.02
N PHE A 30 -4.19 -5.77 2.18
CA PHE A 30 -4.57 -4.35 2.16
C PHE A 30 -6.06 -4.18 1.72
N ASP A 31 -6.51 -4.98 0.71
CA ASP A 31 -7.92 -4.94 0.23
C ASP A 31 -8.85 -5.75 1.21
N ASP A 32 -9.30 -5.19 2.38
CA ASP A 32 -10.28 -5.85 3.33
C ASP A 32 -11.57 -6.53 2.70
N ASP A 33 -11.99 -6.21 1.45
CA ASP A 33 -13.15 -6.85 0.77
C ASP A 33 -12.72 -8.08 -0.14
N GLU A 34 -11.39 -8.43 -0.26
CA GLU A 34 -10.81 -9.56 -1.06
C GLU A 34 -10.85 -9.45 -2.62
N THR A 35 -11.48 -8.41 -3.18
CA THR A 35 -11.56 -8.12 -4.62
C THR A 35 -10.14 -7.79 -5.19
N GLY A 36 -9.43 -6.84 -4.53
CA GLY A 36 -8.08 -6.42 -4.92
C GLY A 36 -8.01 -5.08 -5.69
N LYS A 37 -8.22 -3.97 -4.98
CA LYS A 37 -8.13 -2.60 -5.53
C LYS A 37 -7.92 -1.66 -4.31
N ILE A 38 -6.76 -0.99 -4.16
CA ILE A 38 -6.51 -0.12 -2.95
C ILE A 38 -6.75 1.38 -3.27
N SER A 39 -7.63 1.89 -2.42
CA SER A 39 -8.01 3.31 -2.35
C SER A 39 -7.32 3.89 -1.05
N PHE A 40 -7.36 5.21 -0.94
CA PHE A 40 -6.77 5.97 0.22
C PHE A 40 -7.21 5.52 1.66
N LYS A 41 -8.47 5.04 1.87
CA LYS A 41 -8.94 4.53 3.20
C LYS A 41 -8.12 3.32 3.76
N ASN A 42 -7.84 2.36 2.86
CA ASN A 42 -6.99 1.18 3.21
C ASN A 42 -5.56 1.68 3.64
N LEU A 43 -4.95 2.65 2.92
CA LEU A 43 -3.63 3.28 3.32
C LEU A 43 -3.66 3.83 4.78
N LYS A 44 -4.72 4.57 5.19
CA LYS A 44 -4.89 5.08 6.58
C LYS A 44 -4.91 3.95 7.64
N ARG A 45 -5.74 2.88 7.49
CA ARG A 45 -5.70 1.77 8.49
C ARG A 45 -4.31 1.09 8.59
N VAL A 46 -3.62 0.78 7.46
CA VAL A 46 -2.26 0.19 7.57
C VAL A 46 -1.28 1.19 8.21
N ALA A 47 -1.13 2.42 7.70
CA ALA A 47 -0.25 3.47 8.29
C ALA A 47 -0.33 3.63 9.84
N LYS A 48 -1.53 3.60 10.48
CA LYS A 48 -1.63 3.57 11.97
C LYS A 48 -1.39 2.13 12.59
N GLU A 49 -1.56 1.00 11.86
CA GLU A 49 -1.33 -0.39 12.33
C GLU A 49 0.13 -0.92 12.49
N LEU A 50 1.08 -0.67 11.56
CA LEU A 50 2.46 -1.21 11.68
C LEU A 50 3.27 -0.83 12.95
N GLY A 51 3.26 0.46 13.30
CA GLY A 51 3.99 0.95 14.50
C GLY A 51 4.29 2.47 14.57
N GLU A 52 4.70 3.12 13.47
CA GLU A 52 5.03 4.57 13.47
C GLU A 52 4.16 5.30 12.39
N ASN A 53 3.37 6.30 12.81
CA ASN A 53 2.44 7.05 11.91
C ASN A 53 3.11 8.23 11.11
N LEU A 54 2.53 8.48 9.92
CA LEU A 54 2.95 9.51 8.94
C LEU A 54 1.78 10.52 8.74
N THR A 55 1.34 10.89 7.51
CA THR A 55 0.21 11.83 7.32
C THR A 55 -0.51 11.59 5.96
N ASP A 56 -1.72 12.13 6.01
CA ASP A 56 -2.69 12.17 4.89
C ASP A 56 -2.12 12.55 3.48
N GLU A 57 -1.38 13.66 3.43
CA GLU A 57 -0.71 14.19 2.23
C GLU A 57 0.35 13.22 1.61
N GLU A 58 1.18 12.54 2.46
CA GLU A 58 2.15 11.50 2.03
C GLU A 58 1.38 10.31 1.31
N LEU A 59 0.31 9.74 1.94
CA LEU A 59 -0.53 8.71 1.30
C LEU A 59 -1.19 9.15 -0.04
N GLN A 60 -1.74 10.39 -0.15
CA GLN A 60 -2.35 10.83 -1.44
C GLN A 60 -1.27 11.01 -2.56
N GLU A 61 -0.01 11.42 -2.27
CA GLU A 61 1.07 11.44 -3.30
C GLU A 61 1.35 9.98 -3.84
N MET A 62 1.38 8.96 -2.94
CA MET A 62 1.52 7.52 -3.32
C MET A 62 0.33 7.04 -4.25
N ILE A 63 -0.93 7.40 -3.96
CA ILE A 63 -2.13 7.12 -4.79
C ILE A 63 -1.99 7.74 -6.21
N ASP A 64 -1.74 9.06 -6.33
CA ASP A 64 -1.60 9.72 -7.67
C ASP A 64 -0.50 9.05 -8.58
N GLU A 65 0.67 8.64 -8.03
CA GLU A 65 1.67 7.88 -8.88
C GLU A 65 1.18 6.41 -9.28
N ALA A 66 0.50 5.69 -8.36
CA ALA A 66 -0.05 4.32 -8.54
C ALA A 66 -1.34 4.13 -9.42
N ASP A 67 -2.34 5.02 -9.30
CA ASP A 67 -3.65 5.02 -10.03
C ASP A 67 -3.57 5.28 -11.60
N ARG A 68 -2.70 4.58 -12.36
CA ARG A 68 -2.43 4.82 -13.84
C ARG A 68 -3.65 5.15 -14.76
N ASP A 69 -4.71 4.37 -14.70
CA ASP A 69 -5.98 4.64 -15.41
C ASP A 69 -7.08 4.13 -14.40
N GLY A 70 -7.15 4.59 -13.10
CA GLY A 70 -8.17 4.07 -12.17
C GLY A 70 -9.23 5.12 -11.72
N ASP A 71 -9.66 5.12 -10.46
CA ASP A 71 -10.71 6.02 -9.91
C ASP A 71 -10.08 6.65 -8.57
N GLY A 72 -8.78 7.10 -8.46
CA GLY A 72 -8.20 7.47 -7.12
C GLY A 72 -7.82 6.16 -6.31
N GLU A 73 -7.45 5.07 -7.02
CA GLU A 73 -7.15 3.72 -6.46
C GLU A 73 -6.29 2.85 -7.45
N VAL A 74 -5.53 1.89 -6.91
CA VAL A 74 -4.57 1.02 -7.68
C VAL A 74 -5.28 -0.35 -7.94
N SER A 75 -5.42 -0.73 -9.22
CA SER A 75 -6.06 -2.00 -9.62
C SER A 75 -5.00 -3.12 -9.96
N GLU A 76 -5.53 -4.34 -10.18
CA GLU A 76 -4.76 -5.57 -10.56
C GLU A 76 -3.67 -5.39 -11.65
N GLN A 77 -3.91 -4.78 -12.82
CA GLN A 77 -2.84 -4.59 -13.85
C GLN A 77 -1.63 -3.71 -13.33
N GLU A 78 -1.85 -2.62 -12.56
CA GLU A 78 -0.73 -1.82 -11.94
C GLU A 78 -0.03 -2.64 -10.76
N PHE A 79 -0.75 -3.51 -10.04
CA PHE A 79 -0.21 -4.41 -8.98
C PHE A 79 0.79 -5.50 -9.46
N LEU A 80 0.42 -6.17 -10.55
CA LEU A 80 1.17 -7.29 -11.14
C LEU A 80 2.38 -6.81 -11.98
N ARG A 81 2.23 -5.81 -12.91
CA ARG A 81 3.42 -5.34 -13.65
C ARG A 81 4.32 -4.35 -12.83
N ILE A 82 3.76 -3.19 -12.43
CA ILE A 82 4.33 -2.02 -11.68
C ILE A 82 3.35 -0.79 -11.84
N PHE A 3 3.51 -0.45 -2.72
CA PHE A 3 3.24 -1.13 -1.42
C PHE A 3 4.54 -1.64 -0.70
N GLY A 4 5.63 -2.04 -1.42
CA GLY A 4 6.91 -2.46 -0.80
C GLY A 4 7.62 -1.34 0.00
N ASP A 5 7.79 -0.15 -0.60
CA ASP A 5 8.39 1.03 0.10
C ASP A 5 7.50 1.46 1.32
N PHE A 6 6.17 1.68 1.16
CA PHE A 6 5.23 1.99 2.28
C PHE A 6 5.35 0.96 3.48
N LEU A 7 5.41 -0.35 3.14
CA LEU A 7 5.65 -1.46 4.09
C LEU A 7 7.04 -1.28 4.80
N THR A 8 8.12 -1.17 4.02
CA THR A 8 9.52 -0.91 4.52
C THR A 8 9.62 0.29 5.51
N VAL A 9 8.90 1.40 5.23
CA VAL A 9 8.79 2.60 6.12
C VAL A 9 8.17 2.17 7.49
N MET A 10 7.03 1.44 7.50
CA MET A 10 6.45 0.90 8.77
C MET A 10 7.44 -0.13 9.45
N THR A 11 8.03 -1.07 8.67
CA THR A 11 9.06 -2.06 9.16
C THR A 11 10.30 -1.35 9.80
N GLN A 12 10.87 -0.32 9.16
CA GLN A 12 12.01 0.48 9.69
C GLN A 12 11.64 1.21 11.04
N LYS A 13 10.47 1.88 11.13
CA LYS A 13 10.02 2.56 12.38
C LYS A 13 9.61 1.56 13.53
N MET A 14 8.98 0.41 13.22
CA MET A 14 8.58 -0.62 14.22
C MET A 14 9.67 -1.69 14.59
N SER A 15 10.60 -2.04 13.65
CA SER A 15 11.71 -3.02 13.79
C SER A 15 11.26 -4.51 13.63
N GLU A 16 11.01 -4.96 12.37
CA GLU A 16 10.61 -6.38 12.07
C GLU A 16 11.47 -7.04 10.96
N LYS A 17 11.30 -6.76 9.64
CA LYS A 17 12.11 -7.42 8.55
C LYS A 17 12.21 -6.61 7.19
N ASP A 18 12.96 -7.19 6.24
CA ASP A 18 13.23 -6.63 4.87
C ASP A 18 12.02 -6.47 3.87
N THR A 19 12.33 -5.86 2.70
CA THR A 19 11.34 -5.59 1.60
C THR A 19 11.42 -6.65 0.42
N LYS A 20 10.63 -6.44 -0.67
CA LYS A 20 10.55 -7.31 -1.90
C LYS A 20 9.86 -8.71 -1.61
N GLU A 21 9.30 -9.50 -2.59
CA GLU A 21 8.52 -10.78 -2.27
C GLU A 21 7.12 -10.51 -1.57
N GLU A 22 7.07 -9.67 -0.51
CA GLU A 22 5.89 -9.27 0.26
C GLU A 22 4.96 -8.28 -0.52
N ILE A 23 5.36 -7.53 -1.59
CA ILE A 23 4.40 -6.66 -2.38
C ILE A 23 3.07 -7.40 -2.73
N LEU A 24 3.20 -8.70 -3.15
CA LEU A 24 1.99 -9.49 -3.46
C LEU A 24 1.16 -9.88 -2.20
N LYS A 25 1.80 -10.31 -1.10
CA LYS A 25 1.09 -10.64 0.18
C LYS A 25 0.51 -9.37 0.87
N ALA A 26 1.19 -8.19 0.87
CA ALA A 26 0.65 -6.95 1.46
C ALA A 26 -0.59 -6.41 0.68
N PHE A 27 -0.57 -6.31 -0.67
CA PHE A 27 -1.80 -5.86 -1.39
C PHE A 27 -2.95 -6.91 -1.29
N LYS A 28 -2.68 -8.23 -1.49
CA LYS A 28 -3.77 -9.24 -1.38
C LYS A 28 -4.32 -9.35 0.10
N LEU A 29 -3.53 -9.15 1.19
CA LEU A 29 -4.08 -9.09 2.57
C LEU A 29 -4.80 -7.70 2.86
N PHE A 30 -4.52 -6.60 2.11
CA PHE A 30 -5.25 -5.31 2.19
C PHE A 30 -6.74 -5.44 1.72
N ASP A 31 -6.99 -6.10 0.55
CA ASP A 31 -8.34 -6.28 0.00
C ASP A 31 -9.13 -7.46 0.69
N ASP A 32 -9.61 -7.35 1.97
CA ASP A 32 -10.42 -8.42 2.65
C ASP A 32 -11.66 -9.02 1.84
N ASP A 33 -12.16 -8.36 0.75
CA ASP A 33 -13.27 -8.88 -0.10
C ASP A 33 -12.72 -9.65 -1.39
N GLU A 34 -11.38 -9.85 -1.59
CA GLU A 34 -10.76 -10.60 -2.73
C GLU A 34 -10.82 -9.99 -4.18
N THR A 35 -11.48 -8.85 -4.36
CA THR A 35 -11.60 -8.12 -5.65
C THR A 35 -10.30 -7.33 -6.05
N GLY A 36 -9.44 -6.88 -5.10
CA GLY A 36 -8.18 -6.18 -5.45
C GLY A 36 -8.27 -4.72 -5.93
N LYS A 37 -8.67 -3.83 -5.03
CA LYS A 37 -8.76 -2.37 -5.30
C LYS A 37 -8.46 -1.62 -3.95
N ILE A 38 -7.31 -0.92 -3.76
CA ILE A 38 -7.05 -0.14 -2.49
C ILE A 38 -7.27 1.35 -2.87
N SER A 39 -8.18 1.94 -2.11
CA SER A 39 -8.52 3.37 -2.19
C SER A 39 -7.83 4.08 -0.96
N PHE A 40 -7.77 5.42 -1.01
CA PHE A 40 -7.14 6.29 0.05
C PHE A 40 -7.43 6.00 1.56
N LYS A 41 -8.71 5.77 1.82
CA LYS A 41 -9.24 5.45 3.17
C LYS A 41 -8.66 4.09 3.74
N ASN A 42 -8.59 2.99 2.93
CA ASN A 42 -7.93 1.74 3.45
C ASN A 42 -6.37 2.02 3.63
N LEU A 43 -5.69 2.90 2.82
CA LEU A 43 -4.27 3.31 3.09
C LEU A 43 -4.13 3.91 4.54
N LYS A 44 -5.08 4.78 4.97
CA LYS A 44 -5.15 5.35 6.35
C LYS A 44 -5.23 4.24 7.45
N ARG A 45 -6.16 3.24 7.32
CA ARG A 45 -6.19 2.13 8.35
C ARG A 45 -4.86 1.35 8.41
N VAL A 46 -4.28 0.93 7.26
CA VAL A 46 -2.99 0.17 7.29
C VAL A 46 -1.81 1.06 7.80
N ALA A 47 -1.78 2.38 7.49
CA ALA A 47 -0.75 3.31 8.01
C ALA A 47 -0.70 3.30 9.58
N LYS A 48 -1.85 3.46 10.30
CA LYS A 48 -1.85 3.33 11.79
C LYS A 48 -1.81 1.84 12.33
N GLU A 49 -2.42 0.86 11.62
CA GLU A 49 -2.46 -0.59 12.00
C GLU A 49 -1.13 -1.41 11.85
N LEU A 50 -0.17 -0.99 11.01
CA LEU A 50 1.14 -1.65 10.83
C LEU A 50 2.08 -1.47 12.06
N GLY A 51 2.60 -0.24 12.24
CA GLY A 51 3.48 0.10 13.38
C GLY A 51 3.59 1.60 13.72
N GLU A 52 3.83 2.48 12.73
CA GLU A 52 3.93 3.95 12.94
C GLU A 52 3.25 4.63 11.70
N ASN A 53 2.48 5.72 11.91
CA ASN A 53 1.70 6.41 10.86
C ASN A 53 2.47 7.16 9.70
N LEU A 54 1.69 7.51 8.65
CA LEU A 54 2.13 8.26 7.45
C LEU A 54 0.98 9.30 7.19
N THR A 55 1.27 10.61 6.96
CA THR A 55 0.21 11.64 6.82
C THR A 55 -0.47 11.66 5.43
N ASP A 56 -1.59 12.39 5.42
CA ASP A 56 -2.46 12.62 4.25
C ASP A 56 -1.75 12.88 2.87
N GLU A 57 -0.83 13.84 2.90
CA GLU A 57 0.00 14.27 1.75
C GLU A 57 0.94 13.11 1.24
N GLU A 58 1.63 12.39 2.17
CA GLU A 58 2.50 11.20 1.82
C GLU A 58 1.69 10.09 1.04
N LEU A 59 0.57 9.62 1.64
CA LEU A 59 -0.35 8.64 1.05
C LEU A 59 -0.96 9.12 -0.32
N GLN A 60 -1.25 10.44 -0.52
CA GLN A 60 -1.83 10.89 -1.81
C GLN A 60 -0.76 10.85 -2.95
N GLU A 61 0.54 11.19 -2.69
CA GLU A 61 1.61 11.02 -3.72
C GLU A 61 1.74 9.48 -4.14
N MET A 62 1.65 8.55 -3.15
CA MET A 62 1.62 7.08 -3.41
C MET A 62 0.38 6.68 -4.29
N ILE A 63 -0.83 7.23 -4.03
CA ILE A 63 -2.05 7.01 -4.85
C ILE A 63 -1.79 7.44 -6.31
N ASP A 64 -1.46 8.70 -6.60
CA ASP A 64 -1.27 9.13 -8.03
C ASP A 64 -0.22 8.27 -8.79
N GLU A 65 0.96 7.88 -8.23
CA GLU A 65 1.87 6.94 -9.00
C GLU A 65 1.18 5.54 -9.32
N ALA A 66 0.39 5.00 -8.36
CA ALA A 66 -0.37 3.75 -8.46
C ALA A 66 -1.76 3.72 -9.21
N ASP A 67 -2.50 4.83 -9.28
CA ASP A 67 -3.87 4.95 -9.87
C ASP A 67 -4.11 4.89 -11.43
N ARG A 68 -3.10 4.48 -12.21
CA ARG A 68 -3.12 4.52 -13.69
C ARG A 68 -4.35 4.03 -14.50
N ASP A 69 -4.96 2.88 -14.14
CA ASP A 69 -6.19 2.39 -14.79
C ASP A 69 -7.36 2.36 -13.74
N GLY A 70 -7.63 3.45 -12.98
CA GLY A 70 -8.73 3.43 -12.00
C GLY A 70 -9.40 4.83 -11.79
N ASP A 71 -9.84 5.16 -10.56
CA ASP A 71 -10.54 6.45 -10.24
C ASP A 71 -9.74 7.01 -8.97
N GLY A 72 -8.35 7.08 -8.88
CA GLY A 72 -7.69 7.50 -7.60
C GLY A 72 -7.53 6.31 -6.57
N GLU A 73 -7.36 5.08 -7.09
CA GLU A 73 -7.22 3.82 -6.33
C GLU A 73 -6.37 2.81 -7.17
N VAL A 74 -5.70 1.85 -6.49
CA VAL A 74 -4.76 0.90 -7.16
C VAL A 74 -5.47 -0.47 -7.38
N SER A 75 -5.44 -0.91 -8.64
CA SER A 75 -6.05 -2.18 -9.11
C SER A 75 -4.99 -3.31 -9.26
N GLU A 76 -5.45 -4.55 -9.49
CA GLU A 76 -4.55 -5.73 -9.62
C GLU A 76 -3.40 -5.63 -10.68
N GLN A 77 -3.64 -5.18 -11.92
CA GLN A 77 -2.53 -5.00 -12.93
C GLN A 77 -1.55 -3.84 -12.51
N GLU A 78 -1.97 -2.74 -11.85
CA GLU A 78 -1.01 -1.71 -11.30
C GLU A 78 -0.24 -2.27 -10.02
N PHE A 79 -0.77 -3.28 -9.28
CA PHE A 79 -0.10 -4.04 -8.18
C PHE A 79 1.10 -4.89 -8.72
N LEU A 80 0.89 -5.52 -9.87
CA LEU A 80 1.87 -6.32 -10.65
C LEU A 80 2.89 -5.42 -11.45
N ARG A 81 2.52 -4.17 -11.88
CA ARG A 81 3.43 -3.24 -12.64
C ARG A 81 4.85 -2.99 -12.03
N ILE A 82 5.01 -3.24 -10.71
CA ILE A 82 6.30 -3.16 -9.98
C ILE A 82 7.50 -3.91 -10.68
N PHE A 3 4.00 -1.16 -3.26
CA PHE A 3 3.83 -1.00 -1.78
C PHE A 3 5.07 -1.44 -0.91
N GLY A 4 6.07 -2.22 -1.39
CA GLY A 4 7.27 -2.60 -0.59
C GLY A 4 8.08 -1.43 0.04
N ASP A 5 8.13 -0.28 -0.64
CA ASP A 5 8.77 0.95 -0.13
C ASP A 5 7.94 1.56 1.07
N PHE A 6 6.61 1.83 0.93
CA PHE A 6 5.75 2.29 2.08
C PHE A 6 5.78 1.25 3.28
N LEU A 7 5.69 -0.05 2.94
CA LEU A 7 5.81 -1.20 3.88
C LEU A 7 7.17 -1.23 4.64
N THR A 8 8.31 -1.22 3.92
CA THR A 8 9.68 -1.21 4.56
C THR A 8 9.86 0.00 5.54
N VAL A 9 9.36 1.20 5.18
CA VAL A 9 9.34 2.42 6.06
C VAL A 9 8.59 2.11 7.41
N MET A 10 7.37 1.55 7.32
CA MET A 10 6.56 1.14 8.50
C MET A 10 7.23 -0.01 9.36
N THR A 11 7.82 -1.03 8.70
CA THR A 11 8.53 -2.17 9.39
C THR A 11 9.91 -1.74 9.98
N GLN A 12 10.83 -1.14 9.18
CA GLN A 12 12.18 -0.68 9.64
C GLN A 12 12.22 0.19 10.94
N LYS A 13 11.23 1.09 11.16
CA LYS A 13 11.15 1.90 12.41
C LYS A 13 10.54 0.96 13.51
N MET A 14 11.47 0.21 14.15
CA MET A 14 11.26 -0.89 15.17
C MET A 14 11.59 -2.32 14.55
N SER A 15 12.35 -2.42 13.43
CA SER A 15 12.77 -3.68 12.73
C SER A 15 11.63 -4.55 12.11
N GLU A 16 10.87 -5.29 12.94
CA GLU A 16 9.77 -6.21 12.52
C GLU A 16 10.24 -7.36 11.56
N LYS A 17 9.85 -7.45 10.26
CA LYS A 17 10.27 -8.58 9.36
C LYS A 17 10.05 -8.22 7.83
N ASP A 18 9.35 -9.09 7.06
CA ASP A 18 8.99 -8.92 5.61
C ASP A 18 10.17 -9.01 4.58
N THR A 19 10.30 -8.08 3.60
CA THR A 19 11.34 -8.09 2.49
C THR A 19 10.96 -9.20 1.44
N LYS A 20 10.50 -8.80 0.23
CA LYS A 20 10.00 -9.70 -0.90
C LYS A 20 8.76 -10.60 -0.55
N GLU A 21 7.94 -11.16 -1.51
CA GLU A 21 6.63 -11.87 -1.14
C GLU A 21 5.57 -10.83 -0.56
N GLU A 22 5.95 -9.94 0.40
CA GLU A 22 5.18 -8.84 0.98
C GLU A 22 4.48 -7.91 -0.03
N ILE A 23 5.01 -7.61 -1.25
CA ILE A 23 4.19 -6.77 -2.20
C ILE A 23 2.90 -7.58 -2.59
N LEU A 24 3.04 -8.87 -2.96
CA LEU A 24 1.84 -9.70 -3.28
C LEU A 24 1.00 -10.07 -2.01
N LYS A 25 1.61 -10.47 -0.88
CA LYS A 25 0.86 -10.77 0.35
C LYS A 25 0.25 -9.51 1.03
N ALA A 26 0.93 -8.33 1.12
CA ALA A 26 0.30 -7.12 1.72
C ALA A 26 -0.82 -6.52 0.82
N PHE A 27 -0.69 -6.47 -0.54
CA PHE A 27 -1.79 -5.96 -1.39
C PHE A 27 -3.00 -6.92 -1.42
N LYS A 28 -2.82 -8.25 -1.62
CA LYS A 28 -4.00 -9.15 -1.62
C LYS A 28 -4.66 -9.18 -0.17
N LEU A 29 -3.93 -9.11 0.98
CA LEU A 29 -4.55 -9.02 2.32
C LEU A 29 -5.12 -7.57 2.64
N PHE A 30 -4.71 -6.47 1.95
CA PHE A 30 -5.35 -5.13 2.07
C PHE A 30 -6.81 -5.19 1.54
N ASP A 31 -7.00 -5.82 0.36
CA ASP A 31 -8.32 -5.96 -0.25
C ASP A 31 -9.03 -7.15 0.54
N ASP A 32 -9.72 -6.96 1.70
CA ASP A 32 -10.41 -8.07 2.46
C ASP A 32 -11.35 -9.06 1.63
N ASP A 33 -11.74 -8.75 0.37
CA ASP A 33 -12.54 -9.62 -0.53
C ASP A 33 -11.66 -10.29 -1.67
N GLU A 34 -10.31 -10.02 -1.79
CA GLU A 34 -9.34 -10.58 -2.78
C GLU A 34 -9.43 -10.08 -4.28
N THR A 35 -10.39 -9.20 -4.61
CA THR A 35 -10.58 -8.58 -5.97
C THR A 35 -9.30 -7.81 -6.44
N GLY A 36 -8.70 -7.07 -5.49
CA GLY A 36 -7.47 -6.29 -5.71
C GLY A 36 -7.66 -4.82 -6.12
N LYS A 37 -8.08 -3.98 -5.15
CA LYS A 37 -8.30 -2.53 -5.40
C LYS A 37 -8.04 -1.67 -4.10
N ILE A 38 -6.98 -0.84 -3.99
CA ILE A 38 -6.73 0.02 -2.77
C ILE A 38 -6.94 1.51 -3.17
N SER A 39 -7.78 2.14 -2.35
CA SER A 39 -8.06 3.59 -2.35
C SER A 39 -7.40 4.20 -1.05
N PHE A 40 -7.41 5.53 -0.96
CA PHE A 40 -6.83 6.30 0.20
C PHE A 40 -7.26 5.85 1.63
N LYS A 41 -8.56 5.58 1.78
CA LYS A 41 -9.17 5.10 3.06
C LYS A 41 -8.44 3.88 3.72
N ASN A 42 -8.17 2.82 2.92
CA ASN A 42 -7.38 1.65 3.44
C ASN A 42 -5.89 2.08 3.69
N LEU A 43 -5.24 2.98 2.91
CA LEU A 43 -3.86 3.48 3.20
C LEU A 43 -3.73 4.15 4.61
N LYS A 44 -4.74 4.93 5.09
CA LYS A 44 -4.69 5.49 6.47
C LYS A 44 -4.98 4.35 7.52
N ARG A 45 -5.85 3.29 7.31
CA ARG A 45 -5.91 2.19 8.34
C ARG A 45 -4.52 1.51 8.48
N VAL A 46 -3.84 1.10 7.38
CA VAL A 46 -2.49 0.47 7.45
C VAL A 46 -1.44 1.36 8.19
N ALA A 47 -1.38 2.68 7.89
CA ALA A 47 -0.47 3.62 8.59
C ALA A 47 -0.67 3.60 10.15
N LYS A 48 -1.91 3.71 10.69
CA LYS A 48 -2.14 3.58 12.17
C LYS A 48 -2.19 2.09 12.71
N GLU A 49 -2.45 1.05 11.87
CA GLU A 49 -2.51 -0.39 12.27
C GLU A 49 -1.13 -1.11 12.41
N LEU A 50 -0.11 -0.72 11.62
CA LEU A 50 1.26 -1.28 11.66
C LEU A 50 2.08 -0.77 12.89
N GLY A 51 2.52 0.49 12.86
CA GLY A 51 3.32 1.08 13.96
C GLY A 51 3.45 2.63 14.00
N GLU A 52 3.72 3.32 12.87
CA GLU A 52 3.87 4.80 12.87
C GLU A 52 3.00 5.49 11.77
N ASN A 53 1.93 6.21 12.16
CA ASN A 53 1.06 6.93 11.19
C ASN A 53 1.74 8.26 10.74
N LEU A 54 1.94 8.43 9.42
CA LEU A 54 2.58 9.66 8.84
C LEU A 54 1.51 10.79 8.73
N THR A 55 1.14 11.15 7.50
CA THR A 55 0.12 12.17 7.24
C THR A 55 -0.62 11.90 5.89
N ASP A 56 -1.80 12.47 5.92
CA ASP A 56 -2.78 12.50 4.81
C ASP A 56 -2.21 12.77 3.36
N GLU A 57 -1.37 13.82 3.28
CA GLU A 57 -0.67 14.25 2.05
C GLU A 57 0.34 13.18 1.50
N GLU A 58 1.13 12.54 2.39
CA GLU A 58 2.05 11.42 2.04
C GLU A 58 1.26 10.24 1.37
N LEU A 59 0.15 9.75 1.99
CA LEU A 59 -0.72 8.71 1.40
C LEU A 59 -1.38 9.10 0.04
N GLN A 60 -2.02 10.29 -0.08
CA GLN A 60 -2.67 10.69 -1.35
C GLN A 60 -1.60 10.92 -2.50
N GLU A 61 -0.38 11.42 -2.21
CA GLU A 61 0.71 11.52 -3.24
C GLU A 61 1.12 10.07 -3.70
N MET A 62 1.21 9.06 -2.79
CA MET A 62 1.46 7.63 -3.16
C MET A 62 0.32 7.11 -4.12
N ILE A 63 -0.97 7.48 -3.92
CA ILE A 63 -2.11 7.16 -4.83
C ILE A 63 -1.82 7.73 -6.26
N ASP A 64 -1.51 9.02 -6.41
CA ASP A 64 -1.22 9.62 -7.77
C ASP A 64 -0.06 8.86 -8.53
N GLU A 65 0.99 8.40 -7.83
CA GLU A 65 2.05 7.52 -8.45
C GLU A 65 1.49 6.12 -8.91
N ALA A 66 0.74 5.50 -7.97
CA ALA A 66 0.09 4.18 -8.08
C ALA A 66 -1.14 3.97 -9.04
N ASP A 67 -1.97 5.00 -9.24
CA ASP A 67 -3.19 4.98 -10.11
C ASP A 67 -2.83 5.13 -11.66
N ARG A 68 -2.08 4.19 -12.31
CA ARG A 68 -1.68 4.28 -13.73
C ARG A 68 -2.84 4.52 -14.74
N ASP A 69 -3.97 3.81 -14.63
CA ASP A 69 -5.16 4.06 -15.51
C ASP A 69 -5.83 5.47 -15.25
N GLY A 70 -5.77 6.04 -14.02
CA GLY A 70 -6.34 7.37 -13.70
C GLY A 70 -7.80 7.51 -13.22
N ASP A 71 -8.41 6.47 -12.66
CA ASP A 71 -9.81 6.56 -12.10
C ASP A 71 -9.84 6.96 -10.57
N GLY A 72 -8.83 6.61 -9.74
CA GLY A 72 -8.82 6.95 -8.29
C GLY A 72 -8.13 5.97 -7.31
N GLU A 73 -7.98 4.69 -7.67
CA GLU A 73 -7.36 3.65 -6.83
C GLU A 73 -6.25 2.85 -7.64
N VAL A 74 -5.59 1.92 -6.96
CA VAL A 74 -4.52 1.04 -7.54
C VAL A 74 -5.19 -0.34 -7.81
N SER A 75 -5.20 -0.82 -9.07
CA SER A 75 -5.84 -2.11 -9.42
C SER A 75 -4.81 -3.29 -9.53
N GLU A 76 -5.30 -4.55 -9.66
CA GLU A 76 -4.39 -5.73 -9.73
C GLU A 76 -3.37 -5.73 -10.92
N GLN A 77 -3.74 -5.34 -12.15
CA GLN A 77 -2.73 -5.23 -13.25
C GLN A 77 -1.59 -4.18 -12.93
N GLU A 78 -1.88 -3.04 -12.27
CA GLU A 78 -0.86 -2.04 -11.87
C GLU A 78 0.00 -2.49 -10.62
N PHE A 79 -0.51 -3.45 -9.81
CA PHE A 79 0.19 -4.07 -8.68
C PHE A 79 1.32 -5.01 -9.18
N LEU A 80 0.98 -6.03 -10.01
CA LEU A 80 1.99 -6.96 -10.54
C LEU A 80 2.82 -6.43 -11.76
N ARG A 81 2.20 -6.07 -12.91
CA ARG A 81 2.98 -5.65 -14.13
C ARG A 81 3.57 -4.21 -14.27
N ILE A 82 2.95 -3.06 -13.90
CA ILE A 82 3.52 -1.66 -14.07
C ILE A 82 4.12 -1.25 -15.48
N PHE A 3 4.06 -2.02 -0.91
CA PHE A 3 4.35 -0.56 -1.02
C PHE A 3 5.85 -0.53 -0.49
N GLY A 4 6.94 -1.11 -1.14
CA GLY A 4 8.33 -1.10 -0.56
C GLY A 4 8.83 0.17 0.14
N ASP A 5 8.44 1.29 -0.45
CA ASP A 5 8.65 2.64 0.15
C ASP A 5 7.72 2.78 1.41
N PHE A 6 6.37 2.55 1.37
CA PHE A 6 5.53 2.59 2.63
C PHE A 6 6.04 1.57 3.74
N LEU A 7 6.45 0.34 3.33
CA LEU A 7 7.05 -0.72 4.19
C LEU A 7 8.33 -0.22 4.90
N THR A 8 9.37 0.18 4.14
CA THR A 8 10.65 0.71 4.71
C THR A 8 10.48 1.89 5.71
N VAL A 9 9.56 2.81 5.40
CA VAL A 9 9.20 3.95 6.29
C VAL A 9 8.63 3.46 7.65
N MET A 10 7.76 2.44 7.67
CA MET A 10 7.27 1.88 8.97
C MET A 10 8.30 0.91 9.69
N THR A 11 8.88 -0.01 8.90
CA THR A 11 9.90 -1.05 9.31
C THR A 11 11.11 -0.50 10.13
N GLN A 12 11.59 0.73 9.92
CA GLN A 12 12.66 1.33 10.77
C GLN A 12 12.34 1.30 12.33
N LYS A 13 11.05 1.28 12.74
CA LYS A 13 10.65 1.14 14.17
C LYS A 13 10.66 -0.38 14.61
N MET A 14 9.99 -1.28 13.84
CA MET A 14 9.93 -2.74 14.11
C MET A 14 10.21 -3.46 12.75
N SER A 15 11.31 -4.24 12.65
CA SER A 15 11.76 -4.96 11.41
C SER A 15 10.70 -5.46 10.36
N GLU A 16 9.74 -6.31 10.76
CA GLU A 16 8.62 -6.82 9.91
C GLU A 16 8.84 -7.18 8.38
N LYS A 17 9.06 -8.48 8.08
CA LYS A 17 9.22 -9.04 6.69
C LYS A 17 10.44 -8.58 5.81
N ASP A 18 10.66 -9.30 4.68
CA ASP A 18 11.81 -9.06 3.75
C ASP A 18 11.43 -8.74 2.25
N THR A 19 11.36 -9.71 1.30
CA THR A 19 11.04 -9.45 -0.14
C THR A 19 10.55 -10.71 -0.94
N LYS A 20 9.77 -10.47 -2.03
CA LYS A 20 9.13 -11.52 -2.92
C LYS A 20 7.96 -12.26 -2.16
N GLU A 21 6.83 -12.77 -2.77
CA GLU A 21 5.64 -13.25 -1.94
C GLU A 21 4.89 -11.97 -1.35
N GLU A 22 5.64 -11.10 -0.63
CA GLU A 22 5.31 -9.80 -0.02
C GLU A 22 4.41 -8.91 -0.89
N ILE A 23 4.68 -8.73 -2.21
CA ILE A 23 3.73 -7.89 -3.02
C ILE A 23 2.33 -8.58 -3.22
N LEU A 24 2.29 -9.90 -3.50
CA LEU A 24 0.99 -10.61 -3.69
C LEU A 24 0.18 -10.81 -2.38
N LYS A 25 0.78 -11.29 -1.28
CA LYS A 25 0.04 -11.42 0.02
C LYS A 25 -0.33 -10.03 0.63
N ALA A 26 0.52 -8.97 0.57
CA ALA A 26 0.13 -7.65 1.12
C ALA A 26 -0.97 -6.94 0.32
N PHE A 27 -0.96 -6.94 -1.03
CA PHE A 27 -2.08 -6.31 -1.78
C PHE A 27 -3.39 -7.11 -1.58
N LYS A 28 -3.40 -8.47 -1.69
CA LYS A 28 -4.68 -9.21 -1.50
C LYS A 28 -5.28 -9.05 -0.06
N LEU A 29 -4.49 -8.98 1.06
CA LEU A 29 -5.04 -8.68 2.41
C LEU A 29 -5.29 -7.13 2.62
N PHE A 30 -4.67 -6.20 1.86
CA PHE A 30 -4.96 -4.75 1.88
C PHE A 30 -6.40 -4.46 1.36
N ASP A 31 -6.84 -5.12 0.26
CA ASP A 31 -8.18 -4.88 -0.29
C ASP A 31 -9.33 -5.58 0.58
N ASP A 32 -9.72 -5.03 1.77
CA ASP A 32 -10.85 -5.55 2.65
C ASP A 32 -12.21 -6.05 1.95
N ASP A 33 -12.44 -5.81 0.63
CA ASP A 33 -13.62 -6.27 -0.15
C ASP A 33 -13.31 -7.55 -1.04
N GLU A 34 -12.02 -7.98 -1.23
CA GLU A 34 -11.59 -9.15 -2.06
C GLU A 34 -11.56 -8.90 -3.63
N THR A 35 -12.07 -7.75 -4.10
CA THR A 35 -12.12 -7.30 -5.52
C THR A 35 -10.74 -6.88 -6.14
N GLY A 36 -9.74 -6.52 -5.30
CA GLY A 36 -8.39 -6.14 -5.74
C GLY A 36 -8.18 -4.69 -6.19
N LYS A 37 -8.33 -3.75 -5.25
CA LYS A 37 -8.14 -2.29 -5.49
C LYS A 37 -7.77 -1.60 -4.15
N ILE A 38 -6.64 -0.88 -4.04
CA ILE A 38 -6.30 -0.13 -2.78
C ILE A 38 -6.71 1.33 -3.08
N SER A 39 -7.63 1.76 -2.24
CA SER A 39 -8.12 3.16 -2.23
C SER A 39 -7.37 3.87 -1.03
N PHE A 40 -7.37 5.22 -1.03
CA PHE A 40 -6.75 6.04 0.09
C PHE A 40 -7.25 5.65 1.54
N LYS A 41 -8.55 5.32 1.62
CA LYS A 41 -9.22 4.86 2.88
C LYS A 41 -8.53 3.61 3.53
N ASN A 42 -8.15 2.58 2.73
CA ASN A 42 -7.37 1.42 3.29
C ASN A 42 -5.93 1.92 3.77
N LEU A 43 -5.28 2.89 3.06
CA LEU A 43 -3.99 3.51 3.49
C LEU A 43 -4.11 4.18 4.92
N LYS A 44 -5.22 4.89 5.22
CA LYS A 44 -5.50 5.45 6.60
C LYS A 44 -5.59 4.29 7.65
N ARG A 45 -6.37 3.22 7.34
CA ARG A 45 -6.46 1.99 8.20
C ARG A 45 -5.05 1.40 8.53
N VAL A 46 -4.28 1.10 7.47
CA VAL A 46 -2.93 0.48 7.55
C VAL A 46 -1.86 1.42 8.20
N ALA A 47 -1.93 2.75 7.98
CA ALA A 47 -1.05 3.74 8.65
C ALA A 47 -1.21 3.66 10.22
N LYS A 48 -2.46 3.67 10.73
CA LYS A 48 -2.75 3.47 12.18
C LYS A 48 -2.43 1.99 12.67
N GLU A 49 -2.80 0.98 11.86
CA GLU A 49 -2.60 -0.47 12.15
C GLU A 49 -1.14 -1.03 12.14
N LEU A 50 -0.19 -0.42 11.41
CA LEU A 50 1.23 -0.84 11.41
C LEU A 50 1.97 -0.55 12.79
N GLY A 51 2.13 0.76 13.09
CA GLY A 51 2.84 1.29 14.28
C GLY A 51 3.32 2.76 14.08
N GLU A 52 3.89 3.11 12.91
CA GLU A 52 4.33 4.50 12.60
C GLU A 52 3.15 5.17 11.81
N ASN A 53 2.42 6.10 12.45
CA ASN A 53 1.24 6.76 11.82
C ASN A 53 1.57 7.89 10.80
N LEU A 54 1.47 7.56 9.50
CA LEU A 54 1.69 8.53 8.39
C LEU A 54 0.46 9.47 8.19
N THR A 55 0.67 10.67 7.62
CA THR A 55 -0.43 11.65 7.42
C THR A 55 -1.04 11.55 6.01
N ASP A 56 -2.22 12.14 5.96
CA ASP A 56 -3.08 12.27 4.76
C ASP A 56 -2.37 12.57 3.40
N GLU A 57 -1.53 13.61 3.43
CA GLU A 57 -0.70 14.06 2.29
C GLU A 57 0.34 12.98 1.82
N GLU A 58 1.01 12.27 2.76
CA GLU A 58 1.95 11.15 2.44
C GLU A 58 1.23 9.99 1.67
N LEU A 59 0.06 9.51 2.18
CA LEU A 59 -0.74 8.46 1.55
C LEU A 59 -1.28 8.81 0.12
N GLN A 60 -1.91 10.00 -0.08
CA GLN A 60 -2.40 10.35 -1.44
C GLN A 60 -1.20 10.57 -2.45
N GLU A 61 -0.02 11.07 -2.01
CA GLU A 61 1.20 11.18 -2.87
C GLU A 61 1.64 9.76 -3.37
N MET A 62 1.73 8.72 -2.48
CA MET A 62 2.04 7.31 -2.93
C MET A 62 0.91 6.74 -3.87
N ILE A 63 -0.40 7.10 -3.72
CA ILE A 63 -1.48 6.71 -4.68
C ILE A 63 -1.14 7.27 -6.09
N ASP A 64 -0.88 8.59 -6.25
CA ASP A 64 -0.55 9.17 -7.59
C ASP A 64 0.70 8.52 -8.28
N GLU A 65 1.73 8.11 -7.49
CA GLU A 65 2.88 7.32 -8.05
C GLU A 65 2.37 5.92 -8.57
N ALA A 66 1.69 5.18 -7.65
CA ALA A 66 1.09 3.85 -7.87
C ALA A 66 0.04 3.71 -9.04
N ASP A 67 -0.83 4.72 -9.23
CA ASP A 67 -1.87 4.78 -10.29
C ASP A 67 -1.20 5.48 -11.55
N ARG A 68 -0.63 4.84 -12.62
CA ARG A 68 0.05 5.64 -13.70
C ARG A 68 -0.78 6.73 -14.45
N ASP A 69 -2.10 6.53 -14.64
CA ASP A 69 -2.99 7.58 -15.22
C ASP A 69 -3.37 8.65 -14.12
N GLY A 70 -3.57 8.25 -12.84
CA GLY A 70 -3.91 9.17 -11.72
C GLY A 70 -5.39 9.49 -11.45
N ASP A 71 -6.22 8.44 -11.31
CA ASP A 71 -7.67 8.61 -10.97
C ASP A 71 -7.91 8.57 -9.42
N GLY A 72 -7.26 7.64 -8.66
CA GLY A 72 -7.45 7.54 -7.18
C GLY A 72 -7.26 6.17 -6.48
N GLU A 73 -6.94 5.08 -7.19
CA GLU A 73 -6.75 3.73 -6.58
C GLU A 73 -5.84 2.80 -7.47
N VAL A 74 -5.14 1.84 -6.86
CA VAL A 74 -4.20 0.92 -7.59
C VAL A 74 -5.00 -0.40 -7.81
N SER A 75 -5.18 -0.78 -9.08
CA SER A 75 -5.96 -2.00 -9.42
C SER A 75 -5.03 -3.22 -9.72
N GLU A 76 -5.71 -4.37 -9.89
CA GLU A 76 -5.08 -5.68 -10.23
C GLU A 76 -4.01 -5.62 -11.37
N GLN A 77 -4.29 -5.01 -12.54
CA GLN A 77 -3.26 -4.89 -13.61
C GLN A 77 -1.99 -4.09 -13.18
N GLU A 78 -2.04 -2.95 -12.43
CA GLU A 78 -0.79 -2.27 -11.96
C GLU A 78 -0.07 -3.04 -10.80
N PHE A 79 -0.78 -3.87 -10.03
CA PHE A 79 -0.21 -4.74 -8.97
C PHE A 79 0.77 -5.78 -9.59
N LEU A 80 0.26 -6.63 -10.50
CA LEU A 80 1.10 -7.65 -11.18
C LEU A 80 1.96 -7.09 -12.37
N ARG A 81 1.38 -6.34 -13.34
CA ARG A 81 2.13 -5.79 -14.51
C ARG A 81 2.99 -4.47 -14.32
N ILE A 82 2.62 -3.49 -13.45
CA ILE A 82 3.31 -2.18 -13.15
C ILE A 82 3.79 -1.25 -14.33
N PHE A 3 4.26 -1.60 -2.78
CA PHE A 3 3.56 -2.04 -1.53
C PHE A 3 4.59 -2.49 -0.42
N GLY A 4 5.69 -3.23 -0.76
CA GLY A 4 6.74 -3.59 0.25
C GLY A 4 7.46 -2.35 0.87
N ASP A 5 7.77 -1.35 0.03
CA ASP A 5 8.37 -0.06 0.45
C ASP A 5 7.41 0.75 1.39
N PHE A 6 6.08 0.86 1.07
CA PHE A 6 5.07 1.50 1.95
C PHE A 6 5.05 0.80 3.36
N LEU A 7 5.07 -0.55 3.42
CA LEU A 7 5.10 -1.31 4.70
C LEU A 7 6.33 -0.92 5.58
N THR A 8 7.56 -1.04 5.05
CA THR A 8 8.77 -0.61 5.85
C THR A 8 8.73 0.89 6.34
N VAL A 9 8.17 1.78 5.50
CA VAL A 9 7.96 3.22 5.81
C VAL A 9 6.90 3.46 6.95
N MET A 10 5.75 2.75 6.89
CA MET A 10 4.67 2.84 7.92
C MET A 10 5.10 2.29 9.31
N THR A 11 5.80 1.14 9.44
CA THR A 11 6.24 0.66 10.77
C THR A 11 7.25 1.65 11.43
N GLN A 12 8.14 2.32 10.64
CA GLN A 12 9.19 3.26 11.14
C GLN A 12 10.12 2.67 12.27
N LYS A 13 10.19 1.32 12.40
CA LYS A 13 11.03 0.67 13.46
C LYS A 13 12.21 -0.12 12.84
N MET A 14 12.01 -1.31 12.22
CA MET A 14 13.12 -2.10 11.61
C MET A 14 12.70 -2.78 10.27
N SER A 15 11.82 -3.81 10.25
CA SER A 15 11.37 -4.56 9.02
C SER A 15 12.46 -5.54 8.45
N GLU A 16 13.70 -5.06 8.23
CA GLU A 16 14.89 -5.85 7.77
C GLU A 16 14.91 -6.39 6.30
N LYS A 17 14.10 -7.40 5.91
CA LYS A 17 14.18 -8.00 4.54
C LYS A 17 12.95 -8.80 4.01
N ASP A 18 12.78 -8.82 2.68
CA ASP A 18 11.73 -9.60 1.97
C ASP A 18 12.14 -9.70 0.45
N THR A 19 11.87 -8.68 -0.40
CA THR A 19 12.22 -8.66 -1.87
C THR A 19 11.46 -9.77 -2.66
N LYS A 20 10.46 -9.43 -3.51
CA LYS A 20 9.59 -10.42 -4.26
C LYS A 20 8.61 -11.13 -3.23
N GLU A 21 7.41 -11.72 -3.59
CA GLU A 21 6.43 -12.26 -2.54
C GLU A 21 5.72 -11.04 -1.82
N GLU A 22 6.47 -10.08 -1.22
CA GLU A 22 5.97 -8.83 -0.58
C GLU A 22 5.00 -8.01 -1.45
N ILE A 23 5.16 -7.92 -2.78
CA ILE A 23 4.14 -7.20 -3.61
C ILE A 23 2.78 -7.96 -3.52
N LEU A 24 2.76 -9.27 -3.83
CA LEU A 24 1.49 -10.05 -3.75
C LEU A 24 0.96 -10.25 -2.30
N LYS A 25 1.82 -10.55 -1.32
CA LYS A 25 1.43 -10.67 0.10
C LYS A 25 0.99 -9.30 0.70
N ALA A 26 1.70 -8.15 0.50
CA ALA A 26 1.23 -6.87 1.07
C ALA A 26 -0.08 -6.35 0.44
N PHE A 27 -0.25 -6.38 -0.90
CA PHE A 27 -1.54 -5.93 -1.51
C PHE A 27 -2.71 -6.89 -1.19
N LYS A 28 -2.52 -8.24 -1.26
CA LYS A 28 -3.64 -9.17 -0.96
C LYS A 28 -4.11 -9.07 0.54
N LEU A 29 -3.23 -8.87 1.57
CA LEU A 29 -3.71 -8.61 2.95
C LEU A 29 -4.40 -7.21 3.08
N PHE A 30 -3.94 -6.20 2.32
CA PHE A 30 -4.52 -4.85 2.23
C PHE A 30 -6.01 -4.82 1.75
N ASP A 31 -6.38 -5.57 0.67
CA ASP A 31 -7.80 -5.57 0.21
C ASP A 31 -8.77 -6.44 1.14
N ASP A 32 -9.04 -6.05 2.42
CA ASP A 32 -10.02 -6.73 3.38
C ASP A 32 -11.40 -7.23 2.74
N ASP A 33 -11.88 -6.66 1.61
CA ASP A 33 -13.12 -7.09 0.90
C ASP A 33 -12.86 -8.16 -0.24
N GLU A 34 -11.59 -8.62 -0.52
CA GLU A 34 -11.22 -9.65 -1.54
C GLU A 34 -11.28 -9.24 -3.07
N THR A 35 -11.81 -8.05 -3.40
CA THR A 35 -11.94 -7.53 -4.78
C THR A 35 -10.60 -7.12 -5.47
N GLY A 36 -9.56 -6.78 -4.69
CA GLY A 36 -8.25 -6.38 -5.23
C GLY A 36 -8.14 -4.94 -5.78
N LYS A 37 -8.45 -3.95 -4.94
CA LYS A 37 -8.42 -2.52 -5.31
C LYS A 37 -8.15 -1.67 -4.02
N ILE A 38 -6.96 -1.04 -3.84
CA ILE A 38 -6.67 -0.21 -2.61
C ILE A 38 -6.86 1.29 -2.94
N SER A 39 -7.66 1.90 -2.06
CA SER A 39 -7.96 3.35 -2.04
C SER A 39 -7.19 4.01 -0.83
N PHE A 40 -7.20 5.34 -0.80
CA PHE A 40 -6.52 6.16 0.28
C PHE A 40 -6.95 5.84 1.76
N LYS A 41 -8.24 5.55 1.99
CA LYS A 41 -8.76 5.21 3.36
C LYS A 41 -8.15 3.86 3.88
N ASN A 42 -8.00 2.80 3.03
CA ASN A 42 -7.31 1.54 3.46
C ASN A 42 -5.79 1.86 3.73
N LEU A 43 -5.10 2.79 2.99
CA LEU A 43 -3.70 3.23 3.30
C LEU A 43 -3.61 3.73 4.79
N LYS A 44 -4.56 4.59 5.23
CA LYS A 44 -4.69 5.08 6.64
C LYS A 44 -4.82 3.89 7.66
N ARG A 45 -5.68 2.86 7.39
CA ARG A 45 -5.80 1.63 8.25
C ARG A 45 -4.42 0.93 8.48
N VAL A 46 -3.71 0.64 7.37
CA VAL A 46 -2.34 0.00 7.41
C VAL A 46 -1.29 0.97 8.02
N ALA A 47 -1.36 2.29 7.78
CA ALA A 47 -0.46 3.29 8.39
C ALA A 47 -0.49 3.27 9.97
N LYS A 48 -1.67 3.19 10.64
CA LYS A 48 -1.73 3.04 12.13
C LYS A 48 -1.30 1.59 12.60
N GLU A 49 -1.83 0.51 11.97
CA GLU A 49 -1.50 -0.91 12.29
C GLU A 49 0.00 -1.34 12.37
N LEU A 50 0.80 -0.89 11.39
CA LEU A 50 2.25 -1.15 11.23
C LEU A 50 3.19 -0.65 12.36
N GLY A 51 2.86 0.54 12.81
CA GLY A 51 3.55 1.25 13.91
C GLY A 51 2.96 2.66 14.12
N GLU A 52 3.06 3.60 13.14
CA GLU A 52 2.48 4.97 13.30
C GLU A 52 2.42 5.65 11.89
N ASN A 53 1.28 6.32 11.58
CA ASN A 53 1.05 7.01 10.29
C ASN A 53 2.07 8.14 9.97
N LEU A 54 2.37 8.28 8.67
CA LEU A 54 3.31 9.30 8.15
C LEU A 54 2.56 10.68 8.08
N THR A 55 1.94 11.07 6.95
CA THR A 55 1.16 12.31 6.87
C THR A 55 0.18 12.15 5.66
N ASP A 56 -1.03 12.69 5.82
CA ASP A 56 -2.11 12.65 4.79
C ASP A 56 -1.68 12.92 3.30
N GLU A 57 -0.96 14.02 3.13
CA GLU A 57 -0.39 14.49 1.84
C GLU A 57 0.67 13.49 1.22
N GLU A 58 1.56 12.92 2.05
CA GLU A 58 2.57 11.90 1.64
C GLU A 58 1.87 10.59 1.11
N LEU A 59 0.91 10.00 1.88
CA LEU A 59 0.10 8.85 1.44
C LEU A 59 -0.68 9.16 0.09
N GLN A 60 -1.22 10.41 -0.08
CA GLN A 60 -1.96 10.78 -1.32
C GLN A 60 -0.98 10.89 -2.54
N GLU A 61 0.25 11.43 -2.37
CA GLU A 61 1.29 11.43 -3.46
C GLU A 61 1.61 9.94 -3.90
N MET A 62 1.65 8.97 -2.94
CA MET A 62 1.79 7.51 -3.23
C MET A 62 0.59 7.00 -4.11
N ILE A 63 -0.68 7.38 -3.81
CA ILE A 63 -1.89 7.06 -4.63
C ILE A 63 -1.75 7.63 -6.06
N ASP A 64 -1.53 8.96 -6.19
CA ASP A 64 -1.39 9.60 -7.53
C ASP A 64 -0.27 8.96 -8.43
N GLU A 65 0.90 8.56 -7.87
CA GLU A 65 1.90 7.80 -8.69
C GLU A 65 1.39 6.32 -8.99
N ALA A 66 0.89 5.57 -7.97
CA ALA A 66 0.35 4.20 -8.07
C ALA A 66 -0.87 3.97 -8.99
N ASP A 67 -1.84 4.90 -9.09
CA ASP A 67 -3.04 4.79 -9.98
C ASP A 67 -2.68 4.93 -11.54
N ARG A 68 -1.60 4.27 -12.04
CA ARG A 68 -1.05 4.44 -13.42
C ARG A 68 -2.00 4.59 -14.64
N ASP A 69 -2.98 3.69 -14.75
CA ASP A 69 -4.02 3.74 -15.78
C ASP A 69 -5.36 3.37 -15.04
N GLY A 70 -5.78 4.07 -13.94
CA GLY A 70 -7.02 3.71 -13.24
C GLY A 70 -8.03 4.89 -13.01
N ASP A 71 -8.70 4.96 -11.86
CA ASP A 71 -9.74 5.98 -11.51
C ASP A 71 -9.51 6.71 -10.11
N GLY A 72 -8.32 6.67 -9.48
CA GLY A 72 -8.04 7.24 -8.12
C GLY A 72 -7.69 6.15 -7.04
N GLU A 73 -7.29 4.93 -7.46
CA GLU A 73 -6.96 3.77 -6.59
C GLU A 73 -6.00 2.80 -7.40
N VAL A 74 -5.32 1.89 -6.71
CA VAL A 74 -4.32 0.95 -7.33
C VAL A 74 -5.03 -0.41 -7.53
N SER A 75 -5.16 -0.81 -8.80
CA SER A 75 -5.84 -2.06 -9.20
C SER A 75 -4.86 -3.23 -9.55
N GLU A 76 -5.47 -4.41 -9.74
CA GLU A 76 -4.79 -5.67 -10.16
C GLU A 76 -3.81 -5.50 -11.37
N GLN A 77 -4.18 -4.82 -12.46
CA GLN A 77 -3.27 -4.60 -13.61
C GLN A 77 -1.96 -3.81 -13.28
N GLU A 78 -2.01 -2.72 -12.48
CA GLU A 78 -0.79 -2.03 -12.03
C GLU A 78 -0.01 -2.90 -10.96
N PHE A 79 -0.69 -3.67 -10.07
CA PHE A 79 -0.08 -4.58 -9.07
C PHE A 79 0.85 -5.65 -9.70
N LEU A 80 0.35 -6.37 -10.71
CA LEU A 80 1.14 -7.41 -11.40
C LEU A 80 2.13 -6.82 -12.45
N ARG A 81 1.66 -6.01 -13.43
CA ARG A 81 2.54 -5.39 -14.48
C ARG A 81 3.35 -4.10 -14.09
N ILE A 82 2.67 -3.00 -13.70
CA ILE A 82 3.12 -1.61 -13.32
C ILE A 82 2.54 -0.49 -14.29
N PHE A 3 4.26 0.82 -5.13
CA PHE A 3 3.71 0.43 -3.78
C PHE A 3 4.74 -0.19 -2.73
N GLY A 4 5.88 -0.75 -3.20
CA GLY A 4 6.96 -1.33 -2.35
C GLY A 4 7.50 -0.44 -1.21
N ASP A 5 7.60 0.87 -1.44
CA ASP A 5 8.02 1.87 -0.42
C ASP A 5 6.99 1.95 0.77
N PHE A 6 5.63 1.93 0.53
CA PHE A 6 4.65 1.84 1.67
C PHE A 6 4.89 0.46 2.41
N LEU A 7 5.04 -0.69 1.68
CA LEU A 7 5.39 -2.03 2.30
C LEU A 7 6.62 -1.98 3.25
N THR A 8 7.76 -1.50 2.74
CA THR A 8 9.01 -1.36 3.55
C THR A 8 8.82 -0.52 4.86
N VAL A 9 8.15 0.64 4.75
CA VAL A 9 7.81 1.50 5.94
C VAL A 9 6.81 0.75 6.91
N MET A 10 5.76 0.09 6.36
CA MET A 10 4.77 -0.73 7.12
C MET A 10 5.44 -1.88 7.95
N THR A 11 6.38 -2.65 7.35
CA THR A 11 7.13 -3.72 8.08
C THR A 11 8.20 -3.09 9.03
N GLN A 12 9.05 -2.13 8.58
CA GLN A 12 10.06 -1.42 9.45
C GLN A 12 9.53 -0.85 10.81
N LYS A 13 8.26 -0.41 10.90
CA LYS A 13 7.64 0.05 12.18
C LYS A 13 7.74 -0.99 13.37
N MET A 14 7.66 -2.30 13.07
CA MET A 14 7.81 -3.42 14.04
C MET A 14 9.11 -4.26 13.77
N SER A 15 9.40 -4.66 12.51
CA SER A 15 10.62 -5.44 12.12
C SER A 15 10.77 -5.35 10.56
N GLU A 16 11.94 -4.91 10.04
CA GLU A 16 12.18 -4.75 8.58
C GLU A 16 12.10 -6.07 7.72
N LYS A 17 11.74 -5.91 6.43
CA LYS A 17 11.60 -7.04 5.48
C LYS A 17 12.75 -7.20 4.42
N ASP A 18 12.56 -8.16 3.50
CA ASP A 18 13.52 -8.55 2.44
C ASP A 18 13.59 -7.53 1.23
N THR A 19 13.13 -7.91 0.03
CA THR A 19 13.12 -7.08 -1.21
C THR A 19 12.45 -7.93 -2.34
N LYS A 20 11.50 -7.36 -3.13
CA LYS A 20 10.72 -8.05 -4.22
C LYS A 20 9.93 -9.33 -3.75
N GLU A 21 8.83 -9.77 -4.43
CA GLU A 21 7.92 -10.87 -3.90
C GLU A 21 7.15 -10.43 -2.56
N GLU A 22 7.71 -9.58 -1.67
CA GLU A 22 7.04 -9.04 -0.45
C GLU A 22 5.89 -8.03 -0.79
N ILE A 23 5.97 -7.27 -1.92
CA ILE A 23 4.85 -6.38 -2.40
C ILE A 23 3.50 -7.19 -2.54
N LEU A 24 3.57 -8.45 -2.99
CA LEU A 24 2.39 -9.35 -3.11
C LEU A 24 1.70 -9.66 -1.75
N LYS A 25 2.45 -10.01 -0.69
CA LYS A 25 1.83 -10.23 0.65
C LYS A 25 1.25 -8.93 1.27
N ALA A 26 1.94 -7.76 1.16
CA ALA A 26 1.41 -6.49 1.68
C ALA A 26 0.10 -6.03 0.98
N PHE A 27 0.04 -5.91 -0.37
CA PHE A 27 -1.24 -5.52 -1.03
C PHE A 27 -2.37 -6.56 -0.81
N LYS A 28 -2.11 -7.89 -0.97
CA LYS A 28 -3.20 -8.86 -0.73
C LYS A 28 -3.68 -8.87 0.77
N LEU A 29 -2.85 -8.56 1.81
CA LEU A 29 -3.33 -8.41 3.21
C LEU A 29 -3.99 -7.00 3.46
N PHE A 30 -3.76 -5.92 2.65
CA PHE A 30 -4.51 -4.63 2.74
C PHE A 30 -6.03 -4.85 2.44
N ASP A 31 -6.34 -5.65 1.38
CA ASP A 31 -7.73 -5.91 0.96
C ASP A 31 -8.54 -6.86 1.94
N ASP A 32 -9.03 -6.38 3.11
CA ASP A 32 -9.94 -7.19 4.02
C ASP A 32 -11.23 -7.83 3.29
N ASP A 33 -11.55 -7.47 2.01
CA ASP A 33 -12.66 -8.02 1.17
C ASP A 33 -12.14 -9.02 0.07
N GLU A 34 -10.82 -9.04 -0.32
CA GLU A 34 -10.20 -9.93 -1.36
C GLU A 34 -10.40 -9.44 -2.86
N THR A 35 -11.18 -8.38 -3.09
CA THR A 35 -11.46 -7.78 -4.43
C THR A 35 -10.21 -7.16 -5.16
N GLY A 36 -9.13 -6.80 -4.43
CA GLY A 36 -7.90 -6.25 -5.01
C GLY A 36 -7.92 -4.84 -5.62
N LYS A 37 -8.30 -3.84 -4.81
CA LYS A 37 -8.35 -2.42 -5.22
C LYS A 37 -8.03 -1.57 -3.95
N ILE A 38 -6.87 -0.88 -3.87
CA ILE A 38 -6.56 -0.04 -2.68
C ILE A 38 -6.86 1.43 -3.09
N SER A 39 -7.81 1.94 -2.32
CA SER A 39 -8.23 3.35 -2.40
C SER A 39 -7.52 4.10 -1.21
N PHE A 40 -7.45 5.43 -1.27
CA PHE A 40 -6.79 6.27 -0.21
C PHE A 40 -7.27 6.01 1.28
N LYS A 41 -8.56 5.72 1.48
CA LYS A 41 -9.11 5.42 2.83
C LYS A 41 -8.51 4.13 3.49
N ASN A 42 -8.24 3.01 2.76
CA ASN A 42 -7.59 1.82 3.43
C ASN A 42 -6.05 2.15 3.73
N LEU A 43 -5.34 3.00 2.94
CA LEU A 43 -3.96 3.50 3.31
C LEU A 43 -4.01 4.24 4.72
N LYS A 44 -5.06 5.07 4.96
CA LYS A 44 -5.30 5.74 6.28
C LYS A 44 -5.52 4.69 7.43
N ARG A 45 -6.33 3.64 7.17
CA ARG A 45 -6.55 2.50 8.14
C ARG A 45 -5.19 1.91 8.61
N VAL A 46 -4.36 1.40 7.68
CA VAL A 46 -3.05 0.79 7.98
C VAL A 46 -2.03 1.77 8.62
N ALA A 47 -1.93 3.03 8.15
CA ALA A 47 -1.03 4.06 8.72
C ALA A 47 -1.24 4.33 10.25
N LYS A 48 -2.49 4.57 10.67
CA LYS A 48 -2.86 4.72 12.11
C LYS A 48 -2.93 3.34 12.85
N GLU A 49 -3.42 2.25 12.21
CA GLU A 49 -3.47 0.87 12.79
C GLU A 49 -2.06 0.21 13.02
N LEU A 50 -1.00 0.60 12.27
CA LEU A 50 0.40 0.10 12.46
C LEU A 50 0.99 0.42 13.89
N GLY A 51 1.10 1.72 14.18
CA GLY A 51 1.63 2.27 15.46
C GLY A 51 2.23 3.69 15.37
N GLU A 52 1.66 4.58 14.54
CA GLU A 52 2.10 5.97 14.29
C GLU A 52 3.47 6.07 13.52
N ASN A 53 3.46 6.74 12.36
CA ASN A 53 4.66 6.89 11.49
C ASN A 53 4.50 7.97 10.37
N LEU A 54 3.42 7.97 9.57
CA LEU A 54 3.19 8.97 8.47
C LEU A 54 1.78 9.65 8.53
N THR A 55 1.60 10.71 7.72
CA THR A 55 0.38 11.55 7.68
C THR A 55 -0.47 11.39 6.38
N ASP A 56 -1.73 11.83 6.46
CA ASP A 56 -2.72 11.79 5.35
C ASP A 56 -2.24 12.23 3.92
N GLU A 57 -1.61 13.39 3.89
CA GLU A 57 -1.01 14.03 2.69
C GLU A 57 0.15 13.16 2.06
N GLU A 58 1.08 12.67 2.91
CA GLU A 58 2.20 11.75 2.50
C GLU A 58 1.65 10.43 1.81
N LEU A 59 0.66 9.75 2.43
CA LEU A 59 -0.06 8.59 1.83
C LEU A 59 -0.70 8.95 0.44
N GLN A 60 -1.31 10.17 0.28
CA GLN A 60 -1.88 10.58 -1.02
C GLN A 60 -0.77 10.68 -2.12
N GLU A 61 0.47 11.19 -1.85
CA GLU A 61 1.56 11.12 -2.90
C GLU A 61 1.92 9.61 -3.24
N MET A 62 1.85 8.66 -2.26
CA MET A 62 2.00 7.19 -2.55
C MET A 62 0.84 6.63 -3.47
N ILE A 63 -0.41 7.15 -3.37
CA ILE A 63 -1.54 6.81 -4.28
C ILE A 63 -1.14 7.22 -5.74
N ASP A 64 -0.82 8.51 -5.97
CA ASP A 64 -0.42 9.01 -7.33
C ASP A 64 0.77 8.21 -7.96
N GLU A 65 1.79 7.72 -7.18
CA GLU A 65 2.85 6.82 -7.78
C GLU A 65 2.27 5.40 -8.20
N ALA A 66 1.34 4.83 -7.42
CA ALA A 66 0.64 3.55 -7.68
C ALA A 66 -0.58 3.48 -8.69
N ASP A 67 -1.33 4.60 -8.86
CA ASP A 67 -2.58 4.73 -9.70
C ASP A 67 -2.49 4.58 -11.29
N ARG A 68 -1.74 3.62 -11.89
CA ARG A 68 -1.59 3.59 -13.39
C ARG A 68 -2.81 3.41 -14.33
N ASP A 69 -3.94 2.85 -13.86
CA ASP A 69 -5.18 2.81 -14.70
C ASP A 69 -5.78 4.28 -14.90
N GLY A 70 -5.58 5.23 -13.95
CA GLY A 70 -6.03 6.64 -14.08
C GLY A 70 -7.19 7.23 -13.26
N ASP A 71 -7.59 6.60 -12.15
CA ASP A 71 -8.69 7.13 -11.26
C ASP A 71 -8.24 7.33 -9.76
N GLY A 72 -6.93 7.24 -9.34
CA GLY A 72 -6.56 7.41 -7.90
C GLY A 72 -6.67 6.17 -6.95
N GLU A 73 -6.63 4.94 -7.48
CA GLU A 73 -6.69 3.68 -6.68
C GLU A 73 -5.85 2.58 -7.42
N VAL A 74 -5.27 1.64 -6.66
CA VAL A 74 -4.36 0.59 -7.19
C VAL A 74 -5.13 -0.77 -7.36
N SER A 75 -5.23 -1.27 -8.59
CA SER A 75 -5.93 -2.52 -8.94
C SER A 75 -4.93 -3.71 -9.12
N GLU A 76 -5.45 -4.96 -9.23
CA GLU A 76 -4.61 -6.18 -9.42
C GLU A 76 -3.63 -6.07 -10.62
N GLN A 77 -4.01 -5.67 -11.85
CA GLN A 77 -3.03 -5.51 -12.95
C GLN A 77 -1.91 -4.44 -12.65
N GLU A 78 -2.22 -3.28 -12.04
CA GLU A 78 -1.16 -2.30 -11.64
C GLU A 78 -0.31 -2.78 -10.38
N PHE A 79 -0.80 -3.72 -9.55
CA PHE A 79 -0.07 -4.34 -8.41
C PHE A 79 1.08 -5.25 -8.96
N LEU A 80 0.76 -6.28 -9.77
CA LEU A 80 1.76 -7.19 -10.36
C LEU A 80 2.52 -6.67 -11.65
N ARG A 81 1.81 -6.19 -12.70
CA ARG A 81 2.39 -5.75 -13.99
C ARG A 81 3.05 -4.33 -14.13
N ILE A 82 2.81 -3.29 -13.30
CA ILE A 82 3.44 -1.93 -13.44
C ILE A 82 4.97 -1.90 -13.82
N PHE A 3 4.95 -1.05 -2.63
CA PHE A 3 4.91 0.38 -2.18
C PHE A 3 6.25 0.32 -1.26
N GLY A 4 7.49 -0.23 -1.67
CA GLY A 4 8.69 -0.36 -0.78
C GLY A 4 9.01 0.79 0.17
N ASP A 5 8.81 1.97 -0.40
CA ASP A 5 8.93 3.26 0.32
C ASP A 5 7.76 3.39 1.38
N PHE A 6 6.44 3.16 1.06
CA PHE A 6 5.36 3.14 2.13
C PHE A 6 5.65 1.98 3.21
N LEU A 7 6.14 0.79 2.78
CA LEU A 7 6.51 -0.32 3.68
C LEU A 7 7.62 0.11 4.69
N THR A 8 8.79 0.53 4.18
CA THR A 8 9.93 1.03 5.03
C THR A 8 9.53 2.17 6.02
N VAL A 9 8.67 3.11 5.57
CA VAL A 9 8.12 4.23 6.38
C VAL A 9 7.33 3.70 7.62
N MET A 10 6.43 2.72 7.46
CA MET A 10 5.72 2.13 8.65
C MET A 10 6.59 1.07 9.45
N THR A 11 7.26 0.15 8.71
CA THR A 11 8.16 -0.94 9.23
C THR A 11 9.36 -0.45 10.07
N GLN A 12 9.88 0.79 9.92
CA GLN A 12 10.98 1.34 10.80
C GLN A 12 10.75 1.10 12.36
N LYS A 13 9.47 1.03 12.80
CA LYS A 13 9.10 0.71 14.21
C LYS A 13 8.84 -0.83 14.51
N MET A 14 8.91 -1.73 13.51
CA MET A 14 8.69 -3.21 13.65
C MET A 14 9.84 -4.12 13.09
N SER A 15 10.53 -3.74 11.98
CA SER A 15 11.64 -4.50 11.32
C SER A 15 11.20 -5.80 10.56
N GLU A 16 10.47 -5.64 9.44
CA GLU A 16 10.01 -6.79 8.60
C GLU A 16 11.07 -7.34 7.59
N LYS A 17 10.71 -8.43 6.88
CA LYS A 17 11.62 -9.18 5.95
C LYS A 17 11.01 -9.45 4.52
N ASP A 18 11.74 -10.24 3.70
CA ASP A 18 11.37 -10.69 2.33
C ASP A 18 11.52 -9.66 1.15
N THR A 19 11.48 -10.20 -0.07
CA THR A 19 11.59 -9.45 -1.37
C THR A 19 11.02 -10.45 -2.43
N LYS A 20 9.86 -10.13 -3.06
CA LYS A 20 9.07 -11.01 -4.01
C LYS A 20 7.98 -11.82 -3.16
N GLU A 21 6.82 -12.36 -3.64
CA GLU A 21 5.75 -12.99 -2.70
C GLU A 21 5.07 -11.87 -1.81
N GLU A 22 5.90 -11.06 -1.11
CA GLU A 22 5.63 -9.82 -0.33
C GLU A 22 4.59 -8.91 -1.03
N ILE A 23 4.77 -8.59 -2.34
CA ILE A 23 3.74 -7.76 -3.07
C ILE A 23 2.34 -8.45 -3.16
N LEU A 24 2.30 -9.75 -3.51
CA LEU A 24 1.03 -10.52 -3.59
C LEU A 24 0.37 -10.76 -2.19
N LYS A 25 1.13 -11.18 -1.17
CA LYS A 25 0.59 -11.36 0.19
C LYS A 25 0.15 -10.01 0.85
N ALA A 26 0.97 -8.91 0.82
CA ALA A 26 0.54 -7.62 1.42
C ALA A 26 -0.65 -6.96 0.69
N PHE A 27 -0.74 -6.97 -0.67
CA PHE A 27 -1.92 -6.40 -1.36
C PHE A 27 -3.17 -7.24 -1.10
N LYS A 28 -3.13 -8.60 -1.21
CA LYS A 28 -4.36 -9.39 -0.99
C LYS A 28 -4.92 -9.23 0.48
N LEU A 29 -4.07 -9.08 1.54
CA LEU A 29 -4.56 -8.77 2.92
C LEU A 29 -4.98 -7.27 3.08
N PHE A 30 -4.49 -6.31 2.25
CA PHE A 30 -4.97 -4.90 2.26
C PHE A 30 -6.48 -4.85 1.87
N ASP A 31 -6.87 -5.46 0.72
CA ASP A 31 -8.27 -5.41 0.22
C ASP A 31 -9.35 -6.20 1.08
N ASP A 32 -9.72 -5.70 2.29
CA ASP A 32 -10.82 -6.28 3.17
C ASP A 32 -12.17 -6.79 2.50
N ASP A 33 -12.48 -6.43 1.23
CA ASP A 33 -13.68 -6.88 0.49
C ASP A 33 -13.36 -8.05 -0.55
N GLU A 34 -12.07 -8.49 -0.73
CA GLU A 34 -11.62 -9.60 -1.65
C GLU A 34 -11.62 -9.28 -3.20
N THR A 35 -12.12 -8.13 -3.65
CA THR A 35 -12.18 -7.69 -5.06
C THR A 35 -10.80 -7.30 -5.68
N GLY A 36 -9.86 -6.82 -4.83
CA GLY A 36 -8.52 -6.41 -5.29
C GLY A 36 -8.37 -4.98 -5.87
N LYS A 37 -8.78 -3.97 -5.09
CA LYS A 37 -8.70 -2.55 -5.48
C LYS A 37 -8.41 -1.69 -4.21
N ILE A 38 -7.20 -1.09 -4.05
CA ILE A 38 -6.90 -0.23 -2.87
C ILE A 38 -7.00 1.26 -3.32
N SER A 39 -7.93 1.90 -2.65
CA SER A 39 -8.17 3.36 -2.72
C SER A 39 -7.46 3.95 -1.41
N PHE A 40 -7.27 5.26 -1.38
CA PHE A 40 -6.63 6.02 -0.25
C PHE A 40 -7.16 5.72 1.22
N LYS A 41 -8.48 5.55 1.42
CA LYS A 41 -9.08 5.24 2.77
C LYS A 41 -8.55 3.89 3.39
N ASN A 42 -8.45 2.83 2.56
CA ASN A 42 -7.84 1.55 3.06
C ASN A 42 -6.31 1.79 3.41
N LEU A 43 -5.52 2.61 2.66
CA LEU A 43 -4.10 2.97 3.03
C LEU A 43 -4.07 3.61 4.49
N LYS A 44 -5.06 4.46 4.88
CA LYS A 44 -5.23 5.03 6.26
C LYS A 44 -5.39 3.87 7.31
N ARG A 45 -6.28 2.85 7.08
CA ARG A 45 -6.35 1.68 8.05
C ARG A 45 -4.98 0.98 8.24
N VAL A 46 -4.25 0.71 7.14
CA VAL A 46 -2.93 0.08 7.22
C VAL A 46 -1.86 1.00 7.90
N ALA A 47 -1.84 2.29 7.55
CA ALA A 47 -0.95 3.33 8.15
C ALA A 47 -0.96 3.32 9.71
N LYS A 48 -2.16 3.28 10.35
CA LYS A 48 -2.22 3.13 11.84
C LYS A 48 -1.89 1.66 12.34
N GLU A 49 -2.28 0.61 11.57
CA GLU A 49 -2.04 -0.84 11.89
C GLU A 49 -0.59 -1.43 11.69
N LEU A 50 0.22 -0.93 10.75
CA LEU A 50 1.58 -1.41 10.46
C LEU A 50 2.61 -1.24 11.62
N GLY A 51 3.06 0.01 11.79
CA GLY A 51 4.06 0.37 12.84
C GLY A 51 4.29 1.86 13.18
N GLU A 52 4.34 2.75 12.19
CA GLU A 52 4.56 4.21 12.41
C GLU A 52 3.44 5.00 11.67
N ASN A 53 2.62 5.79 12.39
CA ASN A 53 1.53 6.59 11.76
C ASN A 53 2.02 8.00 11.32
N LEU A 54 2.15 8.23 10.00
CA LEU A 54 2.60 9.54 9.44
C LEU A 54 1.40 10.52 9.25
N THR A 55 1.08 10.93 8.00
CA THR A 55 -0.05 11.85 7.75
C THR A 55 -0.64 11.58 6.34
N ASP A 56 -1.85 12.12 6.24
CA ASP A 56 -2.69 12.10 5.02
C ASP A 56 -1.98 12.43 3.66
N GLU A 57 -1.23 13.54 3.67
CA GLU A 57 -0.43 14.05 2.53
C GLU A 57 0.71 13.07 2.09
N GLU A 58 1.45 12.47 3.06
CA GLU A 58 2.48 11.41 2.79
C GLU A 58 1.86 10.18 2.00
N LEU A 59 0.77 9.59 2.54
CA LEU A 59 0.02 8.50 1.88
C LEU A 59 -0.56 8.91 0.48
N GLN A 60 -1.02 10.19 0.28
CA GLN A 60 -1.56 10.62 -1.05
C GLN A 60 -0.44 10.67 -2.13
N GLU A 61 0.82 11.11 -1.82
CA GLU A 61 1.93 11.00 -2.83
C GLU A 61 2.22 9.48 -3.13
N MET A 62 2.12 8.54 -2.14
CA MET A 62 2.23 7.06 -2.42
C MET A 62 1.11 6.59 -3.44
N ILE A 63 -0.15 7.10 -3.33
CA ILE A 63 -1.25 6.87 -4.31
C ILE A 63 -0.81 7.42 -5.70
N ASP A 64 -0.44 8.71 -5.77
CA ASP A 64 -0.02 9.37 -7.04
C ASP A 64 1.05 8.61 -7.89
N GLU A 65 2.05 8.01 -7.23
CA GLU A 65 3.06 7.15 -7.93
C GLU A 65 2.44 5.74 -8.34
N ALA A 66 1.68 5.08 -7.43
CA ALA A 66 0.99 3.78 -7.65
C ALA A 66 -0.17 3.74 -8.71
N ASP A 67 -0.98 4.81 -8.79
CA ASP A 67 -2.13 4.96 -9.71
C ASP A 67 -1.77 5.31 -11.20
N ARG A 68 -0.77 4.67 -11.87
CA ARG A 68 -0.33 5.04 -13.25
C ARG A 68 -1.41 5.39 -14.34
N ASP A 69 -2.42 4.52 -14.48
CA ASP A 69 -3.57 4.73 -15.37
C ASP A 69 -4.88 4.55 -14.49
N GLY A 70 -5.02 5.14 -13.27
CA GLY A 70 -6.21 4.94 -12.40
C GLY A 70 -7.14 6.08 -11.96
N ASP A 71 -6.64 7.31 -11.75
CA ASP A 71 -7.41 8.51 -11.25
C ASP A 71 -7.63 8.51 -9.67
N GLY A 72 -7.41 7.40 -8.91
CA GLY A 72 -7.59 7.36 -7.44
C GLY A 72 -7.47 5.99 -6.70
N GLU A 73 -7.04 4.91 -7.37
CA GLU A 73 -6.91 3.54 -6.75
C GLU A 73 -5.94 2.62 -7.59
N VAL A 74 -5.25 1.72 -6.87
CA VAL A 74 -4.28 0.74 -7.45
C VAL A 74 -5.10 -0.58 -7.56
N SER A 75 -5.36 -1.00 -8.81
CA SER A 75 -6.15 -2.22 -9.10
C SER A 75 -5.28 -3.45 -9.46
N GLU A 76 -5.93 -4.61 -9.60
CA GLU A 76 -5.28 -5.92 -9.95
C GLU A 76 -4.28 -5.85 -11.15
N GLN A 77 -4.63 -5.25 -12.30
CA GLN A 77 -3.68 -5.14 -13.43
C GLN A 77 -2.41 -4.30 -13.12
N GLU A 78 -2.45 -3.14 -12.43
CA GLU A 78 -1.24 -2.40 -12.06
C GLU A 78 -0.43 -3.11 -10.89
N PHE A 79 -1.05 -3.93 -10.01
CA PHE A 79 -0.39 -4.71 -8.95
C PHE A 79 0.57 -5.78 -9.56
N LEU A 80 0.03 -6.68 -10.39
CA LEU A 80 0.83 -7.74 -11.03
C LEU A 80 1.61 -7.25 -12.31
N ARG A 81 1.03 -6.51 -13.28
CA ARG A 81 1.80 -5.99 -14.47
C ARG A 81 2.67 -4.69 -14.26
N ILE A 82 2.45 -3.82 -13.23
CA ILE A 82 3.19 -2.54 -12.95
C ILE A 82 3.31 -1.48 -14.10
N PHE A 3 3.79 0.01 -2.95
CA PHE A 3 3.62 -0.32 -1.49
C PHE A 3 4.85 -0.81 -0.65
N GLY A 4 5.72 -1.70 -1.18
CA GLY A 4 6.94 -2.22 -0.48
C GLY A 4 7.82 -1.19 0.24
N ASP A 5 8.12 -0.07 -0.44
CA ASP A 5 8.88 1.06 0.16
C ASP A 5 8.12 1.72 1.37
N PHE A 6 6.86 2.18 1.22
CA PHE A 6 6.01 2.74 2.34
C PHE A 6 5.95 1.74 3.57
N LEU A 7 5.69 0.45 3.26
CA LEU A 7 5.70 -0.67 4.24
C LEU A 7 7.06 -0.83 4.99
N THR A 8 8.14 -0.99 4.23
CA THR A 8 9.54 -1.08 4.74
C THR A 8 9.95 0.15 5.63
N VAL A 9 9.50 1.35 5.23
CA VAL A 9 9.74 2.61 5.98
C VAL A 9 9.12 2.57 7.39
N MET A 10 7.87 2.08 7.54
CA MET A 10 7.30 1.95 8.91
C MET A 10 7.80 0.66 9.68
N THR A 11 7.83 -0.51 9.02
CA THR A 11 8.21 -1.81 9.67
C THR A 11 9.75 -2.04 9.83
N GLN A 12 10.56 -2.07 8.74
CA GLN A 12 12.03 -2.26 8.81
C GLN A 12 12.81 -1.15 9.60
N LYS A 13 12.45 0.14 9.48
CA LYS A 13 13.11 1.24 10.25
C LYS A 13 12.99 1.13 11.83
N MET A 14 11.95 0.46 12.37
CA MET A 14 11.77 0.25 13.83
C MET A 14 12.59 -1.02 14.24
N SER A 15 12.09 -2.25 13.98
CA SER A 15 12.80 -3.53 14.31
C SER A 15 12.11 -4.72 13.58
N GLU A 16 12.28 -4.87 12.25
CA GLU A 16 11.64 -5.97 11.46
C GLU A 16 12.50 -6.35 10.19
N LYS A 17 11.91 -6.73 9.04
CA LYS A 17 12.67 -7.12 7.81
C LYS A 17 11.84 -6.93 6.50
N ASP A 18 12.25 -6.06 5.55
CA ASP A 18 11.48 -5.88 4.27
C ASP A 18 12.28 -5.18 3.10
N THR A 19 11.74 -5.31 1.87
CA THR A 19 12.32 -4.72 0.62
C THR A 19 11.23 -4.82 -0.52
N LYS A 20 10.95 -6.02 -1.06
CA LYS A 20 9.91 -6.28 -2.10
C LYS A 20 9.24 -7.68 -1.82
N GLU A 21 8.55 -8.34 -2.79
CA GLU A 21 7.80 -9.63 -2.52
C GLU A 21 6.50 -9.39 -1.62
N GLU A 22 6.57 -8.61 -0.52
CA GLU A 22 5.45 -8.25 0.38
C GLU A 22 4.32 -7.44 -0.33
N ILE A 23 4.53 -6.71 -1.48
CA ILE A 23 3.37 -6.07 -2.21
C ILE A 23 2.28 -7.18 -2.51
N LEU A 24 2.72 -8.41 -2.90
CA LEU A 24 1.77 -9.50 -3.19
C LEU A 24 0.93 -9.96 -1.97
N LYS A 25 1.57 -10.20 -0.82
CA LYS A 25 0.82 -10.54 0.42
C LYS A 25 -0.02 -9.32 0.92
N ALA A 26 0.54 -8.08 1.02
CA ALA A 26 -0.23 -6.90 1.47
C ALA A 26 -1.45 -6.54 0.58
N PHE A 27 -1.36 -6.55 -0.77
CA PHE A 27 -2.54 -6.26 -1.62
C PHE A 27 -3.58 -7.40 -1.55
N LYS A 28 -3.19 -8.70 -1.66
CA LYS A 28 -4.22 -9.77 -1.58
C LYS A 28 -4.83 -9.93 -0.15
N LEU A 29 -4.15 -9.61 0.99
CA LEU A 29 -4.79 -9.61 2.33
C LEU A 29 -5.66 -8.31 2.54
N PHE A 30 -5.30 -7.15 1.93
CA PHE A 30 -6.10 -5.89 1.98
C PHE A 30 -7.55 -6.04 1.45
N ASP A 31 -7.71 -6.64 0.26
CA ASP A 31 -9.04 -6.78 -0.35
C ASP A 31 -9.70 -8.19 0.00
N ASP A 32 -10.11 -8.54 1.26
CA ASP A 32 -10.77 -9.86 1.58
C ASP A 32 -12.16 -10.10 0.88
N ASP A 33 -12.87 -9.08 0.30
CA ASP A 33 -14.18 -9.31 -0.41
C ASP A 33 -14.00 -9.90 -1.88
N GLU A 34 -12.79 -9.84 -2.48
CA GLU A 34 -12.44 -10.36 -3.85
C GLU A 34 -12.94 -9.46 -5.05
N THR A 35 -12.58 -8.22 -4.83
CA THR A 35 -12.81 -7.06 -5.75
C THR A 35 -11.44 -6.63 -6.41
N GLY A 36 -10.36 -6.59 -5.61
CA GLY A 36 -8.98 -6.21 -6.01
C GLY A 36 -8.74 -4.73 -6.35
N LYS A 37 -9.11 -3.79 -5.47
CA LYS A 37 -8.91 -2.33 -5.70
C LYS A 37 -8.62 -1.63 -4.33
N ILE A 38 -7.39 -1.12 -4.11
CA ILE A 38 -7.10 -0.35 -2.83
C ILE A 38 -7.20 1.16 -3.21
N SER A 39 -8.01 1.81 -2.38
CA SER A 39 -8.25 3.28 -2.48
C SER A 39 -7.62 3.93 -1.18
N PHE A 40 -7.47 5.26 -1.22
CA PHE A 40 -6.86 6.10 -0.11
C PHE A 40 -7.28 5.77 1.38
N LYS A 41 -8.55 5.46 1.64
CA LYS A 41 -9.04 5.10 3.01
C LYS A 41 -8.35 3.83 3.61
N ASN A 42 -8.11 2.78 2.77
CA ASN A 42 -7.38 1.58 3.26
C ASN A 42 -5.86 1.96 3.51
N LEU A 43 -5.21 2.89 2.75
CA LEU A 43 -3.83 3.40 3.10
C LEU A 43 -3.82 4.04 4.54
N LYS A 44 -4.88 4.77 4.95
CA LYS A 44 -5.08 5.28 6.34
C LYS A 44 -5.05 4.07 7.37
N ARG A 45 -5.77 2.95 7.09
CA ARG A 45 -5.69 1.73 7.97
C ARG A 45 -4.24 1.20 8.10
N VAL A 46 -3.54 0.94 6.97
CA VAL A 46 -2.10 0.44 7.03
C VAL A 46 -1.18 1.46 7.77
N ALA A 47 -1.29 2.78 7.54
CA ALA A 47 -0.52 3.82 8.28
C ALA A 47 -0.70 3.70 9.85
N LYS A 48 -1.93 3.41 10.36
CA LYS A 48 -2.17 3.15 11.80
C LYS A 48 -1.59 1.75 12.24
N GLU A 49 -1.82 0.65 11.47
CA GLU A 49 -1.26 -0.72 11.76
C GLU A 49 0.29 -0.78 11.96
N LEU A 50 1.03 -0.11 11.07
CA LEU A 50 2.49 0.07 11.10
C LEU A 50 3.09 1.00 12.20
N GLY A 51 2.20 1.82 12.74
CA GLY A 51 2.51 2.81 13.82
C GLY A 51 2.94 4.21 13.31
N GLU A 52 3.83 4.28 12.30
CA GLU A 52 4.28 5.59 11.72
C GLU A 52 3.24 6.02 10.65
N ASN A 53 2.28 6.85 11.09
CA ASN A 53 1.17 7.35 10.22
C ASN A 53 1.44 8.63 9.35
N LEU A 54 2.48 9.45 9.63
CA LEU A 54 2.82 10.72 8.91
C LEU A 54 1.55 11.63 8.67
N THR A 55 1.09 11.93 7.44
CA THR A 55 -0.13 12.75 7.23
C THR A 55 -0.81 12.35 5.89
N ASP A 56 -2.05 12.84 5.82
CA ASP A 56 -2.96 12.69 4.66
C ASP A 56 -2.33 12.91 3.23
N GLU A 57 -1.60 14.02 3.12
CA GLU A 57 -0.85 14.47 1.93
C GLU A 57 0.28 13.45 1.53
N GLU A 58 1.08 12.92 2.49
CA GLU A 58 2.12 11.86 2.23
C GLU A 58 1.46 10.58 1.57
N LEU A 59 0.40 10.03 2.21
CA LEU A 59 -0.38 8.90 1.67
C LEU A 59 -1.01 9.18 0.26
N GLN A 60 -1.48 10.44 -0.02
CA GLN A 60 -2.05 10.78 -1.35
C GLN A 60 -0.95 10.81 -2.46
N GLU A 61 0.29 11.29 -2.17
CA GLU A 61 1.44 11.22 -3.14
C GLU A 61 1.73 9.70 -3.49
N MET A 62 1.69 8.77 -2.50
CA MET A 62 1.81 7.29 -2.73
C MET A 62 0.68 6.77 -3.70
N ILE A 63 -0.59 7.19 -3.51
CA ILE A 63 -1.74 6.86 -4.40
C ILE A 63 -1.47 7.34 -5.86
N ASP A 64 -1.25 8.67 -6.07
CA ASP A 64 -0.99 9.23 -7.44
C ASP A 64 0.20 8.55 -8.20
N GLU A 65 1.26 8.05 -7.53
CA GLU A 65 2.32 7.23 -8.24
C GLU A 65 1.81 5.76 -8.57
N ALA A 66 1.02 5.11 -7.68
CA ALA A 66 0.40 3.77 -7.87
C ALA A 66 -0.84 3.67 -8.85
N ASP A 67 -1.63 4.74 -9.01
CA ASP A 67 -2.87 4.83 -9.86
C ASP A 67 -2.70 4.75 -11.44
N ARG A 68 -1.73 3.98 -11.98
CA ARG A 68 -1.42 3.97 -13.44
C ARG A 68 -2.54 3.62 -14.45
N ASP A 69 -3.54 2.81 -14.09
CA ASP A 69 -4.69 2.53 -15.01
C ASP A 69 -5.62 3.80 -15.19
N GLY A 70 -5.80 4.76 -14.23
CA GLY A 70 -6.62 5.98 -14.51
C GLY A 70 -7.56 6.70 -13.52
N ASP A 71 -8.18 6.04 -12.53
CA ASP A 71 -9.15 6.72 -11.60
C ASP A 71 -8.61 7.04 -10.15
N GLY A 72 -7.30 7.06 -9.78
CA GLY A 72 -6.89 7.38 -8.37
C GLY A 72 -6.88 6.23 -7.31
N GLU A 73 -6.86 4.97 -7.73
CA GLU A 73 -6.82 3.77 -6.86
C GLU A 73 -5.99 2.65 -7.59
N VAL A 74 -5.42 1.68 -6.85
CA VAL A 74 -4.51 0.64 -7.44
C VAL A 74 -5.29 -0.68 -7.68
N SER A 75 -5.32 -1.12 -8.94
CA SER A 75 -6.00 -2.35 -9.40
C SER A 75 -4.99 -3.53 -9.57
N GLU A 76 -5.51 -4.75 -9.84
CA GLU A 76 -4.66 -5.97 -10.00
C GLU A 76 -3.55 -5.91 -11.09
N GLN A 77 -3.81 -5.45 -12.33
CA GLN A 77 -2.72 -5.35 -13.34
C GLN A 77 -1.62 -4.29 -12.93
N GLU A 78 -1.91 -3.20 -12.19
CA GLU A 78 -0.84 -2.26 -11.68
C GLU A 78 -0.10 -2.87 -10.40
N PHE A 79 -0.72 -3.79 -9.63
CA PHE A 79 -0.11 -4.54 -8.48
C PHE A 79 1.07 -5.39 -9.01
N LEU A 80 0.84 -6.28 -10.00
CA LEU A 80 1.94 -7.07 -10.60
C LEU A 80 2.77 -6.25 -11.68
N ARG A 81 2.15 -5.77 -12.77
CA ARG A 81 2.79 -5.02 -13.90
C ARG A 81 3.13 -3.49 -13.79
N ILE A 82 2.48 -2.66 -12.94
CA ILE A 82 2.64 -1.14 -12.82
C ILE A 82 2.48 -0.30 -14.16
#